data_9IFF
#
_entry.id   9IFF
#
_cell.length_a   102.616
_cell.length_b   64.002
_cell.length_c   170.840
_cell.angle_alpha   90.000
_cell.angle_beta   97.553
_cell.angle_gamma   90.000
#
_symmetry.space_group_name_H-M   'P 1 21 1'
#
loop_
_entity.id
_entity.type
_entity.pdbx_description
1 polymer 'Trypanothione reductase'
2 non-polymer 'FLAVIN-ADENINE DINUCLEOTIDE'
3 non-polymer IMIDAZOLE
4 non-polymer DI(HYDROXYETHYL)ETHER
5 non-polymer 'BROMIDE ION'
6 non-polymer 2-(4-methylphenoxy)-1-(4-methylpiperazin-4-ium-1-yl)ethanone
7 water water
#
_entity_poly.entity_id   1
_entity_poly.type   'polypeptide(L)'
_entity_poly.pdbx_seq_one_letter_code
;GSHMSKAFDLVVIGAGSGGLEAGWNAATLYGKRVAVVDVQTSHGPPFYAALGGTCVNVGCVPKKLMVTGAQYMDHLRESA
GFGWEFDGSSVKANWKKLIAAKNEAVLDINKSYEGMFNDTEGLDFFLGWGSLESKNVVVVRETADPKSAVKERLQADHIL
LATGSWPQMPAIPGIEHCISSNEAFYLPEPPRRVLTVGGGFISVEFAGIFNAYKPPGGKVTLCYRNNLILRGFDETIREE
VTKQLTANGIEIMTNENPAKVSLNTDGSKHVTFESGKTLDVDVVMMAIGRIPRTNDLQLGNVGVKLTPKGGVQVDEFSRT
NVPNIYAIGDITDRLMLTPVAINEGAALVDTVFGNKPRKTDHTRVASAVFSIPPIGTCGLIEEVAAKEFEKVAVYMSSFT
PLMHNISGSKYKKFVAKIVTNHSDGTVLGVHLLGDGAPEIIQAVGVCLRLNAKISDFYNTIGVHPTSAEELCSMRTPSYY
YVKGEKMEKLPDSNL
;
_entity_poly.pdbx_strand_id   A,B,C,D
#
loop_
_chem_comp.id
_chem_comp.type
_chem_comp.name
_chem_comp.formula
BR non-polymer 'BROMIDE ION' 'Br -1'
FAD non-polymer 'FLAVIN-ADENINE DINUCLEOTIDE' 'C27 H33 N9 O15 P2'
IMD non-polymer IMIDAZOLE 'C3 H5 N2 1'
LPZ non-polymer 2-(4-methylphenoxy)-1-(4-methylpiperazin-4-ium-1-yl)ethanone 'C14 H21 N2 O2 1'
PEG non-polymer DI(HYDROXYETHYL)ETHER 'C4 H10 O3'
#
# COMPACT_ATOMS: atom_id res chain seq x y z
N HIS A 3 -15.43 45.59 1.03
CA HIS A 3 -16.13 44.65 1.93
C HIS A 3 -15.25 44.43 3.17
N MET A 4 -15.84 44.52 4.36
CA MET A 4 -15.09 44.46 5.61
C MET A 4 -15.21 43.08 6.27
N SER A 5 -14.16 42.69 6.98
CA SER A 5 -14.27 41.51 7.81
C SER A 5 -15.19 41.77 8.99
N LYS A 6 -15.73 40.69 9.54
CA LYS A 6 -16.66 40.72 10.66
C LYS A 6 -15.97 40.16 11.90
N ALA A 7 -16.33 40.70 13.06
CA ALA A 7 -15.66 40.37 14.32
C ALA A 7 -16.61 39.64 15.26
N PHE A 8 -16.09 38.68 16.02
CA PHE A 8 -16.92 37.84 16.89
C PHE A 8 -16.18 37.48 18.17
N ASP A 9 -16.96 37.22 19.23
CA ASP A 9 -16.39 36.61 20.44
C ASP A 9 -15.88 35.21 20.18
N LEU A 10 -16.64 34.42 19.41
CA LEU A 10 -16.36 33.01 19.18
C LEU A 10 -16.65 32.66 17.73
N VAL A 11 -15.71 31.97 17.08
CA VAL A 11 -15.93 31.42 15.75
C VAL A 11 -15.84 29.90 15.87
N VAL A 12 -16.87 29.20 15.38
CA VAL A 12 -16.97 27.75 15.41
C VAL A 12 -16.82 27.25 13.98
N ILE A 13 -15.85 26.37 13.75
CA ILE A 13 -15.67 25.76 12.44
C ILE A 13 -16.32 24.39 12.49
N GLY A 14 -17.47 24.27 11.81
CA GLY A 14 -18.25 23.04 11.75
C GLY A 14 -19.54 23.17 12.54
N ALA A 15 -20.67 23.21 11.84
CA ALA A 15 -21.98 23.36 12.46
C ALA A 15 -22.63 21.99 12.71
N GLY A 16 -21.93 21.18 13.52
CA GLY A 16 -22.36 19.84 13.82
C GLY A 16 -22.82 19.68 15.25
N SER A 17 -22.83 18.42 15.71
CA SER A 17 -23.36 18.11 17.05
C SER A 17 -22.73 18.99 18.12
N GLY A 18 -21.40 18.98 18.23
CA GLY A 18 -20.72 19.76 19.26
C GLY A 18 -20.71 21.24 18.96
N GLY A 19 -20.47 21.60 17.70
CA GLY A 19 -20.32 23.00 17.34
C GLY A 19 -21.60 23.81 17.47
N LEU A 20 -22.75 23.22 17.11
CA LEU A 20 -24.02 23.93 17.25
C LEU A 20 -24.38 24.12 18.72
N GLU A 21 -24.09 23.12 19.56
CA GLU A 21 -24.36 23.24 20.99
C GLU A 21 -23.57 24.39 21.61
N ALA A 22 -22.24 24.41 21.38
CA ALA A 22 -21.42 25.53 21.86
C ALA A 22 -21.94 26.86 21.35
N GLY A 23 -22.24 26.94 20.05
CA GLY A 23 -22.63 28.21 19.47
C GLY A 23 -23.94 28.75 20.01
N TRP A 24 -25.00 27.92 19.95
CA TRP A 24 -26.29 28.30 20.54
C TRP A 24 -26.13 28.74 21.99
N ASN A 25 -25.39 27.97 22.78
CA ASN A 25 -25.29 28.27 24.21
C ASN A 25 -24.56 29.59 24.46
N ALA A 26 -23.43 29.81 23.77
CA ALA A 26 -22.69 31.06 23.96
C ALA A 26 -23.54 32.27 23.64
N ALA A 27 -24.35 32.19 22.57
CA ALA A 27 -25.14 33.34 22.17
C ALA A 27 -26.38 33.54 23.05
N THR A 28 -27.14 32.48 23.32
CA THR A 28 -28.42 32.66 23.99
C THR A 28 -28.32 32.64 25.51
N LEU A 29 -27.32 31.94 26.07
CA LEU A 29 -27.13 31.94 27.51
C LEU A 29 -26.24 33.07 28.01
N TYR A 30 -25.16 33.40 27.27
CA TYR A 30 -24.19 34.36 27.78
C TYR A 30 -24.09 35.63 26.93
N GLY A 31 -24.96 35.80 25.93
CA GLY A 31 -25.00 37.00 25.13
C GLY A 31 -23.80 37.26 24.26
N LYS A 32 -23.04 36.23 23.88
CA LYS A 32 -21.86 36.46 23.05
C LYS A 32 -22.23 36.47 21.57
N ARG A 33 -21.33 37.05 20.78
CA ARG A 33 -21.47 37.16 19.34
C ARG A 33 -20.74 36.01 18.71
N VAL A 34 -21.46 35.13 18.01
CA VAL A 34 -20.95 33.84 17.56
C VAL A 34 -21.08 33.78 16.04
N ALA A 35 -20.07 33.18 15.39
CA ALA A 35 -20.12 32.81 13.98
C ALA A 35 -19.90 31.30 13.84
N VAL A 36 -20.66 30.66 12.96
CA VAL A 36 -20.51 29.22 12.72
C VAL A 36 -20.36 28.98 11.22
N VAL A 37 -19.39 28.15 10.84
CA VAL A 37 -19.03 27.88 9.46
C VAL A 37 -19.37 26.43 9.13
N ASP A 38 -19.99 26.20 7.97
CA ASP A 38 -20.10 24.84 7.44
C ASP A 38 -20.16 24.91 5.92
N VAL A 39 -19.91 23.76 5.28
CA VAL A 39 -19.66 23.67 3.85
C VAL A 39 -20.90 23.53 2.99
N GLN A 40 -22.06 23.28 3.59
CA GLN A 40 -23.24 22.90 2.83
C GLN A 40 -24.45 23.13 3.72
N THR A 41 -25.56 23.58 3.12
CA THR A 41 -26.72 23.94 3.92
C THR A 41 -27.72 22.80 4.13
N SER A 42 -27.66 21.73 3.31
CA SER A 42 -28.51 20.58 3.51
C SER A 42 -27.76 19.32 3.06
N HIS A 43 -28.34 18.16 3.37
CA HIS A 43 -27.65 16.88 3.34
C HIS A 43 -27.32 16.46 1.92
N GLY A 44 -26.33 15.58 1.81
CA GLY A 44 -26.11 14.81 0.59
C GLY A 44 -24.90 15.24 -0.22
N PRO A 45 -24.72 14.59 -1.37
CA PRO A 45 -23.60 14.95 -2.22
C PRO A 45 -23.64 16.43 -2.58
N PRO A 46 -22.48 17.04 -2.83
CA PRO A 46 -21.15 16.42 -2.89
C PRO A 46 -20.48 16.21 -1.53
N PHE A 47 -20.85 16.92 -0.47
CA PHE A 47 -20.05 16.93 0.75
C PHE A 47 -20.65 16.11 1.87
N TYR A 48 -21.87 15.59 1.69
CA TYR A 48 -22.58 14.62 2.52
C TYR A 48 -22.98 15.21 3.87
N ALA A 49 -22.02 15.47 4.76
CA ALA A 49 -22.31 16.22 5.97
C ALA A 49 -22.57 17.68 5.61
N ALA A 50 -23.32 18.36 6.47
CA ALA A 50 -23.76 19.73 6.22
C ALA A 50 -24.17 20.37 7.55
N LEU A 51 -24.77 21.55 7.46
CA LEU A 51 -25.48 22.18 8.58
C LEU A 51 -26.25 21.15 9.39
N GLY A 52 -25.89 21.00 10.66
CA GLY A 52 -26.45 19.99 11.54
C GLY A 52 -25.44 18.95 11.96
N GLY A 53 -24.52 18.61 11.07
CA GLY A 53 -23.41 17.72 11.36
C GLY A 53 -23.59 16.34 10.77
N THR A 54 -22.66 15.45 11.15
CA THR A 54 -22.65 14.11 10.59
C THR A 54 -23.84 13.29 11.09
N CYS A 55 -24.20 13.43 12.37
CA CYS A 55 -25.32 12.67 12.93
C CYS A 55 -26.62 12.98 12.19
N VAL A 56 -26.96 14.27 12.09
CA VAL A 56 -28.19 14.72 11.46
C VAL A 56 -28.24 14.29 9.99
N ASN A 57 -27.13 14.45 9.26
CA ASN A 57 -27.19 14.32 7.81
C ASN A 57 -26.90 12.91 7.30
N VAL A 58 -25.82 12.27 7.76
CA VAL A 58 -25.42 10.96 7.24
C VAL A 58 -24.92 10.10 8.39
N GLY A 59 -25.70 10.04 9.48
CA GLY A 59 -25.28 9.41 10.72
C GLY A 59 -26.45 8.87 11.55
N CYS A 60 -26.45 9.18 12.85
CA CYS A 60 -27.39 8.57 13.79
C CYS A 60 -28.84 8.72 13.34
N VAL A 61 -29.23 9.91 12.89
CA VAL A 61 -30.64 10.16 12.62
C VAL A 61 -31.11 9.36 11.40
N PRO A 62 -30.51 9.50 10.21
CA PRO A 62 -30.97 8.66 9.10
C PRO A 62 -30.76 7.17 9.29
N LYS A 63 -29.67 6.75 9.95
CA LYS A 63 -29.46 5.31 10.08
C LYS A 63 -30.50 4.67 11.01
N LYS A 64 -30.94 5.40 12.03
CA LYS A 64 -31.93 4.86 12.95
C LYS A 64 -33.28 4.70 12.26
N LEU A 65 -33.62 5.61 11.35
CA LEU A 65 -34.85 5.48 10.57
C LEU A 65 -34.78 4.26 9.65
N MET A 66 -33.61 4.03 9.08
CA MET A 66 -33.40 2.92 8.17
C MET A 66 -33.38 1.58 8.90
N VAL A 67 -32.75 1.52 10.09
CA VAL A 67 -32.82 0.31 10.92
C VAL A 67 -34.25 0.03 11.35
N THR A 68 -35.03 1.09 11.63
CA THR A 68 -36.43 0.90 11.98
C THR A 68 -37.20 0.28 10.83
N GLY A 69 -36.95 0.75 9.60
CA GLY A 69 -37.56 0.13 8.44
C GLY A 69 -37.16 -1.31 8.25
N ALA A 70 -35.89 -1.63 8.50
CA ALA A 70 -35.43 -3.00 8.35
C ALA A 70 -36.05 -3.94 9.37
N GLN A 71 -36.36 -3.42 10.58
CA GLN A 71 -36.97 -4.23 11.64
C GLN A 71 -38.31 -4.83 11.21
N TYR A 72 -39.01 -4.22 10.23
CA TYR A 72 -40.31 -4.71 9.79
C TYR A 72 -40.21 -6.05 9.09
N MET A 73 -39.08 -6.37 8.46
CA MET A 73 -38.90 -7.74 7.99
C MET A 73 -39.09 -8.74 9.11
N ASP A 74 -38.52 -8.46 10.29
CA ASP A 74 -38.72 -9.36 11.41
C ASP A 74 -40.16 -9.29 11.90
N HIS A 75 -40.75 -8.10 11.93
CA HIS A 75 -42.10 -7.94 12.47
C HIS A 75 -43.12 -8.73 11.65
N LEU A 76 -43.09 -8.57 10.31
CA LEU A 76 -44.02 -9.29 9.44
C LEU A 76 -43.94 -10.80 9.63
N ARG A 77 -42.74 -11.35 9.74
CA ARG A 77 -42.59 -12.79 9.91
C ARG A 77 -43.05 -13.23 11.30
N GLU A 78 -42.62 -12.51 12.35
CA GLU A 78 -42.92 -12.89 13.72
C GLU A 78 -44.40 -12.75 14.04
N SER A 79 -45.14 -11.94 13.28
CA SER A 79 -46.56 -11.73 13.55
C SER A 79 -47.39 -12.99 13.36
N ALA A 80 -46.91 -13.95 12.56
CA ALA A 80 -47.71 -15.13 12.28
C ALA A 80 -47.90 -16.00 13.52
N GLY A 81 -46.86 -16.07 14.37
CA GLY A 81 -46.97 -16.78 15.64
C GLY A 81 -48.09 -16.29 16.52
N PHE A 82 -48.50 -15.03 16.36
CA PHE A 82 -49.56 -14.46 17.16
C PHE A 82 -50.88 -14.45 16.41
N GLY A 83 -50.95 -15.16 15.29
CA GLY A 83 -52.20 -15.35 14.60
C GLY A 83 -52.37 -14.50 13.37
N TRP A 84 -51.41 -13.67 13.03
CA TRP A 84 -51.59 -12.79 11.88
C TRP A 84 -51.36 -13.56 10.58
N GLU A 85 -52.26 -13.36 9.62
CA GLU A 85 -52.22 -14.01 8.34
C GLU A 85 -52.30 -12.94 7.28
N PHE A 86 -51.57 -13.14 6.18
CA PHE A 86 -51.62 -12.29 5.00
C PHE A 86 -50.85 -13.00 3.91
N ASP A 87 -50.96 -12.48 2.70
CA ASP A 87 -50.37 -13.09 1.51
C ASP A 87 -48.86 -12.87 1.53
N GLY A 88 -48.11 -13.85 2.03
CA GLY A 88 -46.66 -13.70 2.12
C GLY A 88 -45.99 -13.41 0.79
N SER A 89 -46.57 -13.91 -0.30
CA SER A 89 -45.94 -13.77 -1.61
C SER A 89 -46.02 -12.35 -2.15
N SER A 90 -46.93 -11.53 -1.61
CA SER A 90 -47.09 -10.14 -2.05
C SER A 90 -46.12 -9.17 -1.38
N VAL A 91 -45.26 -9.64 -0.47
CA VAL A 91 -44.48 -8.75 0.38
C VAL A 91 -43.27 -8.22 -0.38
N LYS A 92 -43.06 -6.90 -0.31
CA LYS A 92 -41.95 -6.27 -1.01
C LYS A 92 -41.42 -5.12 -0.16
N ALA A 93 -40.10 -4.97 -0.15
CA ALA A 93 -39.46 -3.88 0.58
C ALA A 93 -39.01 -2.83 -0.44
N ASN A 94 -39.70 -1.69 -0.45
CA ASN A 94 -39.43 -0.65 -1.44
C ASN A 94 -38.37 0.30 -0.88
N TRP A 95 -37.12 0.08 -1.30
CA TRP A 95 -35.99 0.88 -0.82
C TRP A 95 -36.10 2.35 -1.23
N LYS A 96 -36.61 2.64 -2.43
CA LYS A 96 -36.73 4.02 -2.87
C LYS A 96 -37.68 4.82 -1.98
N LYS A 97 -38.79 4.20 -1.56
CA LYS A 97 -39.67 4.87 -0.60
C LYS A 97 -38.95 5.15 0.71
N LEU A 98 -38.16 4.19 1.20
CA LEU A 98 -37.45 4.41 2.46
C LEU A 98 -36.48 5.58 2.35
N ILE A 99 -35.71 5.63 1.27
CA ILE A 99 -34.71 6.68 1.09
C ILE A 99 -35.39 8.02 0.90
N ALA A 100 -36.50 8.06 0.14
CA ALA A 100 -37.23 9.31 -0.05
C ALA A 100 -37.83 9.83 1.26
N ALA A 101 -38.35 8.94 2.09
CA ALA A 101 -38.88 9.38 3.38
C ALA A 101 -37.77 9.90 4.29
N LYS A 102 -36.63 9.20 4.33
CA LYS A 102 -35.47 9.62 5.12
C LYS A 102 -34.96 11.00 4.67
N ASN A 103 -34.89 11.21 3.36
CA ASN A 103 -34.35 12.47 2.83
C ASN A 103 -35.21 13.65 3.26
N GLU A 104 -36.54 13.48 3.21
CA GLU A 104 -37.46 14.54 3.61
C GLU A 104 -37.34 14.85 5.10
N ALA A 105 -37.23 13.82 5.94
CA ALA A 105 -37.02 14.03 7.36
C ALA A 105 -35.74 14.84 7.62
N VAL A 106 -34.63 14.45 6.97
CA VAL A 106 -33.35 15.13 7.21
C VAL A 106 -33.42 16.58 6.73
N LEU A 107 -33.97 16.79 5.53
CA LEU A 107 -34.08 18.15 4.99
C LEU A 107 -34.92 19.05 5.89
N ASP A 108 -35.97 18.52 6.55
CA ASP A 108 -36.72 19.30 7.52
C ASP A 108 -35.83 19.79 8.66
N ILE A 109 -34.94 18.93 9.17
CA ILE A 109 -34.00 19.36 10.21
C ILE A 109 -33.05 20.42 9.66
N ASN A 110 -32.50 20.19 8.46
CA ASN A 110 -31.66 21.20 7.80
C ASN A 110 -32.34 22.56 7.78
N LYS A 111 -33.61 22.59 7.35
CA LYS A 111 -34.33 23.86 7.22
C LYS A 111 -34.57 24.52 8.56
N SER A 112 -34.85 23.73 9.60
CA SER A 112 -35.08 24.34 10.90
C SER A 112 -33.81 24.96 11.47
N TYR A 113 -32.65 24.31 11.26
CA TYR A 113 -31.38 24.91 11.67
C TYR A 113 -31.11 26.19 10.90
N GLU A 114 -31.36 26.16 9.59
CA GLU A 114 -31.23 27.36 8.77
C GLU A 114 -32.08 28.50 9.34
N GLY A 115 -33.30 28.20 9.77
CA GLY A 115 -34.16 29.25 10.31
C GLY A 115 -33.69 29.78 11.64
N MET A 116 -33.11 28.91 12.46
CA MET A 116 -32.54 29.34 13.74
C MET A 116 -31.46 30.42 13.53
N PHE A 117 -30.59 30.24 12.53
CA PHE A 117 -29.53 31.21 12.24
C PHE A 117 -30.11 32.49 11.65
N ASN A 118 -31.10 32.39 10.77
CA ASN A 118 -31.74 33.59 10.23
C ASN A 118 -32.33 34.44 11.36
N ASP A 119 -32.79 33.80 12.44
CA ASP A 119 -33.59 34.45 13.46
C ASP A 119 -32.84 34.93 14.69
N THR A 120 -31.75 34.27 15.09
CA THR A 120 -31.23 34.38 16.46
C THR A 120 -30.17 35.47 16.58
N GLU A 121 -30.37 36.36 17.55
CA GLU A 121 -29.44 37.46 17.76
C GLU A 121 -28.07 36.94 18.15
N GLY A 122 -27.03 37.40 17.45
CA GLY A 122 -25.68 37.05 17.83
C GLY A 122 -25.25 35.64 17.49
N LEU A 123 -25.96 34.96 16.58
CA LEU A 123 -25.63 33.61 16.14
C LEU A 123 -25.78 33.61 14.62
N ASP A 124 -24.65 33.73 13.91
CA ASP A 124 -24.62 33.92 12.46
C ASP A 124 -24.00 32.70 11.79
N PHE A 125 -24.53 32.33 10.63
CA PHE A 125 -23.99 31.21 9.85
C PHE A 125 -23.29 31.71 8.60
N PHE A 126 -22.12 31.11 8.30
CA PHE A 126 -21.36 31.38 7.09
C PHE A 126 -21.13 30.10 6.30
N LEU A 127 -21.37 30.19 5.00
CA LEU A 127 -21.21 29.05 4.09
C LEU A 127 -19.81 29.03 3.48
N GLY A 128 -19.06 27.96 3.74
CA GLY A 128 -17.80 27.76 3.04
C GLY A 128 -16.88 26.87 3.87
N TRP A 129 -15.61 26.86 3.48
CA TRP A 129 -14.58 26.04 4.13
C TRP A 129 -13.75 26.92 5.08
N GLY A 130 -13.78 26.59 6.37
CA GLY A 130 -13.10 27.39 7.38
C GLY A 130 -11.69 26.86 7.59
N SER A 131 -10.74 27.78 7.78
CA SER A 131 -9.38 27.41 8.16
C SER A 131 -8.77 28.52 9.01
N LEU A 132 -7.66 28.19 9.66
CA LEU A 132 -6.96 29.08 10.59
C LEU A 132 -5.87 29.86 9.87
N GLU A 133 -6.03 31.18 9.77
CA GLU A 133 -4.98 32.02 9.20
C GLU A 133 -4.01 32.48 10.27
N SER A 134 -4.52 33.04 11.36
CA SER A 134 -3.72 33.42 12.51
C SER A 134 -4.52 33.15 13.77
N LYS A 135 -3.89 33.41 14.92
CA LYS A 135 -4.48 33.10 16.22
C LYS A 135 -5.90 33.67 16.37
N ASN A 136 -6.21 34.79 15.72
CA ASN A 136 -7.52 35.41 15.90
C ASN A 136 -8.24 35.67 14.58
N VAL A 137 -7.91 34.94 13.51
CA VAL A 137 -8.59 35.17 12.22
C VAL A 137 -8.89 33.82 11.58
N VAL A 138 -10.19 33.54 11.39
CA VAL A 138 -10.63 32.38 10.62
C VAL A 138 -10.97 32.87 9.22
N VAL A 139 -10.47 32.17 8.21
CA VAL A 139 -10.73 32.49 6.81
C VAL A 139 -11.75 31.48 6.27
N VAL A 140 -12.70 31.97 5.50
CA VAL A 140 -13.71 31.12 4.87
C VAL A 140 -13.50 31.19 3.37
N ARG A 141 -13.23 30.04 2.75
CA ARG A 141 -12.91 29.96 1.32
C ARG A 141 -13.99 29.16 0.60
N GLU A 142 -13.96 29.25 -0.75
CA GLU A 142 -14.97 28.56 -1.56
C GLU A 142 -14.78 27.05 -1.57
N THR A 143 -13.54 26.53 -1.41
CA THR A 143 -13.32 25.08 -1.36
C THR A 143 -12.29 24.74 -0.30
N ALA A 144 -12.06 23.43 -0.12
CA ALA A 144 -11.02 22.96 0.79
C ALA A 144 -9.61 23.32 0.34
N ASP A 145 -9.43 23.69 -0.91
CA ASP A 145 -8.12 24.09 -1.43
C ASP A 145 -7.76 25.45 -0.86
N PRO A 146 -6.64 25.58 -0.14
CA PRO A 146 -6.32 26.89 0.46
C PRO A 146 -5.94 27.95 -0.55
N LYS A 147 -5.88 27.62 -1.84
CA LYS A 147 -5.72 28.63 -2.87
C LYS A 147 -7.06 29.11 -3.45
N SER A 148 -8.18 28.50 -3.06
CA SER A 148 -9.47 28.95 -3.55
C SER A 148 -9.79 30.33 -2.97
N ALA A 149 -10.86 30.93 -3.48
CA ALA A 149 -11.18 32.33 -3.22
C ALA A 149 -11.72 32.54 -1.81
N VAL A 150 -11.41 33.72 -1.25
CA VAL A 150 -11.82 34.08 0.11
C VAL A 150 -13.22 34.69 0.07
N LYS A 151 -14.15 34.09 0.81
CA LYS A 151 -15.49 34.65 0.93
C LYS A 151 -15.61 35.59 2.14
N GLU A 152 -15.00 35.23 3.27
CA GLU A 152 -15.04 36.06 4.48
C GLU A 152 -13.75 35.87 5.25
N ARG A 153 -13.39 36.90 6.02
CA ARG A 153 -12.46 36.75 7.12
C ARG A 153 -13.20 37.06 8.40
N LEU A 154 -13.14 36.14 9.36
CA LEU A 154 -13.88 36.23 10.61
C LEU A 154 -12.90 36.43 11.76
N GLN A 155 -12.89 37.63 12.36
CA GLN A 155 -12.07 37.89 13.55
C GLN A 155 -12.70 37.26 14.77
N ALA A 156 -11.87 36.74 15.67
CA ALA A 156 -12.36 35.87 16.74
C ALA A 156 -11.46 35.95 17.96
N ASP A 157 -12.04 36.34 19.11
CA ASP A 157 -11.30 36.21 20.36
C ASP A 157 -11.08 34.75 20.74
N HIS A 158 -12.07 33.88 20.46
CA HIS A 158 -11.98 32.46 20.75
C HIS A 158 -12.37 31.67 19.51
N ILE A 159 -11.67 30.57 19.24
CA ILE A 159 -11.92 29.74 18.06
C ILE A 159 -12.14 28.29 18.49
N LEU A 160 -13.24 27.70 18.03
CA LEU A 160 -13.56 26.31 18.32
C LEU A 160 -13.45 25.45 17.05
N LEU A 161 -12.59 24.44 17.10
CA LEU A 161 -12.46 23.45 16.02
C LEU A 161 -13.45 22.30 16.28
N ALA A 162 -14.45 22.14 15.41
CA ALA A 162 -15.46 21.08 15.57
C ALA A 162 -15.86 20.50 14.22
N THR A 163 -14.88 20.05 13.46
CA THR A 163 -15.09 19.61 12.09
C THR A 163 -15.39 18.12 11.95
N GLY A 164 -15.41 17.35 13.05
CA GLY A 164 -15.80 15.94 13.04
C GLY A 164 -14.76 15.01 12.43
N SER A 165 -15.25 13.93 11.81
CA SER A 165 -14.41 12.89 11.22
C SER A 165 -14.93 12.53 9.81
N TRP A 166 -14.31 11.52 9.20
CA TRP A 166 -14.51 11.14 7.79
C TRP A 166 -14.14 9.67 7.63
N PRO A 167 -14.76 8.96 6.68
CA PRO A 167 -14.46 7.53 6.56
C PRO A 167 -13.05 7.29 6.01
N GLN A 168 -12.42 6.24 6.53
CA GLN A 168 -11.08 5.85 6.14
C GLN A 168 -11.19 4.79 5.04
N MET A 169 -10.40 4.93 3.99
CA MET A 169 -10.45 4.00 2.88
C MET A 169 -9.09 3.32 2.72
N PRO A 170 -9.04 1.98 2.72
CA PRO A 170 -7.73 1.31 2.64
C PRO A 170 -7.13 1.46 1.25
N ALA A 171 -5.80 1.41 1.19
CA ALA A 171 -5.09 1.62 -0.07
C ALA A 171 -4.85 0.28 -0.75
N ILE A 172 -5.90 -0.23 -1.38
CA ILE A 172 -5.86 -1.50 -2.11
C ILE A 172 -6.13 -1.20 -3.58
N PRO A 173 -5.62 -1.99 -4.50
CA PRO A 173 -6.04 -1.84 -5.91
C PRO A 173 -7.54 -2.03 -6.07
N GLY A 174 -8.15 -1.12 -6.81
CA GLY A 174 -9.59 -1.18 -6.99
C GLY A 174 -10.40 -0.48 -5.91
N ILE A 175 -9.76 0.33 -5.05
CA ILE A 175 -10.47 1.03 -4.00
C ILE A 175 -11.52 1.97 -4.60
N GLU A 176 -11.30 2.43 -5.83
CA GLU A 176 -12.24 3.32 -6.48
C GLU A 176 -13.56 2.63 -6.84
N HIS A 177 -13.60 1.30 -6.80
CA HIS A 177 -14.85 0.58 -7.05
C HIS A 177 -15.71 0.43 -5.79
N CYS A 178 -15.26 0.94 -4.64
CA CYS A 178 -15.93 0.79 -3.36
C CYS A 178 -16.54 2.13 -2.92
N ILE A 179 -17.43 2.05 -1.91
CA ILE A 179 -18.08 3.21 -1.33
C ILE A 179 -17.89 3.19 0.19
N SER A 180 -18.38 4.23 0.85
CA SER A 180 -18.42 4.32 2.31
C SER A 180 -19.88 4.45 2.71
N SER A 181 -20.13 4.61 4.02
CA SER A 181 -21.51 4.84 4.47
C SER A 181 -22.12 6.10 3.88
N ASN A 182 -21.29 7.10 3.49
CA ASN A 182 -21.81 8.34 2.91
C ASN A 182 -22.65 8.03 1.67
N GLU A 183 -22.12 7.21 0.77
CA GLU A 183 -22.80 6.88 -0.47
C GLU A 183 -23.92 5.87 -0.23
N ALA A 184 -23.78 5.02 0.79
CA ALA A 184 -24.80 4.01 1.04
C ALA A 184 -26.16 4.65 1.33
N PHE A 185 -26.18 5.85 1.93
CA PHE A 185 -27.40 6.56 2.24
C PHE A 185 -28.11 7.04 0.99
N TYR A 186 -27.48 6.95 -0.18
CA TYR A 186 -28.05 7.48 -1.42
C TYR A 186 -28.10 6.46 -2.56
N LEU A 187 -27.81 5.19 -2.30
CA LEU A 187 -27.86 4.19 -3.36
C LEU A 187 -29.22 4.23 -4.07
N PRO A 188 -29.26 4.39 -5.41
CA PRO A 188 -30.56 4.44 -6.09
C PRO A 188 -31.39 3.17 -5.91
N GLU A 189 -30.76 2.01 -5.89
CA GLU A 189 -31.49 0.77 -5.68
C GLU A 189 -30.81 -0.03 -4.59
N PRO A 190 -31.53 -0.90 -3.89
CA PRO A 190 -30.89 -1.72 -2.88
C PRO A 190 -30.07 -2.82 -3.53
N PRO A 191 -28.85 -3.05 -3.07
CA PRO A 191 -27.98 -4.04 -3.73
C PRO A 191 -28.49 -5.45 -3.56
N ARG A 192 -28.42 -6.22 -4.66
CA ARG A 192 -28.72 -7.65 -4.57
C ARG A 192 -27.68 -8.36 -3.71
N ARG A 193 -26.38 -8.15 -4.01
CA ARG A 193 -25.27 -8.72 -3.27
C ARG A 193 -24.38 -7.60 -2.75
N VAL A 194 -24.10 -7.59 -1.44
CA VAL A 194 -23.30 -6.54 -0.82
C VAL A 194 -22.32 -7.13 0.19
N LEU A 195 -21.08 -6.65 0.15
CA LEU A 195 -20.06 -6.94 1.14
C LEU A 195 -19.85 -5.67 1.96
N THR A 196 -20.07 -5.74 3.29
CA THR A 196 -19.66 -4.67 4.19
C THR A 196 -18.40 -5.09 4.91
N VAL A 197 -17.37 -4.23 4.84
CA VAL A 197 -16.02 -4.51 5.32
C VAL A 197 -15.84 -3.77 6.64
N GLY A 198 -15.68 -4.52 7.72
CA GLY A 198 -15.46 -3.95 9.04
C GLY A 198 -16.19 -4.76 10.09
N GLY A 199 -15.61 -4.81 11.29
CA GLY A 199 -16.25 -5.40 12.45
C GLY A 199 -16.94 -4.42 13.40
N GLY A 200 -16.93 -3.12 13.10
CA GLY A 200 -17.50 -2.11 13.98
C GLY A 200 -18.99 -1.90 13.77
N PHE A 201 -19.54 -0.93 14.51
CA PHE A 201 -21.00 -0.79 14.56
C PHE A 201 -21.58 -0.31 13.25
N ILE A 202 -20.81 0.42 12.43
CA ILE A 202 -21.37 0.92 11.17
C ILE A 202 -21.52 -0.21 10.16
N SER A 203 -20.52 -1.08 10.05
CA SER A 203 -20.62 -2.27 9.20
C SER A 203 -21.76 -3.18 9.65
N VAL A 204 -21.92 -3.36 10.97
CA VAL A 204 -22.94 -4.26 11.50
C VAL A 204 -24.33 -3.68 11.28
N GLU A 205 -24.50 -2.37 11.54
CA GLU A 205 -25.81 -1.76 11.37
C GLU A 205 -26.24 -1.76 9.91
N PHE A 206 -25.32 -1.45 8.99
CA PHE A 206 -25.67 -1.42 7.57
C PHE A 206 -25.93 -2.81 7.01
N ALA A 207 -25.22 -3.83 7.53
CA ALA A 207 -25.52 -5.21 7.16
C ALA A 207 -26.97 -5.56 7.47
N GLY A 208 -27.45 -5.15 8.65
CA GLY A 208 -28.85 -5.39 8.96
C GLY A 208 -29.80 -4.66 8.04
N ILE A 209 -29.45 -3.44 7.63
CA ILE A 209 -30.32 -2.65 6.77
C ILE A 209 -30.43 -3.27 5.37
N PHE A 210 -29.28 -3.57 4.76
CA PHE A 210 -29.26 -4.20 3.45
C PHE A 210 -29.95 -5.56 3.47
N ASN A 211 -29.84 -6.30 4.58
CA ASN A 211 -30.43 -7.63 4.65
C ASN A 211 -31.95 -7.60 4.53
N ALA A 212 -32.59 -6.56 5.05
CA ALA A 212 -34.05 -6.52 5.00
C ALA A 212 -34.58 -6.01 3.66
N TYR A 213 -33.84 -5.14 2.97
CA TYR A 213 -34.31 -4.52 1.74
C TYR A 213 -33.74 -5.18 0.49
N LYS A 214 -32.92 -6.22 0.62
CA LYS A 214 -32.32 -6.83 -0.56
C LYS A 214 -33.40 -7.43 -1.46
N PRO A 215 -33.22 -7.37 -2.77
CA PRO A 215 -34.19 -7.99 -3.69
C PRO A 215 -34.16 -9.50 -3.58
N PRO A 216 -35.13 -10.18 -4.22
CA PRO A 216 -35.32 -11.62 -3.97
C PRO A 216 -34.09 -12.51 -4.01
N GLY A 217 -33.18 -12.36 -4.97
CA GLY A 217 -32.12 -13.33 -4.91
C GLY A 217 -30.93 -13.02 -4.01
N GLY A 218 -31.07 -12.08 -3.09
CA GLY A 218 -29.92 -11.38 -2.55
C GLY A 218 -29.23 -12.03 -1.37
N LYS A 219 -28.07 -11.47 -1.04
CA LYS A 219 -27.20 -11.96 0.03
C LYS A 219 -26.34 -10.83 0.57
N VAL A 220 -26.29 -10.70 1.89
CA VAL A 220 -25.41 -9.74 2.57
C VAL A 220 -24.26 -10.54 3.19
N THR A 221 -23.04 -10.09 2.92
CA THR A 221 -21.84 -10.65 3.53
C THR A 221 -21.12 -9.54 4.28
N LEU A 222 -20.74 -9.83 5.52
CA LEU A 222 -19.89 -8.94 6.32
C LEU A 222 -18.56 -9.65 6.53
N CYS A 223 -17.45 -8.95 6.27
CA CYS A 223 -16.13 -9.51 6.50
C CYS A 223 -15.40 -8.67 7.53
N TYR A 224 -14.52 -9.31 8.30
CA TYR A 224 -13.72 -8.63 9.31
C TYR A 224 -12.37 -9.32 9.43
N ARG A 225 -11.31 -8.51 9.54
CA ARG A 225 -9.98 -9.08 9.39
C ARG A 225 -9.52 -9.86 10.62
N ASN A 226 -10.12 -9.63 11.78
CA ASN A 226 -9.76 -10.39 12.99
C ASN A 226 -10.81 -11.45 13.26
N ASN A 227 -10.72 -12.09 14.44
CA ASN A 227 -11.50 -13.30 14.69
C ASN A 227 -12.93 -13.03 15.17
N LEU A 228 -13.22 -11.89 15.79
CA LEU A 228 -14.54 -11.68 16.36
C LEU A 228 -14.94 -10.22 16.24
N ILE A 229 -16.14 -9.96 15.72
CA ILE A 229 -16.55 -8.59 15.43
C ILE A 229 -16.81 -7.82 16.72
N LEU A 230 -16.91 -6.50 16.58
CA LEU A 230 -17.36 -5.59 17.62
C LEU A 230 -16.38 -5.53 18.79
N ARG A 231 -15.09 -5.38 18.49
N ARG A 231 -15.09 -5.38 18.49
N ARG A 231 -15.09 -5.38 18.49
N ARG A 231 -15.09 -5.39 18.49
CA ARG A 231 -14.09 -5.22 19.54
CA ARG A 231 -14.09 -5.15 19.52
CA ARG A 231 -14.09 -5.22 19.54
CA ARG A 231 -14.09 -5.16 19.52
C ARG A 231 -14.43 -4.01 20.40
C ARG A 231 -14.50 -4.00 20.42
C ARG A 231 -14.43 -4.01 20.40
C ARG A 231 -14.51 -4.01 20.41
N GLY A 232 -14.23 -4.14 21.71
CA GLY A 232 -14.58 -3.14 22.69
C GLY A 232 -15.88 -3.41 23.42
N PHE A 233 -16.77 -4.19 22.83
CA PHE A 233 -18.03 -4.56 23.47
C PHE A 233 -17.86 -5.86 24.25
N ASP A 234 -18.86 -6.14 25.10
CA ASP A 234 -18.87 -7.34 25.93
C ASP A 234 -18.65 -8.59 25.07
N GLU A 235 -17.78 -9.49 25.53
CA GLU A 235 -17.43 -10.62 24.67
C GLU A 235 -18.61 -11.58 24.47
N THR A 236 -19.37 -11.86 25.54
CA THR A 236 -20.57 -12.68 25.38
C THR A 236 -21.50 -12.07 24.34
N ILE A 237 -21.63 -10.75 24.37
CA ILE A 237 -22.51 -10.08 23.41
C ILE A 237 -21.94 -10.12 22.01
N ARG A 238 -20.61 -9.97 21.88
CA ARG A 238 -19.97 -10.12 20.58
C ARG A 238 -20.27 -11.48 19.96
N GLU A 239 -20.17 -12.55 20.76
CA GLU A 239 -20.44 -13.90 20.24
C GLU A 239 -21.92 -14.09 19.91
N GLU A 240 -22.82 -13.60 20.77
CA GLU A 240 -24.25 -13.82 20.51
C GLU A 240 -24.73 -13.05 19.29
N VAL A 241 -24.28 -11.81 19.13
CA VAL A 241 -24.73 -11.01 17.99
C VAL A 241 -24.24 -11.62 16.67
N THR A 242 -23.05 -12.22 16.68
CA THR A 242 -22.60 -12.98 15.51
C THR A 242 -23.60 -14.08 15.17
N LYS A 243 -24.03 -14.85 16.18
CA LYS A 243 -24.99 -15.93 15.96
C LYS A 243 -26.30 -15.41 15.40
N GLN A 244 -26.80 -14.30 15.96
CA GLN A 244 -28.14 -13.89 15.60
C GLN A 244 -28.16 -13.18 14.24
N LEU A 245 -27.05 -12.54 13.88
CA LEU A 245 -26.92 -12.04 12.51
C LEU A 245 -26.88 -13.20 11.53
N THR A 246 -26.07 -14.23 11.84
CA THR A 246 -26.04 -15.43 11.00
C THR A 246 -27.44 -16.03 10.86
N ALA A 247 -28.20 -16.09 11.97
CA ALA A 247 -29.51 -16.72 11.95
C ALA A 247 -30.49 -15.96 11.09
N ASN A 248 -30.27 -14.67 10.85
CA ASN A 248 -31.14 -13.90 9.97
C ASN A 248 -30.62 -13.85 8.55
N GLY A 249 -29.65 -14.70 8.21
CA GLY A 249 -29.24 -14.86 6.85
C GLY A 249 -28.04 -14.04 6.41
N ILE A 250 -27.38 -13.34 7.32
CA ILE A 250 -26.16 -12.60 6.97
C ILE A 250 -24.97 -13.53 7.14
N GLU A 251 -24.09 -13.57 6.13
CA GLU A 251 -22.88 -14.39 6.18
C GLU A 251 -21.74 -13.56 6.77
N ILE A 252 -21.06 -14.10 7.79
CA ILE A 252 -20.00 -13.35 8.48
C ILE A 252 -18.66 -14.06 8.26
N MET A 253 -17.79 -13.45 7.45
CA MET A 253 -16.44 -13.92 7.18
C MET A 253 -15.46 -13.28 8.17
N THR A 254 -15.04 -14.02 9.18
CA THR A 254 -14.01 -13.51 10.07
C THR A 254 -12.64 -14.00 9.61
N ASN A 255 -11.60 -13.28 10.06
CA ASN A 255 -10.22 -13.55 9.65
C ASN A 255 -10.04 -13.40 8.14
N GLU A 256 -10.77 -12.45 7.54
CA GLU A 256 -10.73 -12.24 6.09
C GLU A 256 -10.69 -10.75 5.79
N ASN A 257 -9.99 -10.39 4.72
CA ASN A 257 -9.74 -8.97 4.42
C ASN A 257 -9.46 -8.78 2.93
N PRO A 258 -10.14 -7.84 2.28
CA PRO A 258 -9.97 -7.67 0.83
C PRO A 258 -8.55 -7.24 0.49
N ALA A 259 -7.98 -7.90 -0.51
CA ALA A 259 -6.69 -7.50 -1.09
C ALA A 259 -6.86 -6.63 -2.32
N LYS A 260 -7.90 -6.84 -3.10
CA LYS A 260 -8.07 -6.06 -4.31
C LYS A 260 -9.51 -6.24 -4.78
N VAL A 261 -9.95 -5.30 -5.61
CA VAL A 261 -11.28 -5.35 -6.21
C VAL A 261 -11.14 -5.01 -7.68
N SER A 262 -11.85 -5.75 -8.53
CA SER A 262 -11.84 -5.47 -9.95
C SER A 262 -13.26 -5.59 -10.47
N LEU A 263 -13.47 -5.15 -11.69
CA LEU A 263 -14.79 -5.19 -12.31
C LEU A 263 -14.90 -6.42 -13.20
N ASN A 264 -15.95 -7.20 -12.98
CA ASN A 264 -16.28 -8.25 -13.93
C ASN A 264 -16.77 -7.64 -15.23
N THR A 265 -16.88 -8.48 -16.27
CA THR A 265 -17.31 -7.98 -17.56
C THR A 265 -18.75 -7.47 -17.51
N ASP A 266 -19.56 -7.99 -16.59
CA ASP A 266 -20.91 -7.45 -16.43
C ASP A 266 -20.97 -6.23 -15.51
N GLY A 267 -19.83 -5.70 -15.04
CA GLY A 267 -19.86 -4.54 -14.17
C GLY A 267 -19.96 -4.80 -12.68
N SER A 268 -20.30 -6.03 -12.27
CA SER A 268 -20.27 -6.37 -10.85
C SER A 268 -18.82 -6.34 -10.31
N LYS A 269 -18.70 -6.35 -8.98
CA LYS A 269 -17.40 -6.24 -8.33
C LYS A 269 -16.87 -7.62 -7.99
N HIS A 270 -15.63 -7.88 -8.38
CA HIS A 270 -14.93 -9.13 -8.07
C HIS A 270 -13.92 -8.84 -6.97
N VAL A 271 -14.17 -9.38 -5.77
CA VAL A 271 -13.34 -9.14 -4.60
C VAL A 271 -12.42 -10.34 -4.40
N THR A 272 -11.12 -10.09 -4.29
CA THR A 272 -10.17 -11.12 -3.89
C THR A 272 -9.65 -10.79 -2.50
N PHE A 273 -9.75 -11.75 -1.59
CA PHE A 273 -9.26 -11.59 -0.23
C PHE A 273 -7.79 -12.01 -0.15
N GLU A 274 -7.13 -11.57 0.92
CA GLU A 274 -5.75 -11.99 1.15
C GLU A 274 -5.62 -13.50 1.17
N SER A 275 -6.63 -14.21 1.65
CA SER A 275 -6.58 -15.67 1.68
C SER A 275 -6.64 -16.29 0.29
N GLY A 276 -7.11 -15.55 -0.72
CA GLY A 276 -7.32 -16.11 -2.04
C GLY A 276 -8.76 -16.46 -2.34
N LYS A 277 -9.62 -16.53 -1.33
CA LYS A 277 -11.06 -16.58 -1.54
C LYS A 277 -11.49 -15.42 -2.41
N THR A 278 -12.58 -15.62 -3.16
CA THR A 278 -13.16 -14.58 -4.00
C THR A 278 -14.64 -14.48 -3.72
N LEU A 279 -15.19 -13.28 -3.91
CA LEU A 279 -16.61 -13.03 -3.77
C LEU A 279 -17.05 -12.00 -4.80
N ASP A 280 -18.17 -12.28 -5.48
CA ASP A 280 -18.78 -11.36 -6.44
C ASP A 280 -19.95 -10.65 -5.78
N VAL A 281 -19.92 -9.31 -5.76
CA VAL A 281 -20.99 -8.50 -5.19
C VAL A 281 -21.27 -7.30 -6.08
N ASP A 282 -22.39 -6.64 -5.81
CA ASP A 282 -22.76 -5.44 -6.55
C ASP A 282 -22.28 -4.15 -5.90
N VAL A 283 -21.99 -4.19 -4.59
CA VAL A 283 -21.55 -3.03 -3.82
C VAL A 283 -20.56 -3.53 -2.79
N VAL A 284 -19.43 -2.84 -2.65
CA VAL A 284 -18.49 -3.04 -1.56
C VAL A 284 -18.52 -1.77 -0.72
N MET A 285 -18.92 -1.89 0.56
CA MET A 285 -19.00 -0.73 1.46
C MET A 285 -17.90 -0.86 2.51
N MET A 286 -16.94 0.06 2.46
CA MET A 286 -15.87 0.13 3.47
C MET A 286 -16.36 0.84 4.72
N ALA A 287 -16.21 0.17 5.87
CA ALA A 287 -16.52 0.73 7.20
C ALA A 287 -15.44 0.28 8.17
N ILE A 288 -14.19 0.53 7.82
CA ILE A 288 -13.07 0.06 8.62
C ILE A 288 -12.58 1.09 9.63
N GLY A 289 -13.20 2.25 9.68
CA GLY A 289 -12.78 3.27 10.63
C GLY A 289 -13.12 4.67 10.15
N ARG A 290 -13.03 5.62 11.08
CA ARG A 290 -13.25 7.04 10.79
C ARG A 290 -12.12 7.86 11.41
N ILE A 291 -11.62 8.83 10.65
CA ILE A 291 -10.42 9.59 11.03
C ILE A 291 -10.75 11.07 11.21
N PRO A 292 -10.11 11.76 12.15
CA PRO A 292 -10.48 13.16 12.39
C PRO A 292 -10.13 14.06 11.21
N ARG A 293 -11.02 15.01 10.94
CA ARG A 293 -10.92 15.93 9.79
C ARG A 293 -10.08 17.15 10.14
N THR A 294 -8.75 17.00 10.04
CA THR A 294 -7.83 18.10 10.34
C THR A 294 -7.13 18.68 9.13
N ASN A 295 -7.01 17.94 8.02
CA ASN A 295 -6.15 18.38 6.92
C ASN A 295 -6.51 19.77 6.40
N ASP A 296 -7.80 20.07 6.31
CA ASP A 296 -8.19 21.31 5.62
C ASP A 296 -8.11 22.54 6.52
N LEU A 297 -7.87 22.38 7.82
CA LEU A 297 -7.86 23.50 8.75
C LEU A 297 -6.59 24.34 8.70
N GLN A 298 -5.55 23.89 8.00
CA GLN A 298 -4.26 24.59 7.92
C GLN A 298 -3.74 24.89 9.33
N LEU A 299 -3.73 23.86 10.18
CA LEU A 299 -3.34 24.08 11.58
C LEU A 299 -1.89 24.47 11.73
N GLY A 300 -1.05 24.19 10.72
CA GLY A 300 0.33 24.64 10.75
C GLY A 300 0.46 26.14 10.86
N ASN A 301 -0.53 26.87 10.35
CA ASN A 301 -0.44 28.33 10.38
C ASN A 301 -0.30 28.88 11.79
N VAL A 302 -0.89 28.20 12.78
CA VAL A 302 -0.85 28.69 14.15
C VAL A 302 -0.16 27.72 15.10
N GLY A 303 0.20 26.52 14.65
CA GLY A 303 0.93 25.60 15.49
C GLY A 303 0.09 24.74 16.43
N VAL A 304 -1.16 24.43 16.07
CA VAL A 304 -1.96 23.55 16.90
C VAL A 304 -1.42 22.13 16.82
N LYS A 305 -1.13 21.53 17.98
CA LYS A 305 -0.49 20.21 18.00
C LYS A 305 -1.50 19.09 17.80
N LEU A 306 -1.13 18.13 16.97
CA LEU A 306 -1.90 16.90 16.78
C LEU A 306 -1.25 15.77 17.55
N THR A 307 -2.07 14.76 17.91
CA THR A 307 -1.55 13.57 18.56
C THR A 307 -0.86 12.67 17.54
N PRO A 308 -0.02 11.72 18.00
CA PRO A 308 0.52 10.71 17.10
C PRO A 308 -0.57 10.12 16.22
N LYS A 309 -1.72 9.88 16.84
CA LYS A 309 -2.82 9.21 16.15
C LYS A 309 -3.47 10.09 15.09
N GLY A 310 -3.49 11.41 15.29
CA GLY A 310 -3.98 12.31 14.25
C GLY A 310 -5.07 13.29 14.66
N GLY A 311 -5.56 13.15 15.90
CA GLY A 311 -6.55 14.07 16.40
C GLY A 311 -5.92 15.31 17.02
N VAL A 312 -6.70 16.38 17.12
CA VAL A 312 -6.22 17.57 17.83
C VAL A 312 -6.01 17.22 19.29
N GLN A 313 -4.82 17.51 19.81
CA GLN A 313 -4.56 17.27 21.22
C GLN A 313 -5.28 18.32 22.08
N VAL A 314 -5.92 17.86 23.16
CA VAL A 314 -6.63 18.75 24.08
C VAL A 314 -6.36 18.31 25.52
N ASP A 315 -6.56 19.24 26.45
CA ASP A 315 -6.58 18.89 27.86
C ASP A 315 -8.02 18.59 28.27
N GLU A 316 -8.22 18.36 29.57
CA GLU A 316 -9.55 18.03 30.07
C GLU A 316 -10.58 19.13 29.80
N PHE A 317 -10.15 20.37 29.57
CA PHE A 317 -11.07 21.47 29.31
C PHE A 317 -11.16 21.82 27.83
N SER A 318 -10.74 20.90 26.96
CA SER A 318 -10.83 21.05 25.51
C SER A 318 -9.87 22.10 24.96
N ARG A 319 -8.83 22.49 25.70
CA ARG A 319 -7.88 23.51 25.24
C ARG A 319 -6.77 22.85 24.45
N THR A 320 -6.44 23.42 23.28
CA THR A 320 -5.25 23.05 22.54
C THR A 320 -4.04 23.71 23.19
N ASN A 321 -2.87 23.60 22.56
CA ASN A 321 -1.67 24.25 23.06
C ASN A 321 -1.62 25.73 22.73
N VAL A 322 -2.50 26.22 21.86
CA VAL A 322 -2.66 27.66 21.61
C VAL A 322 -3.80 28.16 22.50
N PRO A 323 -3.56 29.17 23.36
CA PRO A 323 -4.45 29.42 24.51
C PRO A 323 -5.95 29.57 24.22
N ASN A 324 -6.32 30.25 23.14
CA ASN A 324 -7.71 30.60 22.86
C ASN A 324 -8.33 29.74 21.74
N ILE A 325 -7.70 28.64 21.38
CA ILE A 325 -8.22 27.73 20.36
C ILE A 325 -8.54 26.41 21.05
N TYR A 326 -9.75 25.91 20.81
CA TYR A 326 -10.26 24.72 21.48
C TYR A 326 -10.71 23.71 20.44
N ALA A 327 -10.86 22.46 20.88
CA ALA A 327 -11.38 21.40 20.02
C ALA A 327 -12.25 20.42 20.83
N ILE A 328 -13.36 19.98 20.22
CA ILE A 328 -14.31 19.04 20.80
C ILE A 328 -14.79 18.10 19.70
N GLY A 329 -15.42 16.98 20.12
CA GLY A 329 -16.05 16.06 19.18
C GLY A 329 -15.06 15.11 18.51
N ASP A 330 -15.48 14.57 17.35
CA ASP A 330 -14.67 13.55 16.67
C ASP A 330 -13.27 14.03 16.28
N ILE A 331 -13.06 15.35 16.14
CA ILE A 331 -11.74 15.82 15.75
C ILE A 331 -10.70 15.53 16.83
N THR A 332 -11.14 15.29 18.07
CA THR A 332 -10.22 14.90 19.13
C THR A 332 -9.95 13.41 19.16
N ASP A 333 -10.61 12.62 18.30
CA ASP A 333 -10.27 11.21 18.07
C ASP A 333 -10.28 10.39 19.37
N ARG A 334 -11.29 10.63 20.20
N ARG A 334 -11.32 10.59 20.17
N ARG A 334 -11.29 10.63 20.20
N ARG A 334 -11.32 10.59 20.17
CA ARG A 334 -11.53 9.86 21.41
CA ARG A 334 -11.51 9.82 21.40
CA ARG A 334 -11.53 9.86 21.41
CA ARG A 334 -11.51 9.82 21.40
C ARG A 334 -12.80 9.05 21.26
C ARG A 334 -12.81 9.02 21.27
C ARG A 334 -12.80 9.05 21.26
C ARG A 334 -12.81 9.03 21.26
N LEU A 335 -13.85 9.44 21.98
CA LEU A 335 -15.18 8.82 21.86
C LEU A 335 -15.96 9.54 20.78
N MET A 336 -16.34 8.84 19.71
CA MET A 336 -17.01 9.46 18.58
C MET A 336 -18.51 9.17 18.71
N LEU A 337 -19.17 10.00 19.52
CA LEU A 337 -20.59 9.90 19.83
C LEU A 337 -21.18 11.31 19.88
N THR A 338 -22.33 11.50 19.25
CA THR A 338 -22.98 12.82 19.28
C THR A 338 -23.18 13.36 20.69
N PRO A 339 -23.75 12.64 21.66
CA PRO A 339 -23.97 13.27 22.97
C PRO A 339 -22.69 13.57 23.72
N VAL A 340 -21.56 12.92 23.42
CA VAL A 340 -20.30 13.34 24.03
C VAL A 340 -19.87 14.70 23.49
N ALA A 341 -19.97 14.90 22.16
CA ALA A 341 -19.59 16.17 21.54
C ALA A 341 -20.45 17.31 22.07
N ILE A 342 -21.75 17.07 22.25
CA ILE A 342 -22.65 18.09 22.78
C ILE A 342 -22.26 18.45 24.21
N ASN A 343 -22.00 17.44 25.06
CA ASN A 343 -21.60 17.69 26.44
C ASN A 343 -20.32 18.52 26.49
N GLU A 344 -19.32 18.15 25.67
CA GLU A 344 -18.08 18.91 25.61
C GLU A 344 -18.32 20.36 25.20
N GLY A 345 -19.18 20.57 24.20
CA GLY A 345 -19.50 21.92 23.77
C GLY A 345 -20.13 22.75 24.88
N ALA A 346 -21.13 22.19 25.55
CA ALA A 346 -21.78 22.93 26.64
C ALA A 346 -20.81 23.21 27.77
N ALA A 347 -19.96 22.22 28.10
CA ALA A 347 -18.96 22.42 29.15
C ALA A 347 -17.97 23.53 28.77
N LEU A 348 -17.48 23.53 27.53
CA LEU A 348 -16.50 24.53 27.12
C LEU A 348 -17.06 25.94 27.28
N VAL A 349 -18.32 26.13 26.91
CA VAL A 349 -18.91 27.46 26.91
C VAL A 349 -19.19 27.92 28.34
N ASP A 350 -19.65 27.00 29.19
CA ASP A 350 -19.84 27.34 30.61
C ASP A 350 -18.52 27.76 31.25
N THR A 351 -17.42 27.12 30.87
CA THR A 351 -16.11 27.47 31.44
C THR A 351 -15.63 28.82 30.93
N VAL A 352 -15.68 29.02 29.62
CA VAL A 352 -15.02 30.16 28.98
C VAL A 352 -15.84 31.43 29.18
N PHE A 353 -17.15 31.37 28.97
CA PHE A 353 -17.99 32.55 29.05
C PHE A 353 -18.89 32.57 30.27
N GLY A 354 -18.98 31.49 31.04
CA GLY A 354 -19.96 31.42 32.11
C GLY A 354 -19.46 31.47 33.54
N ASN A 355 -18.13 31.58 33.74
CA ASN A 355 -17.52 31.59 35.07
C ASN A 355 -18.01 30.40 35.92
N LYS A 356 -18.15 29.24 35.27
CA LYS A 356 -18.56 28.01 35.95
C LYS A 356 -17.78 26.87 35.33
N PRO A 357 -16.55 26.64 35.79
CA PRO A 357 -15.68 25.67 35.10
C PRO A 357 -16.26 24.26 35.19
N ARG A 358 -16.02 23.48 34.14
CA ARG A 358 -16.64 22.17 34.04
C ARG A 358 -15.93 21.39 32.95
N LYS A 359 -15.64 20.12 33.24
CA LYS A 359 -15.01 19.23 32.27
C LYS A 359 -15.87 17.99 32.07
N THR A 360 -15.88 17.49 30.83
CA THR A 360 -16.70 16.35 30.48
C THR A 360 -16.16 15.07 31.10
N ASP A 361 -17.05 14.27 31.65
CA ASP A 361 -16.69 12.95 32.19
C ASP A 361 -16.77 11.93 31.07
N HIS A 362 -15.63 11.43 30.63
CA HIS A 362 -15.58 10.44 29.56
C HIS A 362 -15.75 9.00 30.03
N THR A 363 -15.95 8.77 31.33
CA THR A 363 -16.22 7.45 31.87
C THR A 363 -17.72 7.20 31.98
N ARG A 364 -18.08 5.92 31.97
CA ARG A 364 -19.45 5.49 32.24
C ARG A 364 -20.44 6.16 31.28
N VAL A 365 -20.02 6.29 30.02
CA VAL A 365 -20.88 6.84 28.97
C VAL A 365 -21.74 5.71 28.41
N ALA A 366 -23.05 5.85 28.53
CA ALA A 366 -23.97 4.91 27.92
C ALA A 366 -23.99 5.09 26.40
N SER A 367 -24.10 3.97 25.67
CA SER A 367 -24.19 4.03 24.22
C SER A 367 -24.87 2.75 23.71
N ALA A 368 -25.11 2.72 22.40
CA ALA A 368 -25.92 1.66 21.79
C ALA A 368 -25.40 1.27 20.41
N VAL A 369 -25.74 0.05 19.98
CA VAL A 369 -25.56 -0.41 18.60
C VAL A 369 -26.94 -0.81 18.08
N PHE A 370 -27.37 -0.20 16.99
CA PHE A 370 -28.67 -0.57 16.45
C PHE A 370 -28.56 -1.69 15.42
N SER A 371 -27.92 -2.77 15.86
CA SER A 371 -28.00 -4.05 15.18
C SER A 371 -29.39 -4.64 15.39
N ILE A 372 -29.68 -5.69 14.64
CA ILE A 372 -30.95 -6.37 14.83
C ILE A 372 -30.64 -7.77 15.35
N PRO A 373 -30.86 -8.02 16.63
CA PRO A 373 -31.40 -7.13 17.68
C PRO A 373 -30.30 -6.25 18.31
N PRO A 374 -30.66 -5.22 19.08
CA PRO A 374 -29.70 -4.17 19.42
C PRO A 374 -28.94 -4.42 20.71
N ILE A 375 -27.93 -3.56 20.93
CA ILE A 375 -27.05 -3.58 22.09
C ILE A 375 -27.23 -2.27 22.87
N GLY A 376 -27.21 -2.35 24.20
CA GLY A 376 -27.11 -1.17 25.04
C GLY A 376 -26.04 -1.40 26.09
N THR A 377 -25.11 -0.46 26.27
CA THR A 377 -23.99 -0.69 27.20
C THR A 377 -23.62 0.60 27.92
N CYS A 378 -23.09 0.46 29.13
CA CYS A 378 -22.53 1.58 29.88
C CYS A 378 -21.45 1.06 30.81
N GLY A 379 -20.25 1.61 30.70
CA GLY A 379 -19.16 1.25 31.61
C GLY A 379 -18.20 0.19 31.08
N LEU A 380 -17.50 -0.45 32.02
CA LEU A 380 -16.36 -1.30 31.67
C LEU A 380 -16.79 -2.71 31.32
N ILE A 381 -16.12 -3.29 30.33
CA ILE A 381 -16.21 -4.72 30.10
C ILE A 381 -15.33 -5.45 31.13
N GLU A 382 -15.67 -6.72 31.37
CA GLU A 382 -15.08 -7.43 32.50
C GLU A 382 -13.58 -7.60 32.36
N GLU A 383 -13.09 -7.86 31.14
CA GLU A 383 -11.65 -8.06 31.01
C GLU A 383 -10.86 -6.78 31.27
N VAL A 384 -11.43 -5.62 30.94
CA VAL A 384 -10.80 -4.36 31.32
C VAL A 384 -10.86 -4.17 32.83
N ALA A 385 -12.03 -4.40 33.43
CA ALA A 385 -12.18 -4.22 34.87
C ALA A 385 -11.24 -5.12 35.66
N ALA A 386 -10.99 -6.33 35.16
CA ALA A 386 -10.14 -7.27 35.87
C ALA A 386 -8.69 -6.84 35.89
N LYS A 387 -8.28 -5.99 34.95
CA LYS A 387 -6.94 -5.43 35.01
C LYS A 387 -6.80 -4.38 36.10
N GLU A 388 -7.90 -3.73 36.49
CA GLU A 388 -7.83 -2.61 37.43
C GLU A 388 -8.27 -2.95 38.84
N PHE A 389 -9.07 -3.99 39.03
CA PHE A 389 -9.56 -4.34 40.36
C PHE A 389 -9.15 -5.77 40.69
N GLU A 390 -8.76 -5.97 41.96
CA GLU A 390 -8.28 -7.28 42.38
C GLU A 390 -9.38 -8.34 42.27
N LYS A 391 -10.61 -7.97 42.62
CA LYS A 391 -11.73 -8.92 42.59
C LYS A 391 -12.91 -8.34 41.84
N VAL A 392 -13.30 -9.01 40.76
CA VAL A 392 -14.42 -8.57 39.91
C VAL A 392 -15.45 -9.68 39.89
N ALA A 393 -16.72 -9.33 40.06
CA ALA A 393 -17.82 -10.27 39.93
C ALA A 393 -18.64 -9.97 38.68
N VAL A 394 -19.14 -11.02 38.02
CA VAL A 394 -19.97 -10.89 36.83
C VAL A 394 -21.30 -11.58 37.11
N TYR A 395 -22.39 -10.81 37.03
CA TYR A 395 -23.76 -11.30 37.13
C TYR A 395 -24.32 -11.38 35.72
N MET A 396 -24.88 -12.53 35.36
CA MET A 396 -25.24 -12.78 33.96
C MET A 396 -26.54 -13.54 33.84
N SER A 397 -27.42 -13.07 32.95
CA SER A 397 -28.65 -13.74 32.58
C SER A 397 -28.72 -13.77 31.07
N SER A 398 -28.99 -14.94 30.50
CA SER A 398 -29.08 -15.08 29.05
C SER A 398 -30.10 -16.17 28.73
N PHE A 399 -31.14 -15.81 27.99
CA PHE A 399 -32.29 -16.68 27.78
C PHE A 399 -33.10 -16.09 26.63
N THR A 400 -33.73 -16.98 25.85
CA THR A 400 -34.72 -16.56 24.86
C THR A 400 -36.01 -16.14 25.55
N PRO A 401 -36.47 -14.90 25.39
CA PRO A 401 -37.72 -14.47 26.04
C PRO A 401 -38.90 -15.27 25.51
N LEU A 402 -39.94 -15.37 26.35
CA LEU A 402 -41.10 -16.20 26.01
C LEU A 402 -41.77 -15.75 24.70
N MET A 403 -41.84 -14.43 24.45
CA MET A 403 -42.52 -13.98 23.24
C MET A 403 -41.82 -14.49 21.97
N HIS A 404 -40.50 -14.72 22.02
CA HIS A 404 -39.82 -15.24 20.84
C HIS A 404 -39.84 -16.77 20.75
N ASN A 405 -40.37 -17.45 21.75
CA ASN A 405 -40.73 -18.85 21.56
C ASN A 405 -42.03 -18.96 20.78
N ILE A 406 -42.89 -17.95 20.84
CA ILE A 406 -44.10 -17.91 20.02
C ILE A 406 -43.82 -17.31 18.65
N SER A 407 -42.97 -16.28 18.58
CA SER A 407 -42.68 -15.63 17.31
C SER A 407 -41.92 -16.55 16.37
N GLY A 408 -41.25 -17.58 16.86
CA GLY A 408 -40.42 -18.42 16.03
C GLY A 408 -38.96 -18.02 15.95
N SER A 409 -38.61 -16.80 16.38
CA SER A 409 -37.23 -16.34 16.39
C SER A 409 -36.53 -16.77 17.67
N LYS A 410 -36.51 -18.09 17.89
CA LYS A 410 -35.95 -18.63 19.12
C LYS A 410 -34.46 -18.32 19.27
N TYR A 411 -33.78 -17.93 18.19
CA TYR A 411 -32.37 -17.58 18.29
C TYR A 411 -32.15 -16.25 19.02
N LYS A 412 -33.20 -15.52 19.39
CA LYS A 412 -33.04 -14.15 19.93
C LYS A 412 -32.92 -14.21 21.45
N LYS A 413 -31.73 -14.61 21.89
CA LYS A 413 -31.44 -14.62 23.32
C LYS A 413 -31.21 -13.20 23.83
N PHE A 414 -31.92 -12.82 24.88
CA PHE A 414 -31.63 -11.58 25.59
C PHE A 414 -30.50 -11.80 26.57
N VAL A 415 -29.48 -10.95 26.51
CA VAL A 415 -28.34 -11.03 27.42
C VAL A 415 -28.31 -9.79 28.29
N ALA A 416 -28.28 -10.00 29.61
CA ALA A 416 -28.05 -8.93 30.58
C ALA A 416 -26.86 -9.33 31.45
N LYS A 417 -25.86 -8.45 31.53
CA LYS A 417 -24.68 -8.67 32.37
C LYS A 417 -24.35 -7.43 33.19
N ILE A 418 -24.01 -7.64 34.46
CA ILE A 418 -23.56 -6.58 35.36
C ILE A 418 -22.19 -6.96 35.88
N VAL A 419 -21.23 -6.04 35.75
CA VAL A 419 -19.85 -6.24 36.20
C VAL A 419 -19.60 -5.36 37.43
N THR A 420 -19.07 -5.95 38.50
CA THR A 420 -18.83 -5.20 39.72
C THR A 420 -17.38 -5.30 40.20
N ASN A 421 -17.02 -4.32 41.02
CA ASN A 421 -15.90 -4.44 41.96
C ASN A 421 -16.43 -5.21 43.16
N HIS A 422 -16.05 -6.48 43.26
CA HIS A 422 -16.64 -7.33 44.29
C HIS A 422 -16.23 -6.91 45.69
N SER A 423 -15.12 -6.17 45.82
CA SER A 423 -14.66 -5.77 47.14
C SER A 423 -15.66 -4.87 47.83
N ASP A 424 -16.45 -4.08 47.08
CA ASP A 424 -17.42 -3.19 47.71
C ASP A 424 -18.76 -3.13 46.96
N GLY A 425 -18.97 -3.96 45.95
CA GLY A 425 -20.22 -4.01 45.23
C GLY A 425 -20.48 -2.93 44.19
N THR A 426 -19.57 -1.99 43.97
CA THR A 426 -19.81 -0.93 43.01
C THR A 426 -19.99 -1.47 41.59
N VAL A 427 -21.04 -1.01 40.90
CA VAL A 427 -21.28 -1.43 39.51
C VAL A 427 -20.32 -0.73 38.58
N LEU A 428 -19.49 -1.52 37.88
CA LEU A 428 -18.49 -1.01 36.96
C LEU A 428 -18.99 -0.94 35.52
N GLY A 429 -19.88 -1.84 35.13
CA GLY A 429 -20.44 -1.84 33.78
C GLY A 429 -21.69 -2.68 33.71
N VAL A 430 -22.55 -2.35 32.74
CA VAL A 430 -23.77 -3.08 32.43
C VAL A 430 -23.82 -3.25 30.92
N HIS A 431 -24.17 -4.44 30.45
CA HIS A 431 -24.11 -4.78 29.03
C HIS A 431 -25.35 -5.59 28.64
N LEU A 432 -26.03 -5.15 27.59
CA LEU A 432 -27.35 -5.67 27.23
C LEU A 432 -27.44 -5.93 25.73
N LEU A 433 -28.08 -7.03 25.37
CA LEU A 433 -28.39 -7.41 24.00
C LEU A 433 -29.81 -7.91 23.95
N GLY A 434 -30.59 -7.38 23.01
CA GLY A 434 -31.98 -7.75 22.89
C GLY A 434 -32.87 -6.54 22.64
N ASP A 435 -34.12 -6.80 22.26
CA ASP A 435 -35.06 -5.73 21.94
C ASP A 435 -35.20 -4.77 23.12
N GLY A 436 -35.13 -3.47 22.85
CA GLY A 436 -35.25 -2.48 23.90
C GLY A 436 -33.97 -2.11 24.62
N ALA A 437 -32.84 -2.77 24.31
CA ALA A 437 -31.62 -2.53 25.07
C ALA A 437 -31.14 -1.07 25.03
N PRO A 438 -31.16 -0.35 23.89
CA PRO A 438 -30.78 1.08 23.95
C PRO A 438 -31.67 1.91 24.85
N GLU A 439 -32.96 1.59 24.94
CA GLU A 439 -33.87 2.34 25.82
C GLU A 439 -33.65 1.98 27.28
N ILE A 440 -33.36 0.70 27.57
CA ILE A 440 -33.14 0.26 28.95
C ILE A 440 -31.91 0.93 29.55
N ILE A 441 -30.84 1.07 28.76
CA ILE A 441 -29.54 1.44 29.32
C ILE A 441 -29.48 2.91 29.76
N GLN A 442 -30.35 3.80 29.26
CA GLN A 442 -30.16 5.23 29.50
C GLN A 442 -30.16 5.54 31.00
N ALA A 443 -31.19 5.08 31.72
CA ALA A 443 -31.22 5.39 33.14
C ALA A 443 -30.15 4.60 33.91
N VAL A 444 -29.60 3.55 33.31
CA VAL A 444 -28.46 2.87 33.93
C VAL A 444 -27.28 3.83 34.02
N GLY A 445 -27.11 4.70 33.03
CA GLY A 445 -26.03 5.69 33.06
C GLY A 445 -26.15 6.65 34.23
N VAL A 446 -27.37 7.05 34.57
CA VAL A 446 -27.60 7.86 35.76
C VAL A 446 -27.20 7.11 37.02
N CYS A 447 -27.60 5.83 37.12
CA CYS A 447 -27.20 4.95 38.23
C CYS A 447 -25.69 4.90 38.39
N LEU A 448 -24.96 4.69 37.30
CA LEU A 448 -23.51 4.59 37.42
C LEU A 448 -22.90 5.94 37.81
N ARG A 449 -23.45 7.05 37.29
CA ARG A 449 -22.93 8.35 37.72
C ARG A 449 -23.22 8.62 39.18
N LEU A 450 -24.18 7.90 39.78
CA LEU A 450 -24.45 7.98 41.20
C LEU A 450 -23.76 6.87 42.00
N ASN A 451 -22.84 6.14 41.38
CA ASN A 451 -22.04 5.11 42.06
C ASN A 451 -22.91 4.00 42.63
N ALA A 452 -23.91 3.56 41.87
CA ALA A 452 -24.77 2.48 42.33
C ALA A 452 -23.95 1.23 42.59
N LYS A 453 -24.39 0.46 43.58
CA LYS A 453 -23.87 -0.86 43.87
C LYS A 453 -24.86 -1.92 43.41
N ILE A 454 -24.39 -3.17 43.35
CA ILE A 454 -25.28 -4.25 42.86
C ILE A 454 -26.49 -4.39 43.77
N SER A 455 -26.33 -4.12 45.09
CA SER A 455 -27.44 -4.23 46.02
C SER A 455 -28.50 -3.14 45.78
N ASP A 456 -28.10 -1.98 45.28
CA ASP A 456 -29.09 -0.98 44.90
C ASP A 456 -29.96 -1.50 43.77
N PHE A 457 -29.36 -2.21 42.81
CA PHE A 457 -30.14 -2.84 41.74
C PHE A 457 -31.04 -3.94 42.30
N TYR A 458 -30.47 -4.83 43.11
CA TYR A 458 -31.23 -6.00 43.56
C TYR A 458 -32.38 -5.59 44.48
N ASN A 459 -32.18 -4.58 45.35
CA ASN A 459 -33.26 -4.12 46.22
C ASN A 459 -34.39 -3.44 45.46
N THR A 460 -34.15 -2.97 44.24
CA THR A 460 -35.21 -2.32 43.47
C THR A 460 -36.22 -3.37 42.97
N ILE A 461 -37.50 -3.07 43.12
CA ILE A 461 -38.55 -4.01 42.73
C ILE A 461 -38.76 -3.96 41.21
N GLY A 462 -38.81 -5.14 40.59
CA GLY A 462 -38.94 -5.20 39.14
C GLY A 462 -40.27 -4.69 38.62
N VAL A 463 -40.26 -4.23 37.38
CA VAL A 463 -41.47 -4.05 36.56
C VAL A 463 -41.69 -5.32 35.75
N HIS A 464 -42.87 -5.92 35.88
CA HIS A 464 -43.11 -7.24 35.30
C HIS A 464 -44.33 -7.21 34.40
N PRO A 465 -44.27 -7.83 33.20
CA PRO A 465 -43.15 -8.54 32.57
C PRO A 465 -42.30 -7.63 31.69
N THR A 466 -40.99 -7.55 31.94
CA THR A 466 -40.06 -6.85 31.05
C THR A 466 -38.76 -7.63 30.90
N SER A 467 -37.97 -7.26 29.88
CA SER A 467 -36.59 -7.72 29.85
C SER A 467 -35.77 -6.99 30.90
N ALA A 468 -36.07 -5.70 31.12
CA ALA A 468 -35.25 -4.89 32.00
C ALA A 468 -35.24 -5.41 33.45
N GLU A 469 -36.29 -6.09 33.88
CA GLU A 469 -36.35 -6.54 35.27
C GLU A 469 -35.28 -7.58 35.59
N GLU A 470 -34.69 -8.22 34.57
CA GLU A 470 -33.54 -9.08 34.83
C GLU A 470 -32.42 -8.35 35.56
N LEU A 471 -32.27 -7.04 35.35
CA LEU A 471 -31.19 -6.29 36.00
C LEU A 471 -31.38 -6.15 37.49
N CYS A 472 -32.60 -6.34 37.99
CA CYS A 472 -32.93 -6.14 39.39
C CYS A 472 -33.20 -7.47 40.10
N SER A 473 -32.91 -8.59 39.44
CA SER A 473 -33.17 -9.91 39.99
C SER A 473 -31.89 -10.73 40.11
N MET A 474 -30.73 -10.10 40.13
CA MET A 474 -29.46 -10.82 40.14
C MET A 474 -28.73 -10.53 41.44
N ARG A 475 -28.57 -11.57 42.26
CA ARG A 475 -27.97 -11.46 43.59
C ARG A 475 -26.68 -12.24 43.76
N THR A 476 -26.44 -13.27 42.95
CA THR A 476 -25.27 -14.11 43.13
C THR A 476 -24.42 -14.10 41.88
N PRO A 477 -23.11 -13.84 41.98
CA PRO A 477 -22.26 -13.83 40.79
C PRO A 477 -22.29 -15.15 40.04
N SER A 478 -22.24 -15.05 38.72
CA SER A 478 -22.06 -16.23 37.89
C SER A 478 -20.63 -16.73 37.94
N TYR A 479 -19.67 -15.80 38.00
CA TYR A 479 -18.25 -16.15 38.09
C TYR A 479 -17.51 -14.89 38.49
N TYR A 480 -16.18 -15.00 38.59
CA TYR A 480 -15.34 -13.96 39.17
C TYR A 480 -14.06 -13.83 38.37
N TYR A 481 -13.35 -12.73 38.63
CA TYR A 481 -11.95 -12.57 38.27
C TYR A 481 -11.20 -12.24 39.54
N VAL A 482 -10.19 -13.05 39.87
CA VAL A 482 -9.35 -12.83 41.04
C VAL A 482 -7.94 -12.59 40.55
N LYS A 483 -7.44 -11.39 40.79
CA LYS A 483 -6.18 -10.90 40.23
C LYS A 483 -6.03 -11.35 38.77
N GLY A 484 -7.07 -11.05 37.99
CA GLY A 484 -7.08 -11.26 36.55
C GLY A 484 -7.46 -12.64 36.08
N GLU A 485 -7.75 -13.58 36.98
CA GLU A 485 -7.99 -14.96 36.60
C GLU A 485 -9.47 -15.33 36.72
N LYS A 486 -10.07 -15.79 35.62
CA LYS A 486 -11.48 -16.18 35.61
C LYS A 486 -11.71 -17.48 36.36
N MET A 487 -12.76 -17.53 37.18
CA MET A 487 -13.06 -18.71 37.97
C MET A 487 -14.50 -18.66 38.48
N GLU A 488 -15.15 -19.82 38.50
CA GLU A 488 -16.55 -19.86 38.92
C GLU A 488 -16.71 -19.48 40.40
N LYS A 489 -15.69 -19.69 41.22
CA LYS A 489 -15.82 -19.51 42.67
C LYS A 489 -14.59 -18.81 43.21
N LEU A 490 -14.80 -18.03 44.29
CA LEU A 490 -13.68 -17.49 45.04
C LEU A 490 -12.95 -18.63 45.75
N PRO A 491 -11.62 -18.55 45.89
CA PRO A 491 -10.88 -19.64 46.54
C PRO A 491 -10.99 -19.62 48.07
N SER B 5 -52.33 -37.04 59.01
CA SER B 5 -51.85 -35.75 59.51
C SER B 5 -50.33 -35.59 59.33
N LYS B 6 -49.87 -34.37 59.04
CA LYS B 6 -48.48 -34.13 58.66
C LYS B 6 -47.99 -32.82 59.27
N ALA B 7 -46.67 -32.73 59.48
CA ALA B 7 -46.08 -31.69 60.32
C ALA B 7 -45.10 -30.83 59.52
N PHE B 8 -45.28 -29.52 59.57
CA PHE B 8 -44.53 -28.61 58.71
C PHE B 8 -44.11 -27.37 59.48
N ASP B 9 -42.98 -26.79 59.06
CA ASP B 9 -42.58 -25.49 59.57
C ASP B 9 -43.49 -24.38 59.04
N LEU B 10 -43.86 -24.48 57.77
CA LEU B 10 -44.60 -23.41 57.09
C LEU B 10 -45.61 -24.04 56.16
N VAL B 11 -46.88 -23.65 56.29
CA VAL B 11 -47.90 -24.00 55.31
C VAL B 11 -48.33 -22.73 54.60
N VAL B 12 -48.29 -22.76 53.28
CA VAL B 12 -48.64 -21.64 52.41
C VAL B 12 -49.95 -22.00 51.74
N ILE B 13 -50.95 -21.14 51.90
CA ILE B 13 -52.22 -21.31 51.20
C ILE B 13 -52.21 -20.41 49.97
N GLY B 14 -52.13 -21.02 48.80
CA GLY B 14 -52.02 -20.30 47.54
C GLY B 14 -50.64 -20.40 46.92
N ALA B 15 -50.52 -21.13 45.81
CA ALA B 15 -49.23 -21.33 45.16
C ALA B 15 -48.98 -20.26 44.09
N GLY B 16 -49.05 -19.00 44.52
CA GLY B 16 -49.02 -17.87 43.62
C GLY B 16 -47.69 -17.14 43.65
N SER B 17 -47.69 -15.93 43.07
CA SER B 17 -46.47 -15.15 42.99
C SER B 17 -45.78 -15.06 44.35
N GLY B 18 -46.52 -14.59 45.36
CA GLY B 18 -45.93 -14.42 46.68
C GLY B 18 -45.72 -15.72 47.41
N GLY B 19 -46.67 -16.65 47.26
CA GLY B 19 -46.61 -17.90 48.00
C GLY B 19 -45.44 -18.78 47.59
N LEU B 20 -45.20 -18.87 46.27
CA LEU B 20 -44.09 -19.70 45.77
C LEU B 20 -42.74 -19.11 46.14
N GLU B 21 -42.62 -17.78 46.12
CA GLU B 21 -41.37 -17.17 46.56
C GLU B 21 -41.08 -17.51 48.03
N ALA B 22 -42.10 -17.40 48.88
CA ALA B 22 -41.91 -17.68 50.31
C ALA B 22 -41.58 -19.15 50.54
N GLY B 23 -42.30 -20.06 49.88
CA GLY B 23 -42.08 -21.47 50.09
C GLY B 23 -40.72 -21.93 49.60
N TRP B 24 -40.38 -21.55 48.36
CA TRP B 24 -39.09 -21.93 47.81
C TRP B 24 -37.93 -21.35 48.62
N ASN B 25 -38.04 -20.10 49.06
CA ASN B 25 -36.96 -19.54 49.87
C ASN B 25 -36.85 -20.25 51.21
N ALA B 26 -37.98 -20.52 51.86
CA ALA B 26 -37.92 -21.16 53.18
C ALA B 26 -37.30 -22.55 53.09
N ALA B 27 -37.67 -23.32 52.08
CA ALA B 27 -37.13 -24.66 51.94
C ALA B 27 -35.65 -24.63 51.56
N THR B 28 -35.30 -23.95 50.45
CA THR B 28 -33.94 -24.06 49.93
C THR B 28 -32.94 -23.18 50.66
N LEU B 29 -33.34 -22.00 51.13
CA LEU B 29 -32.38 -21.13 51.82
C LEU B 29 -32.24 -21.44 53.30
N TYR B 30 -33.32 -21.86 53.96
CA TYR B 30 -33.31 -22.10 55.40
C TYR B 30 -33.60 -23.54 55.78
N GLY B 31 -33.69 -24.44 54.80
CA GLY B 31 -33.80 -25.86 55.10
C GLY B 31 -35.04 -26.27 55.86
N LYS B 32 -36.14 -25.54 55.72
CA LYS B 32 -37.36 -25.80 56.46
C LYS B 32 -38.25 -26.77 55.70
N ARG B 33 -39.26 -27.29 56.40
CA ARG B 33 -40.27 -28.19 55.85
C ARG B 33 -41.50 -27.35 55.50
N VAL B 34 -41.92 -27.44 54.23
CA VAL B 34 -42.86 -26.49 53.64
C VAL B 34 -43.93 -27.25 52.85
N ALA B 35 -45.21 -26.87 53.04
CA ALA B 35 -46.31 -27.37 52.24
C ALA B 35 -47.08 -26.21 51.62
N VAL B 36 -47.46 -26.35 50.35
CA VAL B 36 -48.13 -25.30 49.59
C VAL B 36 -49.40 -25.86 48.98
N VAL B 37 -50.51 -25.15 49.16
CA VAL B 37 -51.85 -25.60 48.74
C VAL B 37 -52.33 -24.74 47.59
N ASP B 38 -52.86 -25.38 46.54
CA ASP B 38 -53.60 -24.64 45.52
C ASP B 38 -54.71 -25.54 44.97
N VAL B 39 -55.72 -24.90 44.36
CA VAL B 39 -56.95 -25.58 43.95
C VAL B 39 -56.88 -26.25 42.57
N GLN B 40 -55.80 -26.05 41.82
CA GLN B 40 -55.74 -26.54 40.44
C GLN B 40 -54.28 -26.62 40.02
N THR B 41 -53.94 -27.66 39.26
CA THR B 41 -52.54 -27.88 38.86
C THR B 41 -52.17 -27.15 37.58
N SER B 42 -53.13 -26.72 36.77
CA SER B 42 -52.84 -25.93 35.58
C SER B 42 -54.00 -24.99 35.30
N HIS B 43 -53.86 -24.19 34.25
CA HIS B 43 -54.63 -22.97 34.04
C HIS B 43 -56.02 -23.25 33.47
N GLY B 44 -56.93 -22.29 33.70
CA GLY B 44 -58.17 -22.25 32.98
C GLY B 44 -59.39 -22.67 33.79
N PRO B 45 -60.54 -22.77 33.12
CA PRO B 45 -61.77 -23.22 33.79
C PRO B 45 -61.55 -24.55 34.47
N PRO B 46 -62.19 -24.78 35.62
CA PRO B 46 -63.17 -23.91 36.29
C PRO B 46 -62.64 -22.84 37.27
N PHE B 47 -61.42 -22.92 37.80
CA PHE B 47 -61.02 -21.98 38.85
C PHE B 47 -60.02 -20.93 38.36
N TYR B 48 -59.60 -21.02 37.09
CA TYR B 48 -58.83 -20.02 36.34
C TYR B 48 -57.40 -19.88 36.85
N ALA B 49 -57.20 -19.25 38.02
CA ALA B 49 -55.90 -19.29 38.65
C ALA B 49 -55.58 -20.72 39.10
N ALA B 50 -54.30 -20.99 39.29
CA ALA B 50 -53.83 -22.33 39.60
C ALA B 50 -52.39 -22.22 40.10
N LEU B 51 -51.75 -23.38 40.28
CA LEU B 51 -50.31 -23.45 40.53
C LEU B 51 -49.58 -22.45 39.64
N GLY B 52 -48.84 -21.53 40.26
CA GLY B 52 -48.19 -20.45 39.56
C GLY B 52 -48.77 -19.11 39.95
N GLY B 53 -50.09 -19.06 40.13
CA GLY B 53 -50.79 -17.89 40.62
C GLY B 53 -51.55 -17.16 39.52
N THR B 54 -52.08 -15.99 39.90
CA THR B 54 -52.92 -15.22 38.97
C THR B 54 -52.11 -14.67 37.82
N CYS B 55 -50.92 -14.12 38.12
CA CYS B 55 -50.07 -13.54 37.08
C CYS B 55 -49.73 -14.57 36.02
N VAL B 56 -49.26 -15.74 36.46
CA VAL B 56 -48.82 -16.79 35.56
C VAL B 56 -49.98 -17.30 34.70
N ASN B 57 -51.14 -17.54 35.30
CA ASN B 57 -52.21 -18.30 34.63
C ASN B 57 -53.24 -17.42 33.90
N VAL B 58 -53.70 -16.34 34.53
CA VAL B 58 -54.73 -15.47 33.95
C VAL B 58 -54.37 -14.01 34.26
N GLY B 59 -53.10 -13.64 34.04
CA GLY B 59 -52.64 -12.33 34.44
C GLY B 59 -51.51 -11.79 33.58
N CYS B 60 -50.46 -11.28 34.23
CA CYS B 60 -49.39 -10.57 33.55
C CYS B 60 -48.88 -11.35 32.35
N VAL B 61 -48.55 -12.63 32.56
CA VAL B 61 -47.89 -13.44 31.53
C VAL B 61 -48.78 -13.64 30.29
N PRO B 62 -49.99 -14.22 30.39
CA PRO B 62 -50.80 -14.34 29.15
C PRO B 62 -51.20 -12.99 28.56
N LYS B 63 -51.50 -11.98 29.39
CA LYS B 63 -51.97 -10.72 28.83
C LYS B 63 -50.84 -10.01 28.09
N LYS B 64 -49.59 -10.11 28.56
CA LYS B 64 -48.48 -9.51 27.81
C LYS B 64 -48.34 -10.16 26.45
N LEU B 65 -48.45 -11.49 26.37
CA LEU B 65 -48.40 -12.16 25.07
C LEU B 65 -49.51 -11.63 24.15
N MET B 66 -50.70 -11.41 24.70
CA MET B 66 -51.83 -11.02 23.86
C MET B 66 -51.72 -9.55 23.45
N VAL B 67 -51.18 -8.70 24.32
CA VAL B 67 -50.91 -7.32 23.92
C VAL B 67 -49.85 -7.28 22.83
N THR B 68 -48.79 -8.09 22.97
CA THR B 68 -47.79 -8.20 21.90
C THR B 68 -48.45 -8.58 20.58
N GLY B 69 -49.39 -9.53 20.63
CA GLY B 69 -50.12 -9.90 19.42
C GLY B 69 -50.91 -8.74 18.84
N ALA B 70 -51.57 -7.97 19.70
CA ALA B 70 -52.37 -6.84 19.23
C ALA B 70 -51.52 -5.74 18.59
N GLN B 71 -50.27 -5.53 19.07
CA GLN B 71 -49.39 -4.49 18.53
C GLN B 71 -49.08 -4.71 17.05
N TYR B 72 -49.20 -5.94 16.54
CA TYR B 72 -48.90 -6.20 15.14
C TYR B 72 -49.89 -5.50 14.22
N MET B 73 -51.10 -5.19 14.71
CA MET B 73 -52.03 -4.38 13.92
C MET B 73 -51.39 -3.04 13.55
N ASP B 74 -50.69 -2.44 14.51
CA ASP B 74 -50.02 -1.16 14.26
C ASP B 74 -48.79 -1.36 13.39
N HIS B 75 -47.99 -2.40 13.68
CA HIS B 75 -46.75 -2.62 12.92
C HIS B 75 -47.03 -2.83 11.45
N LEU B 76 -48.07 -3.64 11.13
CA LEU B 76 -48.36 -3.91 9.73
C LEU B 76 -48.74 -2.63 8.98
N ARG B 77 -49.60 -1.80 9.58
CA ARG B 77 -49.97 -0.52 8.98
C ARG B 77 -48.77 0.44 8.91
N GLU B 78 -47.99 0.54 10.00
CA GLU B 78 -46.90 1.51 10.07
C GLU B 78 -45.74 1.17 9.13
N SER B 79 -45.58 -0.11 8.75
CA SER B 79 -44.50 -0.52 7.87
C SER B 79 -44.59 0.16 6.50
N ALA B 80 -45.76 0.60 6.09
CA ALA B 80 -45.89 1.15 4.75
C ALA B 80 -45.06 2.42 4.59
N GLY B 81 -45.02 3.25 5.64
CA GLY B 81 -44.25 4.49 5.58
C GLY B 81 -42.77 4.27 5.33
N PHE B 82 -42.27 3.09 5.72
CA PHE B 82 -40.88 2.73 5.52
C PHE B 82 -40.70 1.89 4.25
N GLY B 83 -41.69 1.87 3.37
CA GLY B 83 -41.57 1.23 2.09
C GLY B 83 -42.03 -0.21 2.01
N TRP B 84 -42.64 -0.74 3.05
CA TRP B 84 -43.11 -2.12 2.97
C TRP B 84 -44.47 -2.17 2.26
N GLU B 85 -44.58 -3.10 1.29
CA GLU B 85 -45.76 -3.26 0.45
C GLU B 85 -46.26 -4.69 0.56
N PHE B 86 -47.57 -4.86 0.69
CA PHE B 86 -48.20 -6.18 0.63
C PHE B 86 -49.70 -5.97 0.49
N ASP B 87 -50.42 -7.08 0.29
CA ASP B 87 -51.85 -7.05 -0.01
C ASP B 87 -52.64 -6.85 1.29
N GLY B 88 -52.96 -5.58 1.59
CA GLY B 88 -53.64 -5.26 2.83
C GLY B 88 -54.98 -5.97 2.98
N SER B 89 -55.66 -6.25 1.87
CA SER B 89 -56.96 -6.90 1.95
C SER B 89 -56.83 -8.36 2.36
N SER B 90 -55.63 -8.93 2.30
CA SER B 90 -55.44 -10.32 2.72
C SER B 90 -55.16 -10.46 4.22
N VAL B 91 -55.00 -9.36 4.95
CA VAL B 91 -54.60 -9.43 6.35
C VAL B 91 -55.81 -9.84 7.19
N LYS B 92 -55.61 -10.83 8.07
CA LYS B 92 -56.61 -11.15 9.08
C LYS B 92 -55.93 -11.61 10.38
N ALA B 93 -56.63 -11.37 11.49
CA ALA B 93 -56.12 -11.65 12.84
C ALA B 93 -56.80 -12.91 13.37
N ASN B 94 -56.04 -13.99 13.48
CA ASN B 94 -56.57 -15.28 13.93
C ASN B 94 -56.51 -15.36 15.45
N TRP B 95 -57.63 -15.06 16.11
CA TRP B 95 -57.71 -15.09 17.57
C TRP B 95 -57.47 -16.49 18.13
N LYS B 96 -58.05 -17.51 17.50
CA LYS B 96 -57.88 -18.88 17.97
C LYS B 96 -56.42 -19.29 18.01
N LYS B 97 -55.64 -18.92 16.99
CA LYS B 97 -54.22 -19.22 17.03
C LYS B 97 -53.54 -18.51 18.18
N LEU B 98 -53.87 -17.23 18.38
CA LEU B 98 -53.32 -16.52 19.54
C LEU B 98 -53.62 -17.26 20.84
N ILE B 99 -54.89 -17.63 21.06
CA ILE B 99 -55.27 -18.29 22.32
C ILE B 99 -54.54 -19.61 22.47
N ALA B 100 -54.41 -20.37 21.37
CA ALA B 100 -53.75 -21.67 21.45
C ALA B 100 -52.28 -21.51 21.85
N ALA B 101 -51.58 -20.55 21.21
CA ALA B 101 -50.18 -20.33 21.55
C ALA B 101 -50.05 -19.90 23.00
N LYS B 102 -50.91 -18.97 23.45
CA LYS B 102 -50.90 -18.53 24.84
C LYS B 102 -51.13 -19.70 25.80
N ASN B 103 -52.12 -20.55 25.49
CA ASN B 103 -52.41 -21.72 26.33
C ASN B 103 -51.20 -22.63 26.46
N GLU B 104 -50.50 -22.88 25.35
CA GLU B 104 -49.33 -23.76 25.40
C GLU B 104 -48.23 -23.16 26.26
N ALA B 105 -48.01 -21.84 26.13
CA ALA B 105 -46.99 -21.18 26.93
C ALA B 105 -47.32 -21.26 28.42
N VAL B 106 -48.58 -21.02 28.78
CA VAL B 106 -48.92 -21.07 30.21
C VAL B 106 -48.81 -22.49 30.73
N LEU B 107 -49.28 -23.47 29.96
CA LEU B 107 -49.23 -24.86 30.42
C LEU B 107 -47.81 -25.30 30.66
N ASP B 108 -46.87 -24.87 29.80
CA ASP B 108 -45.45 -25.13 30.00
C ASP B 108 -44.98 -24.63 31.37
N ILE B 109 -45.40 -23.41 31.76
CA ILE B 109 -45.01 -22.90 33.07
C ILE B 109 -45.63 -23.75 34.18
N ASN B 110 -46.90 -24.14 34.01
CA ASN B 110 -47.53 -25.05 34.97
C ASN B 110 -46.68 -26.30 35.19
N LYS B 111 -46.33 -26.99 34.11
CA LYS B 111 -45.51 -28.20 34.20
C LYS B 111 -44.17 -27.92 34.87
N SER B 112 -43.54 -26.79 34.54
CA SER B 112 -42.26 -26.46 35.16
C SER B 112 -42.36 -26.39 36.68
N TYR B 113 -43.40 -25.74 37.21
CA TYR B 113 -43.57 -25.65 38.66
C TYR B 113 -43.83 -27.02 39.28
N GLU B 114 -44.52 -27.91 38.56
CA GLU B 114 -44.69 -29.28 39.01
C GLU B 114 -43.34 -29.95 39.24
N GLY B 115 -42.46 -29.88 38.24
CA GLY B 115 -41.14 -30.46 38.40
C GLY B 115 -40.36 -29.83 39.53
N MET B 116 -40.54 -28.52 39.72
CA MET B 116 -39.85 -27.86 40.82
C MET B 116 -40.23 -28.47 42.15
N PHE B 117 -41.53 -28.78 42.34
CA PHE B 117 -41.93 -29.43 43.58
C PHE B 117 -41.31 -30.82 43.69
N ASN B 118 -41.36 -31.60 42.62
CA ASN B 118 -40.80 -32.94 42.64
C ASN B 118 -39.30 -32.94 42.97
N ASP B 119 -38.56 -31.92 42.54
CA ASP B 119 -37.11 -31.93 42.64
C ASP B 119 -36.56 -31.30 43.91
N THR B 120 -37.39 -30.68 44.74
CA THR B 120 -36.91 -29.86 45.85
C THR B 120 -37.20 -30.52 47.19
N GLU B 121 -36.17 -30.70 48.01
CA GLU B 121 -36.36 -31.24 49.35
C GLU B 121 -37.11 -30.26 50.22
N GLY B 122 -38.05 -30.77 51.02
CA GLY B 122 -38.76 -29.95 51.97
C GLY B 122 -39.82 -29.06 51.37
N LEU B 123 -40.26 -29.33 50.15
CA LEU B 123 -41.24 -28.50 49.46
C LEU B 123 -42.30 -29.43 48.87
N ASP B 124 -43.50 -29.43 49.46
CA ASP B 124 -44.57 -30.33 49.05
C ASP B 124 -45.81 -29.55 48.63
N PHE B 125 -46.46 -30.02 47.56
CA PHE B 125 -47.66 -29.40 47.02
C PHE B 125 -48.88 -30.25 47.38
N PHE B 126 -49.97 -29.59 47.75
CA PHE B 126 -51.22 -30.27 48.07
C PHE B 126 -52.36 -29.62 47.28
N LEU B 127 -53.14 -30.45 46.58
CA LEU B 127 -54.25 -29.98 45.74
C LEU B 127 -55.57 -29.92 46.52
N GLY B 128 -56.22 -28.76 46.49
CA GLY B 128 -57.51 -28.58 47.13
C GLY B 128 -57.63 -27.20 47.76
N TRP B 129 -58.64 -27.03 48.59
CA TRP B 129 -59.00 -25.73 49.17
C TRP B 129 -58.56 -25.68 50.62
N GLY B 130 -57.68 -24.76 50.95
CA GLY B 130 -57.17 -24.63 52.30
C GLY B 130 -57.95 -23.60 53.10
N SER B 131 -58.06 -23.86 54.41
CA SER B 131 -58.71 -22.96 55.34
C SER B 131 -58.12 -23.17 56.73
N LEU B 132 -58.38 -22.20 57.61
CA LEU B 132 -57.86 -22.22 58.96
C LEU B 132 -58.85 -22.97 59.86
N GLU B 133 -58.40 -24.10 60.42
CA GLU B 133 -59.18 -24.84 61.42
C GLU B 133 -58.82 -24.43 62.84
N SER B 134 -57.53 -24.32 63.14
CA SER B 134 -57.06 -23.77 64.41
C SER B 134 -55.78 -23.00 64.14
N LYS B 135 -55.33 -22.25 65.16
CA LYS B 135 -54.18 -21.36 65.03
C LYS B 135 -52.92 -22.08 64.51
N ASN B 136 -52.85 -23.40 64.61
CA ASN B 136 -51.70 -24.13 64.11
C ASN B 136 -52.09 -25.31 63.23
N VAL B 137 -53.30 -25.30 62.67
CA VAL B 137 -53.77 -26.39 61.81
C VAL B 137 -54.43 -25.79 60.57
N VAL B 138 -53.99 -26.24 59.39
CA VAL B 138 -54.58 -25.89 58.11
C VAL B 138 -55.24 -27.14 57.53
N VAL B 139 -56.50 -27.00 57.12
CA VAL B 139 -57.29 -28.09 56.53
C VAL B 139 -57.39 -27.88 55.02
N VAL B 140 -57.34 -28.98 54.27
CA VAL B 140 -57.44 -28.99 52.82
C VAL B 140 -58.66 -29.83 52.45
N ARG B 141 -59.64 -29.22 51.80
CA ARG B 141 -60.88 -29.92 51.44
C ARG B 141 -61.03 -30.03 49.92
N GLU B 142 -62.07 -30.76 49.52
CA GLU B 142 -62.28 -31.08 48.10
C GLU B 142 -62.79 -29.89 47.31
N THR B 143 -63.64 -29.06 47.92
CA THR B 143 -64.25 -27.92 47.25
C THR B 143 -64.19 -26.73 48.19
N ALA B 144 -64.62 -25.56 47.69
CA ALA B 144 -64.67 -24.38 48.54
C ALA B 144 -65.69 -24.51 49.66
N ASP B 145 -66.60 -25.48 49.60
CA ASP B 145 -67.60 -25.67 50.63
C ASP B 145 -66.94 -26.14 51.92
N PRO B 146 -67.12 -25.44 53.04
CA PRO B 146 -66.42 -25.84 54.27
C PRO B 146 -66.96 -27.13 54.86
N LYS B 147 -67.88 -27.81 54.18
CA LYS B 147 -68.39 -29.10 54.63
C LYS B 147 -68.06 -30.23 53.66
N SER B 148 -67.23 -29.98 52.64
CA SER B 148 -66.80 -31.05 51.75
C SER B 148 -65.70 -31.88 52.41
N ALA B 149 -65.34 -32.98 51.74
CA ALA B 149 -64.52 -34.02 52.34
C ALA B 149 -63.11 -33.52 52.64
N VAL B 150 -62.65 -33.74 53.88
CA VAL B 150 -61.28 -33.40 54.25
C VAL B 150 -60.32 -34.32 53.51
N LYS B 151 -59.28 -33.72 52.92
CA LYS B 151 -58.24 -34.46 52.22
C LYS B 151 -56.93 -34.52 52.98
N GLU B 152 -56.60 -33.47 53.74
CA GLU B 152 -55.36 -33.40 54.50
C GLU B 152 -55.60 -32.52 55.72
N ARG B 153 -54.86 -32.80 56.78
CA ARG B 153 -54.78 -31.91 57.92
C ARG B 153 -53.30 -31.64 58.15
N LEU B 154 -52.90 -30.39 58.02
CA LEU B 154 -51.51 -29.99 58.08
C LEU B 154 -51.33 -29.10 59.29
N GLN B 155 -50.51 -29.52 60.23
CA GLN B 155 -50.18 -28.66 61.36
C GLN B 155 -48.94 -27.86 61.02
N ALA B 156 -48.88 -26.64 61.56
CA ALA B 156 -47.84 -25.72 61.15
C ALA B 156 -47.42 -24.85 62.31
N ASP B 157 -46.11 -24.63 62.43
CA ASP B 157 -45.63 -23.58 63.32
C ASP B 157 -45.99 -22.21 62.77
N HIS B 158 -46.02 -22.08 61.44
CA HIS B 158 -46.25 -20.82 60.76
C HIS B 158 -47.22 -21.04 59.61
N ILE B 159 -48.17 -20.11 59.45
CA ILE B 159 -49.14 -20.16 58.36
C ILE B 159 -49.05 -18.87 57.56
N LEU B 160 -49.03 -18.97 56.24
CA LEU B 160 -48.98 -17.83 55.33
C LEU B 160 -50.22 -17.82 54.45
N LEU B 161 -51.00 -16.75 54.56
CA LEU B 161 -52.17 -16.52 53.71
C LEU B 161 -51.71 -15.79 52.45
N ALA B 162 -51.91 -16.41 51.28
CA ALA B 162 -51.48 -15.83 50.02
C ALA B 162 -52.41 -16.28 48.89
N THR B 163 -53.70 -16.01 49.04
CA THR B 163 -54.72 -16.47 48.11
C THR B 163 -55.07 -15.45 47.04
N GLY B 164 -54.48 -14.26 47.07
CA GLY B 164 -54.65 -13.29 46.01
C GLY B 164 -55.97 -12.53 46.09
N SER B 165 -56.49 -12.16 44.91
CA SER B 165 -57.71 -11.38 44.75
C SER B 165 -58.62 -12.04 43.71
N TRP B 166 -59.76 -11.41 43.44
CA TRP B 166 -60.78 -11.94 42.54
C TRP B 166 -61.53 -10.76 41.94
N PRO B 167 -62.09 -10.91 40.73
CA PRO B 167 -62.77 -9.76 40.11
C PRO B 167 -64.02 -9.32 40.87
N GLN B 168 -64.14 -8.03 41.04
CA GLN B 168 -65.31 -7.42 41.68
C GLN B 168 -66.43 -7.30 40.66
N MET B 169 -67.63 -7.74 41.02
CA MET B 169 -68.77 -7.65 40.12
C MET B 169 -69.86 -6.82 40.75
N PRO B 170 -70.35 -5.78 40.08
CA PRO B 170 -71.36 -4.91 40.70
C PRO B 170 -72.70 -5.61 40.84
N ALA B 171 -73.47 -5.18 41.84
CA ALA B 171 -74.79 -5.74 42.12
C ALA B 171 -75.82 -5.01 41.27
N ILE B 172 -75.84 -5.33 39.99
CA ILE B 172 -76.83 -4.77 39.07
C ILE B 172 -77.64 -5.91 38.46
N PRO B 173 -78.92 -5.71 38.17
CA PRO B 173 -79.68 -6.76 37.47
C PRO B 173 -79.00 -7.15 36.15
N GLY B 174 -78.88 -8.46 35.94
CA GLY B 174 -78.24 -8.97 34.74
C GLY B 174 -76.73 -9.10 34.82
N ILE B 175 -76.14 -8.97 36.01
CA ILE B 175 -74.70 -9.11 36.15
C ILE B 175 -74.24 -10.46 35.64
N GLU B 176 -75.13 -11.46 35.71
CA GLU B 176 -74.78 -12.83 35.34
C GLU B 176 -74.57 -13.00 33.84
N HIS B 177 -74.97 -12.02 33.02
CA HIS B 177 -74.68 -12.04 31.59
C HIS B 177 -73.38 -11.32 31.23
N CYS B 178 -72.57 -10.97 32.22
CA CYS B 178 -71.29 -10.32 32.02
C CYS B 178 -70.17 -11.30 32.34
N ILE B 179 -68.97 -11.01 31.82
CA ILE B 179 -67.76 -11.78 32.15
C ILE B 179 -66.76 -10.86 32.84
N SER B 180 -65.68 -11.48 33.33
CA SER B 180 -64.51 -10.79 33.86
C SER B 180 -63.31 -11.14 32.98
N SER B 181 -62.13 -10.67 33.40
CA SER B 181 -60.92 -10.99 32.64
C SER B 181 -60.62 -12.49 32.64
N ASN B 182 -61.03 -13.21 33.69
CA ASN B 182 -60.85 -14.68 33.72
C ASN B 182 -61.37 -15.34 32.45
N GLU B 183 -62.61 -15.05 32.08
CA GLU B 183 -63.26 -15.65 30.92
C GLU B 183 -62.75 -15.05 29.61
N ALA B 184 -62.38 -13.76 29.63
CA ALA B 184 -61.82 -13.13 28.44
C ALA B 184 -60.65 -13.95 27.89
N PHE B 185 -59.80 -14.49 28.77
CA PHE B 185 -58.67 -15.28 28.34
C PHE B 185 -59.05 -16.55 27.57
N TYR B 186 -60.33 -16.96 27.57
CA TYR B 186 -60.70 -18.23 26.96
C TYR B 186 -61.86 -18.13 25.99
N LEU B 187 -62.24 -16.92 25.56
CA LEU B 187 -63.36 -16.78 24.63
C LEU B 187 -63.10 -17.59 23.35
N PRO B 188 -64.06 -18.40 22.90
CA PRO B 188 -63.80 -19.21 21.68
C PRO B 188 -63.54 -18.37 20.44
N GLU B 189 -64.23 -17.24 20.29
CA GLU B 189 -64.12 -16.35 19.15
C GLU B 189 -63.85 -14.94 19.67
N PRO B 190 -63.18 -14.09 18.88
CA PRO B 190 -62.99 -12.69 19.30
C PRO B 190 -64.30 -11.94 19.18
N PRO B 191 -64.72 -11.20 20.21
CA PRO B 191 -66.00 -10.52 20.14
C PRO B 191 -65.97 -9.43 19.08
N ARG B 192 -67.05 -9.36 18.31
CA ARG B 192 -67.16 -8.31 17.31
C ARG B 192 -67.43 -6.96 17.94
N ARG B 193 -68.44 -6.87 18.82
CA ARG B 193 -68.71 -5.67 19.61
C ARG B 193 -68.53 -6.03 21.07
N VAL B 194 -67.71 -5.28 21.78
CA VAL B 194 -67.45 -5.54 23.19
C VAL B 194 -67.46 -4.23 23.96
N LEU B 195 -68.06 -4.25 25.15
CA LEU B 195 -67.97 -3.17 26.12
C LEU B 195 -67.06 -3.64 27.25
N THR B 196 -65.99 -2.90 27.54
CA THR B 196 -65.20 -3.12 28.75
C THR B 196 -65.56 -2.05 29.77
N VAL B 197 -65.92 -2.49 30.97
CA VAL B 197 -66.42 -1.62 32.02
C VAL B 197 -65.30 -1.39 33.02
N GLY B 198 -64.81 -0.17 33.09
CA GLY B 198 -63.82 0.22 34.08
C GLY B 198 -62.75 1.10 33.50
N GLY B 199 -62.13 1.90 34.37
CA GLY B 199 -61.11 2.86 33.99
C GLY B 199 -59.69 2.42 34.27
N GLY B 200 -59.49 1.26 34.88
CA GLY B 200 -58.17 0.83 35.34
C GLY B 200 -57.44 0.04 34.27
N PHE B 201 -56.25 -0.44 34.64
CA PHE B 201 -55.34 -0.96 33.63
C PHE B 201 -55.87 -2.21 32.95
N ILE B 202 -56.67 -3.02 33.65
CA ILE B 202 -57.16 -4.25 33.04
C ILE B 202 -58.17 -3.95 31.92
N SER B 203 -59.14 -3.08 32.19
CA SER B 203 -60.08 -2.63 31.16
C SER B 203 -59.34 -2.04 29.96
N VAL B 204 -58.37 -1.14 30.22
CA VAL B 204 -57.67 -0.45 29.14
C VAL B 204 -56.83 -1.42 28.33
N GLU B 205 -56.21 -2.41 28.98
CA GLU B 205 -55.34 -3.34 28.27
C GLU B 205 -56.14 -4.29 27.39
N PHE B 206 -57.25 -4.82 27.91
CA PHE B 206 -58.09 -5.69 27.12
C PHE B 206 -58.78 -4.93 26.00
N ALA B 207 -59.14 -3.67 26.22
CA ALA B 207 -59.70 -2.86 25.13
C ALA B 207 -58.77 -2.86 23.92
N GLY B 208 -57.46 -2.66 24.16
CA GLY B 208 -56.51 -2.71 23.07
C GLY B 208 -56.42 -4.08 22.43
N ILE B 209 -56.53 -5.15 23.23
CA ILE B 209 -56.44 -6.50 22.68
C ILE B 209 -57.61 -6.78 21.74
N PHE B 210 -58.85 -6.60 22.23
CA PHE B 210 -60.05 -6.81 21.41
C PHE B 210 -60.06 -5.89 20.19
N ASN B 211 -59.52 -4.67 20.32
CA ASN B 211 -59.48 -3.73 19.19
C ASN B 211 -58.72 -4.30 18.00
N ALA B 212 -57.61 -5.02 18.23
CA ALA B 212 -56.83 -5.55 17.13
C ALA B 212 -57.42 -6.84 16.55
N TYR B 213 -58.05 -7.67 17.36
CA TYR B 213 -58.46 -8.99 16.91
C TYR B 213 -59.95 -9.07 16.52
N LYS B 214 -60.66 -7.94 16.51
CA LYS B 214 -62.09 -7.94 16.22
C LYS B 214 -62.37 -8.21 14.74
N PRO B 215 -63.43 -8.95 14.43
CA PRO B 215 -63.79 -9.24 13.04
C PRO B 215 -64.24 -7.99 12.32
N PRO B 216 -64.48 -8.07 11.00
CA PRO B 216 -64.90 -6.88 10.25
C PRO B 216 -66.20 -6.29 10.78
N GLY B 217 -66.27 -4.97 10.78
CA GLY B 217 -67.40 -4.27 11.33
C GLY B 217 -67.40 -4.16 12.85
N GLY B 218 -66.31 -4.56 13.52
CA GLY B 218 -66.28 -4.59 14.96
C GLY B 218 -66.12 -3.22 15.59
N LYS B 219 -66.34 -3.17 16.90
CA LYS B 219 -66.19 -1.94 17.66
C LYS B 219 -65.94 -2.31 19.12
N VAL B 220 -64.94 -1.66 19.72
CA VAL B 220 -64.67 -1.79 21.15
C VAL B 220 -65.08 -0.49 21.81
N THR B 221 -65.90 -0.58 22.86
CA THR B 221 -66.28 0.55 23.70
C THR B 221 -65.78 0.30 25.12
N LEU B 222 -65.10 1.28 25.68
CA LEU B 222 -64.74 1.27 27.10
C LEU B 222 -65.59 2.33 27.78
N CYS B 223 -66.23 1.97 28.89
CA CYS B 223 -66.95 2.97 29.68
C CYS B 223 -66.33 3.08 31.06
N TYR B 224 -66.49 4.25 31.68
CA TYR B 224 -65.96 4.52 33.00
C TYR B 224 -66.84 5.54 33.67
N ARG B 225 -67.07 5.38 34.98
CA ARG B 225 -68.16 6.09 35.63
C ARG B 225 -67.81 7.54 35.96
N ASN B 226 -66.53 7.90 36.02
CA ASN B 226 -66.13 9.27 36.27
C ASN B 226 -65.57 9.89 35.00
N ASN B 227 -64.88 11.02 35.17
CA ASN B 227 -64.59 11.89 34.04
C ASN B 227 -63.35 11.47 33.24
N LEU B 228 -62.41 10.74 33.83
CA LEU B 228 -61.13 10.49 33.17
C LEU B 228 -60.58 9.13 33.60
N ILE B 229 -60.21 8.29 32.64
CA ILE B 229 -59.76 6.94 32.94
C ILE B 229 -58.43 6.94 33.68
N LEU B 230 -58.07 5.79 34.25
CA LEU B 230 -56.73 5.53 34.77
C LEU B 230 -56.40 6.45 35.95
N ARG B 231 -57.32 6.51 36.90
CA ARG B 231 -57.09 7.22 38.16
C ARG B 231 -55.82 6.71 38.82
N GLY B 232 -55.05 7.64 39.40
CA GLY B 232 -53.82 7.30 40.10
C GLY B 232 -52.56 7.42 39.26
N PHE B 233 -52.71 7.51 37.94
CA PHE B 233 -51.62 7.78 37.02
C PHE B 233 -51.54 9.29 36.72
N ASP B 234 -50.41 9.70 36.13
CA ASP B 234 -50.17 11.10 35.79
C ASP B 234 -51.30 11.64 34.93
N GLU B 235 -51.72 12.89 35.20
CA GLU B 235 -52.92 13.41 34.56
C GLU B 235 -52.69 13.73 33.09
N THR B 236 -51.55 14.32 32.75
CA THR B 236 -51.20 14.51 31.34
C THR B 236 -51.30 13.19 30.58
N ILE B 237 -50.82 12.11 31.19
CA ILE B 237 -50.75 10.83 30.50
C ILE B 237 -52.14 10.20 30.41
N ARG B 238 -52.97 10.40 31.44
CA ARG B 238 -54.36 9.94 31.36
C ARG B 238 -55.09 10.60 30.19
N GLU B 239 -54.85 11.88 29.96
CA GLU B 239 -55.49 12.58 28.85
C GLU B 239 -54.92 12.12 27.52
N GLU B 240 -53.60 11.94 27.43
CA GLU B 240 -52.99 11.53 26.17
C GLU B 240 -53.38 10.10 25.80
N VAL B 241 -53.32 9.18 26.76
CA VAL B 241 -53.66 7.80 26.38
C VAL B 241 -55.12 7.70 25.96
N THR B 242 -56.01 8.48 26.58
CA THR B 242 -57.40 8.61 26.13
C THR B 242 -57.46 9.02 24.67
N LYS B 243 -56.69 10.04 24.31
CA LYS B 243 -56.67 10.55 22.95
C LYS B 243 -56.12 9.51 21.97
N GLN B 244 -55.09 8.76 22.37
CA GLN B 244 -54.43 7.85 21.43
C GLN B 244 -55.21 6.55 21.27
N LEU B 245 -55.93 6.12 22.31
CA LEU B 245 -56.86 4.99 22.15
C LEU B 245 -57.99 5.37 21.21
N THR B 246 -58.52 6.58 21.35
CA THR B 246 -59.57 7.06 20.46
C THR B 246 -59.08 7.11 19.01
N ALA B 247 -57.83 7.57 18.79
CA ALA B 247 -57.29 7.65 17.44
C ALA B 247 -57.17 6.27 16.79
N ASN B 248 -57.13 5.20 17.58
CA ASN B 248 -57.01 3.85 17.06
C ASN B 248 -58.36 3.15 17.00
N GLY B 249 -59.46 3.89 17.15
CA GLY B 249 -60.77 3.36 16.89
C GLY B 249 -61.57 2.88 18.10
N ILE B 250 -61.07 3.08 19.30
CA ILE B 250 -61.76 2.67 20.51
C ILE B 250 -62.60 3.85 20.99
N GLU B 251 -63.85 3.59 21.32
CA GLU B 251 -64.74 4.61 21.87
C GLU B 251 -64.65 4.64 23.39
N ILE B 252 -64.33 5.80 23.96
CA ILE B 252 -64.20 5.99 25.40
C ILE B 252 -65.46 6.73 25.89
N MET B 253 -66.37 6.01 26.58
CA MET B 253 -67.56 6.62 27.19
C MET B 253 -67.24 6.98 28.64
N THR B 254 -67.01 8.26 28.92
CA THR B 254 -66.81 8.67 30.31
C THR B 254 -68.11 9.18 30.92
N ASN B 255 -68.11 9.24 32.25
CA ASN B 255 -69.30 9.58 33.06
C ASN B 255 -70.50 8.68 32.71
N GLU B 256 -70.22 7.40 32.46
CA GLU B 256 -71.28 6.44 32.15
C GLU B 256 -71.06 5.17 32.94
N ASN B 257 -72.15 4.56 33.42
CA ASN B 257 -72.04 3.37 34.24
C ASN B 257 -73.22 2.43 33.99
N PRO B 258 -72.98 1.18 33.63
CA PRO B 258 -74.10 0.24 33.44
C PRO B 258 -75.05 0.19 34.64
N ALA B 259 -76.35 0.25 34.34
CA ALA B 259 -77.42 0.09 35.32
C ALA B 259 -78.05 -1.29 35.27
N LYS B 260 -78.10 -1.92 34.10
CA LYS B 260 -78.57 -3.29 33.98
C LYS B 260 -78.12 -3.83 32.63
N VAL B 261 -78.12 -5.16 32.53
CA VAL B 261 -77.84 -5.89 31.30
C VAL B 261 -78.91 -6.95 31.13
N SER B 262 -79.37 -7.14 29.89
CA SER B 262 -80.38 -8.14 29.58
C SER B 262 -80.02 -8.86 28.29
N LEU B 263 -80.58 -10.06 28.13
CA LEU B 263 -80.31 -10.92 26.99
C LEU B 263 -81.18 -10.54 25.79
N ASN B 264 -80.58 -10.52 24.60
CA ASN B 264 -81.30 -10.36 23.34
C ASN B 264 -81.58 -11.72 22.72
N THR B 265 -82.57 -11.77 21.83
CA THR B 265 -82.93 -13.05 21.22
C THR B 265 -81.78 -13.66 20.42
N ASP B 266 -80.87 -12.85 19.89
CA ASP B 266 -79.76 -13.40 19.12
C ASP B 266 -78.56 -13.77 19.96
N GLY B 267 -78.65 -13.70 21.29
CA GLY B 267 -77.56 -14.06 22.18
C GLY B 267 -76.69 -12.90 22.63
N SER B 268 -76.79 -11.73 21.97
CA SER B 268 -76.03 -10.58 22.40
C SER B 268 -76.67 -9.93 23.63
N LYS B 269 -75.99 -8.91 24.15
CA LYS B 269 -76.34 -8.26 25.41
C LYS B 269 -76.82 -6.84 25.17
N HIS B 270 -77.91 -6.48 25.85
CA HIS B 270 -78.50 -5.15 25.83
C HIS B 270 -78.14 -4.47 27.15
N VAL B 271 -77.28 -3.46 27.08
CA VAL B 271 -76.79 -2.72 28.25
C VAL B 271 -77.56 -1.41 28.38
N THR B 272 -78.12 -1.16 29.56
CA THR B 272 -78.75 0.11 29.88
C THR B 272 -77.90 0.85 30.89
N PHE B 273 -77.51 2.07 30.57
CA PHE B 273 -76.68 2.87 31.45
C PHE B 273 -77.56 3.68 32.40
N GLU B 274 -76.95 4.12 33.52
CA GLU B 274 -77.67 4.96 34.47
C GLU B 274 -78.24 6.19 33.79
N SER B 275 -77.55 6.71 32.78
CA SER B 275 -77.98 7.90 32.06
C SER B 275 -79.20 7.68 31.18
N GLY B 276 -79.61 6.42 30.94
CA GLY B 276 -80.65 6.14 29.98
C GLY B 276 -80.16 5.65 28.63
N LYS B 277 -78.90 5.92 28.29
N LYS B 277 -78.90 5.91 28.29
N LYS B 277 -78.90 5.92 28.29
N LYS B 277 -78.90 5.91 28.29
CA LYS B 277 -78.35 5.43 27.03
CA LYS B 277 -78.35 5.43 27.03
CA LYS B 277 -78.35 5.43 27.03
CA LYS B 277 -78.34 5.44 27.03
C LYS B 277 -78.33 3.90 27.01
C LYS B 277 -78.30 3.90 27.01
C LYS B 277 -78.33 3.90 27.01
C LYS B 277 -78.31 3.90 27.02
N THR B 278 -78.39 3.34 25.81
CA THR B 278 -78.33 1.89 25.63
C THR B 278 -77.25 1.55 24.62
N LEU B 279 -76.75 0.31 24.72
CA LEU B 279 -75.74 -0.19 23.81
C LEU B 279 -75.92 -1.70 23.70
N ASP B 280 -75.98 -2.21 22.47
CA ASP B 280 -75.97 -3.66 22.24
C ASP B 280 -74.56 -4.10 21.90
N VAL B 281 -74.03 -5.06 22.67
CA VAL B 281 -72.71 -5.63 22.43
C VAL B 281 -72.80 -7.16 22.46
N ASP B 282 -71.75 -7.80 21.97
CA ASP B 282 -71.66 -9.25 22.08
C ASP B 282 -71.12 -9.71 23.43
N VAL B 283 -70.24 -8.93 24.07
CA VAL B 283 -69.60 -9.30 25.33
C VAL B 283 -69.56 -8.05 26.22
N VAL B 284 -69.83 -8.23 27.52
CA VAL B 284 -69.68 -7.18 28.53
C VAL B 284 -68.66 -7.71 29.53
N MET B 285 -67.50 -7.05 29.62
CA MET B 285 -66.42 -7.48 30.51
C MET B 285 -66.30 -6.47 31.63
N MET B 286 -66.68 -6.89 32.84
CA MET B 286 -66.53 -6.03 34.02
C MET B 286 -65.08 -6.05 34.47
N ALA B 287 -64.48 -4.87 34.57
CA ALA B 287 -63.11 -4.73 35.04
C ALA B 287 -63.04 -3.54 35.99
N ILE B 288 -63.94 -3.51 36.96
CA ILE B 288 -64.06 -2.34 37.84
C ILE B 288 -63.21 -2.46 39.09
N GLY B 289 -62.53 -3.58 39.30
CA GLY B 289 -61.77 -3.74 40.53
C GLY B 289 -61.55 -5.19 40.85
N ARG B 290 -60.67 -5.40 41.82
CA ARG B 290 -60.34 -6.73 42.33
C ARG B 290 -60.28 -6.65 43.85
N ILE B 291 -60.89 -7.63 44.52
CA ILE B 291 -61.01 -7.58 45.97
C ILE B 291 -60.29 -8.77 46.60
N PRO B 292 -59.78 -8.64 47.83
CA PRO B 292 -58.99 -9.74 48.42
C PRO B 292 -59.83 -10.99 48.55
N ARG B 293 -59.17 -12.13 48.38
CA ARG B 293 -59.85 -13.43 48.32
C ARG B 293 -59.79 -14.10 49.69
N THR B 294 -60.73 -13.72 50.57
CA THR B 294 -60.72 -14.13 51.97
C THR B 294 -61.85 -15.06 52.38
N ASN B 295 -62.88 -15.24 51.55
CA ASN B 295 -64.12 -15.82 52.06
C ASN B 295 -64.02 -17.32 52.30
N ASP B 296 -63.17 -18.03 51.58
CA ASP B 296 -63.09 -19.47 51.75
C ASP B 296 -62.09 -19.91 52.80
N LEU B 297 -61.43 -18.97 53.48
CA LEU B 297 -60.36 -19.30 54.42
C LEU B 297 -60.85 -19.57 55.84
N GLN B 298 -62.11 -19.26 56.14
CA GLN B 298 -62.67 -19.46 57.47
C GLN B 298 -61.85 -18.71 58.53
N LEU B 299 -61.54 -17.46 58.24
CA LEU B 299 -60.75 -16.66 59.17
C LEU B 299 -61.43 -16.51 60.53
N GLY B 300 -62.74 -16.74 60.61
CA GLY B 300 -63.44 -16.64 61.89
C GLY B 300 -63.04 -17.73 62.86
N ASN B 301 -62.60 -18.87 62.34
CA ASN B 301 -62.16 -19.97 63.18
C ASN B 301 -61.00 -19.57 64.10
N VAL B 302 -60.23 -18.55 63.74
CA VAL B 302 -59.06 -18.20 64.54
C VAL B 302 -59.07 -16.72 64.91
N GLY B 303 -59.89 -15.93 64.22
CA GLY B 303 -60.00 -14.51 64.54
C GLY B 303 -59.01 -13.58 63.86
N VAL B 304 -58.58 -13.89 62.64
CA VAL B 304 -57.73 -12.97 61.89
C VAL B 304 -58.53 -11.73 61.54
N LYS B 305 -58.04 -10.56 61.94
CA LYS B 305 -58.76 -9.31 61.69
C LYS B 305 -58.61 -8.84 60.25
N LEU B 306 -59.69 -8.28 59.71
CA LEU B 306 -59.71 -7.64 58.40
C LEU B 306 -59.84 -6.13 58.57
N THR B 307 -59.36 -5.40 57.56
CA THR B 307 -59.53 -3.95 57.49
C THR B 307 -60.94 -3.64 57.04
N PRO B 308 -61.40 -2.39 57.20
CA PRO B 308 -62.76 -2.05 56.70
C PRO B 308 -62.95 -2.39 55.25
N LYS B 309 -61.89 -2.30 54.44
CA LYS B 309 -62.01 -2.52 53.00
C LYS B 309 -62.01 -4.01 52.62
N GLY B 310 -61.62 -4.91 53.52
CA GLY B 310 -61.70 -6.33 53.26
C GLY B 310 -60.37 -7.06 53.16
N GLY B 311 -59.25 -6.36 53.16
CA GLY B 311 -57.98 -7.04 53.21
C GLY B 311 -57.68 -7.60 54.59
N VAL B 312 -56.86 -8.65 54.63
CA VAL B 312 -56.31 -9.09 55.90
C VAL B 312 -55.40 -8.01 56.45
N GLN B 313 -55.61 -7.63 57.70
CA GLN B 313 -54.79 -6.59 58.29
C GLN B 313 -53.41 -7.12 58.62
N VAL B 314 -52.37 -6.34 58.30
CA VAL B 314 -50.99 -6.73 58.55
C VAL B 314 -50.20 -5.53 59.04
N ASP B 315 -49.12 -5.79 59.80
CA ASP B 315 -48.11 -4.77 60.03
C ASP B 315 -47.06 -4.81 58.93
N GLU B 316 -46.05 -3.94 59.06
CA GLU B 316 -44.99 -3.80 58.06
C GLU B 316 -44.22 -5.09 57.82
N PHE B 317 -44.31 -6.07 58.72
CA PHE B 317 -43.63 -7.34 58.55
C PHE B 317 -44.58 -8.46 58.17
N SER B 318 -45.79 -8.11 57.73
CA SER B 318 -46.77 -9.04 57.17
C SER B 318 -47.44 -9.92 58.23
N ARG B 319 -47.38 -9.51 59.49
CA ARG B 319 -47.95 -10.28 60.59
C ARG B 319 -49.37 -9.84 60.86
N THR B 320 -50.28 -10.80 60.96
CA THR B 320 -51.65 -10.53 61.38
C THR B 320 -51.68 -10.24 62.87
N ASN B 321 -52.89 -10.15 63.43
CA ASN B 321 -53.09 -10.03 64.87
C ASN B 321 -52.91 -11.37 65.58
N VAL B 322 -53.00 -12.47 64.85
CA VAL B 322 -52.84 -13.81 65.42
C VAL B 322 -51.38 -14.21 65.25
N PRO B 323 -50.64 -14.46 66.34
CA PRO B 323 -49.22 -14.85 66.20
C PRO B 323 -49.05 -16.05 65.28
N ASN B 324 -47.95 -16.05 64.54
CA ASN B 324 -47.53 -17.14 63.64
C ASN B 324 -48.36 -17.25 62.37
N ILE B 325 -49.28 -16.32 62.11
CA ILE B 325 -50.08 -16.32 60.90
C ILE B 325 -49.78 -15.04 60.12
N TYR B 326 -49.47 -15.18 58.85
CA TYR B 326 -48.99 -14.06 58.04
C TYR B 326 -49.81 -13.94 56.77
N ALA B 327 -49.84 -12.74 56.19
CA ALA B 327 -50.51 -12.50 54.92
C ALA B 327 -49.66 -11.61 54.03
N ILE B 328 -49.51 -12.01 52.76
CA ILE B 328 -48.77 -11.21 51.78
C ILE B 328 -49.58 -11.17 50.48
N GLY B 329 -49.20 -10.24 49.59
CA GLY B 329 -49.76 -10.20 48.24
C GLY B 329 -51.11 -9.49 48.20
N ASP B 330 -51.90 -9.83 47.17
CA ASP B 330 -53.16 -9.12 46.94
C ASP B 330 -54.14 -9.25 48.11
N ILE B 331 -53.99 -10.27 48.96
CA ILE B 331 -54.95 -10.45 50.05
C ILE B 331 -54.81 -9.33 51.08
N THR B 332 -53.69 -8.62 51.10
CA THR B 332 -53.53 -7.48 51.98
C THR B 332 -54.06 -6.19 51.37
N ASP B 333 -54.54 -6.24 50.12
CA ASP B 333 -55.28 -5.13 49.50
C ASP B 333 -54.47 -3.83 49.51
N ARG B 334 -53.20 -3.92 49.11
CA ARG B 334 -52.34 -2.75 49.05
C ARG B 334 -51.94 -2.56 47.58
N LEU B 335 -50.64 -2.58 47.26
CA LEU B 335 -50.22 -2.60 45.86
C LEU B 335 -50.43 -4.01 45.30
N MET B 336 -51.30 -4.15 44.30
CA MET B 336 -51.57 -5.45 43.67
C MET B 336 -50.67 -5.62 42.44
N LEU B 337 -49.45 -6.10 42.70
CA LEU B 337 -48.42 -6.29 41.67
C LEU B 337 -47.62 -7.55 41.99
N THR B 338 -47.32 -8.35 40.97
CA THR B 338 -46.56 -9.58 41.20
C THR B 338 -45.20 -9.34 41.86
N PRO B 339 -44.36 -8.39 41.43
CA PRO B 339 -43.07 -8.22 42.10
C PRO B 339 -43.17 -7.69 43.54
N VAL B 340 -44.26 -7.00 43.89
CA VAL B 340 -44.46 -6.64 45.29
C VAL B 340 -44.78 -7.89 46.12
N ALA B 341 -45.63 -8.78 45.60
CA ALA B 341 -45.96 -10.00 46.33
C ALA B 341 -44.71 -10.85 46.56
N ILE B 342 -43.87 -10.96 45.53
CA ILE B 342 -42.62 -11.72 45.64
C ILE B 342 -41.69 -11.11 46.68
N ASN B 343 -41.49 -9.78 46.63
CA ASN B 343 -40.67 -9.10 47.62
C ASN B 343 -41.20 -9.36 49.04
N GLU B 344 -42.52 -9.23 49.23
CA GLU B 344 -43.11 -9.46 50.54
C GLU B 344 -42.86 -10.88 51.05
N GLY B 345 -43.05 -11.88 50.18
CA GLY B 345 -42.77 -13.25 50.59
C GLY B 345 -41.34 -13.45 51.05
N ALA B 346 -40.39 -12.86 50.31
CA ALA B 346 -38.99 -13.06 50.65
C ALA B 346 -38.63 -12.35 51.96
N ALA B 347 -39.11 -11.12 52.14
CA ALA B 347 -38.88 -10.41 53.39
C ALA B 347 -39.43 -11.21 54.57
N LEU B 348 -40.61 -11.80 54.40
CA LEU B 348 -41.24 -12.55 55.48
C LEU B 348 -40.37 -13.73 55.92
N VAL B 349 -39.90 -14.52 54.97
CA VAL B 349 -39.09 -15.69 55.30
C VAL B 349 -37.74 -15.27 55.89
N ASP B 350 -37.13 -14.20 55.35
CA ASP B 350 -35.89 -13.72 55.94
C ASP B 350 -36.09 -13.28 57.39
N THR B 351 -37.28 -12.77 57.72
CA THR B 351 -37.55 -12.31 59.08
C THR B 351 -37.79 -13.48 60.03
N VAL B 352 -38.62 -14.42 59.60
CA VAL B 352 -39.07 -15.49 60.48
C VAL B 352 -38.00 -16.56 60.62
N PHE B 353 -37.40 -16.99 59.52
CA PHE B 353 -36.50 -18.13 59.55
C PHE B 353 -35.03 -17.76 59.42
N GLY B 354 -34.71 -16.48 59.32
CA GLY B 354 -33.33 -16.04 59.33
C GLY B 354 -33.11 -15.00 60.41
N ASN B 355 -31.84 -14.67 60.64
CA ASN B 355 -31.52 -13.69 61.67
C ASN B 355 -31.37 -12.32 61.01
N LYS B 356 -32.51 -11.79 60.53
CA LYS B 356 -32.51 -10.56 59.75
C LYS B 356 -33.92 -10.07 59.44
N PRO B 357 -34.57 -9.33 60.33
CA PRO B 357 -35.87 -8.76 59.99
C PRO B 357 -35.77 -7.86 58.77
N ARG B 358 -36.68 -8.06 57.82
CA ARG B 358 -36.73 -7.31 56.57
C ARG B 358 -38.19 -6.92 56.31
N LYS B 359 -38.41 -5.66 55.93
CA LYS B 359 -39.74 -5.21 55.55
C LYS B 359 -39.71 -4.62 54.15
N THR B 360 -40.76 -4.87 53.38
CA THR B 360 -40.83 -4.39 52.00
C THR B 360 -41.09 -2.89 51.96
N ASP B 361 -40.42 -2.21 51.03
CA ASP B 361 -40.61 -0.78 50.80
C ASP B 361 -41.69 -0.63 49.72
N HIS B 362 -42.84 -0.06 50.10
CA HIS B 362 -43.94 0.13 49.17
C HIS B 362 -43.94 1.49 48.48
N THR B 363 -42.94 2.33 48.73
CA THR B 363 -42.78 3.56 47.98
C THR B 363 -41.87 3.33 46.78
N ARG B 364 -42.05 4.18 45.76
CA ARG B 364 -41.14 4.27 44.63
C ARG B 364 -41.06 2.94 43.88
N VAL B 365 -42.18 2.25 43.78
CA VAL B 365 -42.26 0.97 43.05
C VAL B 365 -42.58 1.30 41.61
N ALA B 366 -41.71 0.86 40.70
CA ALA B 366 -41.97 1.06 39.27
C ALA B 366 -43.02 0.07 38.78
N SER B 367 -43.85 0.52 37.83
CA SER B 367 -44.91 -0.33 37.28
C SER B 367 -45.28 0.19 35.90
N ALA B 368 -46.16 -0.55 35.22
CA ALA B 368 -46.47 -0.26 33.84
C ALA B 368 -47.92 -0.58 33.54
N VAL B 369 -48.43 0.01 32.45
CA VAL B 369 -49.69 -0.37 31.80
C VAL B 369 -49.35 -0.74 30.37
N PHE B 370 -49.72 -1.95 29.96
CA PHE B 370 -49.48 -2.35 28.58
C PHE B 370 -50.67 -2.03 27.69
N SER B 371 -51.06 -0.76 27.78
CA SER B 371 -51.89 -0.11 26.79
C SER B 371 -51.10 0.09 25.50
N ILE B 372 -51.81 0.44 24.44
CA ILE B 372 -51.16 0.67 23.16
C ILE B 372 -51.42 2.13 22.82
N PRO B 373 -50.41 3.00 22.96
CA PRO B 373 -49.05 2.74 23.45
C PRO B 373 -49.00 2.67 24.99
N PRO B 374 -47.92 2.14 25.54
CA PRO B 374 -47.89 1.79 26.97
C PRO B 374 -47.38 2.90 27.88
N ILE B 375 -47.55 2.66 29.19
CA ILE B 375 -47.15 3.58 30.25
C ILE B 375 -46.08 2.92 31.11
N GLY B 376 -45.09 3.70 31.51
CA GLY B 376 -44.17 3.31 32.58
C GLY B 376 -44.04 4.45 33.58
N THR B 377 -44.10 4.10 34.86
CA THR B 377 -44.11 5.12 35.92
C THR B 377 -43.41 4.60 37.18
N CYS B 378 -42.82 5.52 37.92
CA CYS B 378 -42.24 5.23 39.23
C CYS B 378 -42.39 6.45 40.14
N GLY B 379 -42.93 6.23 41.33
CA GLY B 379 -43.01 7.31 42.32
C GLY B 379 -44.26 8.16 42.17
N LEU B 380 -44.16 9.39 42.70
CA LEU B 380 -45.34 10.20 42.99
C LEU B 380 -45.83 10.99 41.78
N ILE B 381 -47.15 11.04 41.59
CA ILE B 381 -47.73 12.02 40.67
C ILE B 381 -47.73 13.39 41.34
N GLU B 382 -47.86 14.44 40.51
CA GLU B 382 -47.56 15.79 40.98
C GLU B 382 -48.58 16.28 42.01
N GLU B 383 -49.87 15.92 41.87
CA GLU B 383 -50.86 16.41 42.83
C GLU B 383 -50.76 15.71 44.18
N VAL B 384 -50.23 14.49 44.22
CA VAL B 384 -49.90 13.89 45.51
C VAL B 384 -48.64 14.54 46.10
N ALA B 385 -47.61 14.76 45.27
CA ALA B 385 -46.43 15.46 45.74
C ALA B 385 -46.79 16.83 46.31
N ALA B 386 -47.69 17.55 45.64
CA ALA B 386 -47.99 18.92 46.06
C ALA B 386 -48.67 18.99 47.41
N LYS B 387 -49.17 17.86 47.94
CA LYS B 387 -49.74 17.85 49.28
C LYS B 387 -48.71 17.54 50.36
N GLU B 388 -47.54 17.03 49.97
CA GLU B 388 -46.51 16.64 50.92
C GLU B 388 -45.33 17.61 50.96
N PHE B 389 -45.17 18.46 49.94
CA PHE B 389 -43.99 19.31 49.79
C PHE B 389 -44.43 20.73 49.45
N GLU B 390 -43.75 21.71 50.02
CA GLU B 390 -44.18 23.11 49.83
C GLU B 390 -43.97 23.55 48.40
N LYS B 391 -42.87 23.14 47.76
CA LYS B 391 -42.56 23.57 46.40
C LYS B 391 -42.20 22.36 45.55
N VAL B 392 -42.98 22.15 44.48
CA VAL B 392 -42.84 21.03 43.56
C VAL B 392 -42.61 21.58 42.16
N ALA B 393 -41.59 21.08 41.47
CA ALA B 393 -41.40 21.41 40.06
C ALA B 393 -41.85 20.23 39.19
N VAL B 394 -42.44 20.55 38.04
CA VAL B 394 -42.78 19.55 37.04
C VAL B 394 -42.03 19.88 35.76
N TYR B 395 -41.22 18.92 35.28
CA TYR B 395 -40.51 19.02 34.01
C TYR B 395 -41.24 18.16 32.99
N MET B 396 -41.52 18.72 31.81
CA MET B 396 -42.42 18.06 30.86
C MET B 396 -41.88 18.14 29.43
N SER B 397 -41.98 17.01 28.72
CA SER B 397 -41.61 16.91 27.30
C SER B 397 -42.65 16.05 26.61
N SER B 398 -43.21 16.55 25.50
CA SER B 398 -44.30 15.85 24.81
C SER B 398 -44.25 16.20 23.32
N PHE B 399 -43.93 15.21 22.49
CA PHE B 399 -43.80 15.42 21.05
C PHE B 399 -44.06 14.09 20.37
N THR B 400 -44.36 14.16 19.08
CA THR B 400 -44.43 12.96 18.27
C THR B 400 -43.03 12.59 17.79
N PRO B 401 -42.55 11.40 18.08
CA PRO B 401 -41.22 11.01 17.59
C PRO B 401 -41.16 10.99 16.07
N LEU B 402 -39.97 11.30 15.56
CA LEU B 402 -39.75 11.39 14.11
C LEU B 402 -40.26 10.16 13.37
N MET B 403 -40.02 8.96 13.92
CA MET B 403 -40.40 7.76 13.20
C MET B 403 -41.90 7.64 13.00
N HIS B 404 -42.72 8.19 13.92
CA HIS B 404 -44.16 8.14 13.74
C HIS B 404 -44.71 9.28 12.90
N ASN B 405 -43.91 10.29 12.57
CA ASN B 405 -44.28 11.15 11.45
C ASN B 405 -44.12 10.42 10.12
N ILE B 406 -43.18 9.47 10.05
CA ILE B 406 -43.03 8.69 8.83
C ILE B 406 -44.01 7.53 8.80
N SER B 407 -44.23 6.90 9.95
CA SER B 407 -45.13 5.75 10.01
C SER B 407 -46.57 6.12 9.71
N GLY B 408 -46.97 7.38 9.90
CA GLY B 408 -48.33 7.81 9.71
C GLY B 408 -49.16 7.83 10.97
N SER B 409 -48.62 7.31 12.09
CA SER B 409 -49.29 7.37 13.38
C SER B 409 -48.94 8.65 14.12
N LYS B 410 -49.34 9.79 13.55
CA LYS B 410 -48.87 11.06 14.05
C LYS B 410 -49.47 11.39 15.42
N TYR B 411 -50.53 10.70 15.83
CA TYR B 411 -51.13 10.90 17.15
C TYR B 411 -50.27 10.35 18.28
N LYS B 412 -49.24 9.57 17.98
CA LYS B 412 -48.49 8.88 19.03
C LYS B 412 -47.43 9.84 19.60
N LYS B 413 -47.89 10.75 20.44
CA LYS B 413 -46.98 11.61 21.17
C LYS B 413 -46.33 10.82 22.30
N PHE B 414 -45.00 10.90 22.39
CA PHE B 414 -44.28 10.44 23.57
C PHE B 414 -44.37 11.50 24.67
N VAL B 415 -44.66 11.07 25.90
CA VAL B 415 -44.72 12.00 27.03
C VAL B 415 -43.71 11.54 28.08
N ALA B 416 -42.91 12.50 28.58
CA ALA B 416 -42.00 12.25 29.69
C ALA B 416 -42.12 13.38 30.70
N LYS B 417 -42.40 13.03 31.96
CA LYS B 417 -42.54 14.01 33.03
C LYS B 417 -41.73 13.58 34.23
N ILE B 418 -40.97 14.53 34.79
CA ILE B 418 -40.22 14.36 36.04
C ILE B 418 -40.79 15.32 37.08
N VAL B 419 -41.08 14.81 38.27
CA VAL B 419 -41.64 15.58 39.38
C VAL B 419 -40.58 15.68 40.47
N THR B 420 -40.26 16.89 40.92
CA THR B 420 -39.23 17.07 41.93
C THR B 420 -39.74 17.83 43.15
N ASN B 421 -39.10 17.57 44.29
CA ASN B 421 -39.10 18.53 45.39
C ASN B 421 -38.21 19.69 44.97
N HIS B 422 -38.82 20.83 44.64
CA HIS B 422 -38.02 21.91 44.09
C HIS B 422 -37.07 22.51 45.11
N SER B 423 -37.28 22.26 46.41
CA SER B 423 -36.40 22.87 47.41
C SER B 423 -34.99 22.29 47.38
N ASP B 424 -34.82 21.05 46.94
CA ASP B 424 -33.50 20.45 46.81
C ASP B 424 -33.31 19.69 45.51
N GLY B 425 -34.28 19.73 44.59
CA GLY B 425 -34.16 19.03 43.34
C GLY B 425 -34.33 17.52 43.40
N THR B 426 -34.79 16.96 44.52
CA THR B 426 -34.93 15.51 44.62
C THR B 426 -36.05 15.02 43.70
N VAL B 427 -35.74 14.00 42.89
CA VAL B 427 -36.75 13.43 41.99
C VAL B 427 -37.74 12.60 42.79
N LEU B 428 -39.01 13.02 42.77
CA LEU B 428 -40.10 12.37 43.48
C LEU B 428 -40.87 11.38 42.62
N GLY B 429 -40.90 11.61 41.31
CA GLY B 429 -41.68 10.77 40.40
C GLY B 429 -41.22 10.99 38.98
N VAL B 430 -41.35 9.93 38.17
CA VAL B 430 -41.10 9.95 36.72
C VAL B 430 -42.23 9.19 36.05
N HIS B 431 -42.79 9.77 34.98
CA HIS B 431 -43.97 9.23 34.31
C HIS B 431 -43.80 9.31 32.80
N LEU B 432 -44.06 8.19 32.11
CA LEU B 432 -43.73 8.02 30.70
C LEU B 432 -44.87 7.37 29.93
N LEU B 433 -45.11 7.86 28.70
CA LEU B 433 -46.03 7.23 27.76
C LEU B 433 -45.38 7.19 26.39
N GLY B 434 -45.41 6.02 25.76
CA GLY B 434 -44.81 5.79 24.45
C GLY B 434 -44.15 4.42 24.38
N ASP B 435 -43.89 3.97 23.16
CA ASP B 435 -43.17 2.71 22.93
C ASP B 435 -41.95 2.64 23.83
N GLY B 436 -41.82 1.52 24.55
CA GLY B 436 -40.64 1.31 25.38
C GLY B 436 -40.72 1.90 26.78
N ALA B 437 -41.79 2.60 27.12
CA ALA B 437 -41.89 3.18 28.46
C ALA B 437 -41.74 2.14 29.58
N PRO B 438 -42.30 0.93 29.52
CA PRO B 438 -42.05 -0.03 30.61
C PRO B 438 -40.60 -0.46 30.75
N GLU B 439 -39.87 -0.58 29.64
CA GLU B 439 -38.44 -0.91 29.71
C GLU B 439 -37.61 0.28 30.20
N ILE B 440 -37.94 1.50 29.75
CA ILE B 440 -37.18 2.69 30.13
C ILE B 440 -37.22 2.92 31.63
N ILE B 441 -38.36 2.62 32.27
CA ILE B 441 -38.61 3.07 33.64
C ILE B 441 -37.89 2.23 34.68
N GLN B 442 -37.47 1.01 34.35
CA GLN B 442 -36.94 0.10 35.37
C GLN B 442 -35.72 0.67 36.07
N ALA B 443 -34.73 1.18 35.31
CA ALA B 443 -33.55 1.72 36.00
C ALA B 443 -33.84 3.03 36.70
N VAL B 444 -34.93 3.71 36.33
CA VAL B 444 -35.36 4.90 37.05
C VAL B 444 -35.73 4.55 38.49
N GLY B 445 -36.36 3.40 38.70
CA GLY B 445 -36.59 2.92 40.06
C GLY B 445 -35.33 2.74 40.88
N VAL B 446 -34.23 2.33 40.23
CA VAL B 446 -32.94 2.26 40.92
C VAL B 446 -32.44 3.67 41.23
N CYS B 447 -32.57 4.61 40.28
CA CYS B 447 -32.18 6.01 40.52
C CYS B 447 -32.83 6.57 41.79
N LEU B 448 -34.11 6.28 41.98
CA LEU B 448 -34.86 6.82 43.11
C LEU B 448 -34.40 6.23 44.45
N ARG B 449 -33.70 5.09 44.44
N ARG B 449 -33.69 5.10 44.44
N ARG B 449 -33.70 5.09 44.44
N ARG B 449 -33.69 5.10 44.44
CA ARG B 449 -33.10 4.56 45.65
CA ARG B 449 -33.10 4.56 45.65
CA ARG B 449 -33.10 4.56 45.65
CA ARG B 449 -33.10 4.56 45.65
C ARG B 449 -31.72 5.15 45.93
C ARG B 449 -31.68 5.09 45.89
C ARG B 449 -31.72 5.15 45.93
C ARG B 449 -31.68 5.09 45.89
N LEU B 450 -31.21 6.00 45.04
CA LEU B 450 -29.92 6.65 45.22
C LEU B 450 -30.14 8.13 45.49
N ASN B 451 -31.38 8.53 45.75
CA ASN B 451 -31.77 9.91 45.95
C ASN B 451 -31.22 10.79 44.83
N ALA B 452 -31.61 10.43 43.62
CA ALA B 452 -31.22 11.16 42.43
C ALA B 452 -31.93 12.51 42.40
N LYS B 453 -31.19 13.53 41.98
CA LYS B 453 -31.75 14.85 41.76
C LYS B 453 -31.92 15.08 40.27
N ILE B 454 -32.73 16.09 39.93
CA ILE B 454 -32.94 16.41 38.52
C ILE B 454 -31.60 16.68 37.85
N SER B 455 -30.65 17.27 38.58
CA SER B 455 -29.36 17.57 37.97
C SER B 455 -28.54 16.31 37.72
N ASP B 456 -28.79 15.24 38.47
CA ASP B 456 -28.15 13.97 38.16
C ASP B 456 -28.62 13.40 36.83
N PHE B 457 -29.91 13.57 36.52
CA PHE B 457 -30.40 13.18 35.20
C PHE B 457 -29.79 14.07 34.12
N TYR B 458 -29.91 15.38 34.27
CA TYR B 458 -29.48 16.31 33.24
C TYR B 458 -27.97 16.25 32.98
N ASN B 459 -27.15 15.90 33.99
CA ASN B 459 -25.70 15.84 33.79
C ASN B 459 -25.23 14.51 33.21
N THR B 460 -26.11 13.50 33.15
CA THR B 460 -25.81 12.23 32.49
C THR B 460 -25.87 12.40 30.99
N ILE B 461 -24.92 11.78 30.29
CA ILE B 461 -24.86 11.89 28.83
C ILE B 461 -25.89 10.95 28.18
N GLY B 462 -26.61 11.45 27.18
CA GLY B 462 -27.67 10.68 26.59
C GLY B 462 -27.18 9.60 25.63
N VAL B 463 -28.04 8.59 25.45
CA VAL B 463 -27.90 7.61 24.38
C VAL B 463 -28.79 8.10 23.24
N HIS B 464 -28.21 8.23 22.06
CA HIS B 464 -28.88 8.90 20.95
C HIS B 464 -28.81 8.03 19.70
N PRO B 465 -29.91 7.90 18.96
CA PRO B 465 -31.26 8.43 19.20
C PRO B 465 -32.13 7.47 20.00
N THR B 466 -32.73 7.92 21.11
CA THR B 466 -33.71 7.12 21.87
C THR B 466 -34.81 8.05 22.37
N SER B 467 -35.93 7.44 22.75
CA SER B 467 -36.91 8.18 23.55
C SER B 467 -36.38 8.45 24.95
N ALA B 468 -35.63 7.50 25.51
CA ALA B 468 -35.21 7.61 26.91
C ALA B 468 -34.33 8.84 27.16
N GLU B 469 -33.51 9.24 26.17
CA GLU B 469 -32.64 10.40 26.37
C GLU B 469 -33.41 11.68 26.67
N GLU B 470 -34.72 11.71 26.45
CA GLU B 470 -35.50 12.87 26.87
C GLU B 470 -35.38 13.11 28.36
N LEU B 471 -35.25 12.03 29.15
CA LEU B 471 -35.14 12.17 30.60
C LEU B 471 -33.86 12.88 31.03
N CYS B 472 -32.83 12.89 30.19
CA CYS B 472 -31.59 13.59 30.52
C CYS B 472 -31.47 14.95 29.84
N SER B 473 -32.55 15.50 29.30
CA SER B 473 -32.48 16.75 28.56
C SER B 473 -33.34 17.86 29.14
N MET B 474 -33.94 17.65 30.31
CA MET B 474 -34.85 18.63 30.90
C MET B 474 -34.13 19.41 32.00
N ARG B 475 -33.90 20.70 31.76
CA ARG B 475 -33.27 21.64 32.69
C ARG B 475 -34.26 22.52 33.43
N THR B 476 -35.29 22.99 32.73
CA THR B 476 -36.11 24.07 33.23
C THR B 476 -37.52 23.57 33.50
N PRO B 477 -38.03 23.79 34.71
CA PRO B 477 -39.41 23.41 35.01
C PRO B 477 -40.39 24.00 34.00
N SER B 478 -41.44 23.23 33.70
CA SER B 478 -42.55 23.76 32.93
C SER B 478 -43.52 24.54 33.80
N TYR B 479 -43.69 24.13 35.05
CA TYR B 479 -44.58 24.81 35.99
C TYR B 479 -44.30 24.26 37.38
N TYR B 480 -45.08 24.71 38.36
CA TYR B 480 -44.80 24.44 39.76
C TYR B 480 -46.10 24.25 40.53
N TYR B 481 -46.00 23.63 41.69
CA TYR B 481 -47.01 23.71 42.73
C TYR B 481 -46.38 24.35 43.96
N VAL B 482 -47.06 25.36 44.53
CA VAL B 482 -46.60 26.04 45.74
C VAL B 482 -47.74 26.02 46.75
N LYS B 483 -47.50 25.45 47.92
CA LYS B 483 -48.55 25.27 48.92
C LYS B 483 -49.78 24.63 48.30
N GLY B 484 -49.55 23.74 47.35
CA GLY B 484 -50.60 22.94 46.76
C GLY B 484 -51.31 23.56 45.59
N GLU B 485 -50.89 24.73 45.13
CA GLU B 485 -51.59 25.41 44.04
C GLU B 485 -50.70 25.51 42.81
N LYS B 486 -51.27 25.17 41.65
CA LYS B 486 -50.54 25.09 40.41
C LYS B 486 -50.30 26.48 39.85
N MET B 487 -49.09 26.74 39.39
CA MET B 487 -48.76 28.05 38.82
C MET B 487 -47.54 27.92 37.94
N GLU B 488 -47.52 28.74 36.89
CA GLU B 488 -46.47 28.62 35.88
C GLU B 488 -45.12 29.18 36.35
N LYS B 489 -45.14 30.14 37.28
CA LYS B 489 -43.94 30.81 37.75
C LYS B 489 -43.89 30.80 39.27
N LEU B 490 -42.69 30.83 39.81
CA LEU B 490 -42.64 30.90 41.25
C LEU B 490 -42.96 32.31 41.74
N PRO B 491 -43.52 32.46 42.95
CA PRO B 491 -43.75 33.76 43.59
C PRO B 491 -42.48 34.40 44.18
N LYS C 6 25.02 -30.39 9.85
CA LYS C 6 26.20 -30.08 10.66
C LYS C 6 26.27 -28.57 10.94
N ALA C 7 27.42 -28.14 11.43
CA ALA C 7 27.70 -26.75 11.74
C ALA C 7 28.72 -26.20 10.76
N PHE C 8 28.82 -24.88 10.71
CA PHE C 8 29.61 -24.19 9.70
C PHE C 8 30.08 -22.85 10.24
N ASP C 9 31.23 -22.42 9.73
CA ASP C 9 31.69 -21.06 10.00
C ASP C 9 30.76 -20.04 9.34
N LEU C 10 30.32 -20.33 8.12
CA LEU C 10 29.57 -19.40 7.30
C LEU C 10 28.46 -20.14 6.58
N VAL C 11 27.24 -19.62 6.66
CA VAL C 11 26.13 -20.10 5.83
C VAL C 11 25.67 -18.92 4.98
N VAL C 12 25.70 -19.10 3.66
CA VAL C 12 25.25 -18.10 2.69
C VAL C 12 23.91 -18.55 2.12
N ILE C 13 22.92 -17.67 2.15
CA ILE C 13 21.64 -17.92 1.49
C ILE C 13 21.64 -17.15 0.18
N GLY C 14 21.76 -17.88 -0.94
CA GLY C 14 21.88 -17.30 -2.27
C GLY C 14 23.23 -17.57 -2.90
N ALA C 15 23.31 -18.58 -3.78
CA ALA C 15 24.54 -18.91 -4.50
C ALA C 15 24.66 -18.05 -5.77
N GLY C 16 24.74 -16.74 -5.56
CA GLY C 16 24.78 -15.80 -6.67
C GLY C 16 26.09 -15.06 -6.81
N SER C 17 26.04 -13.87 -7.41
CA SER C 17 27.26 -13.10 -7.67
C SER C 17 27.99 -12.80 -6.37
N GLY C 18 27.33 -12.15 -5.43
CA GLY C 18 27.94 -11.80 -4.16
C GLY C 18 28.10 -12.99 -3.23
N GLY C 19 27.11 -13.87 -3.20
CA GLY C 19 27.16 -15.02 -2.30
C GLY C 19 28.30 -15.96 -2.63
N LEU C 20 28.49 -16.28 -3.92
CA LEU C 20 29.56 -17.21 -4.27
C LEU C 20 30.94 -16.59 -4.09
N GLU C 21 31.09 -15.28 -4.32
CA GLU C 21 32.38 -14.66 -4.04
C GLU C 21 32.73 -14.81 -2.57
N ALA C 22 31.76 -14.57 -1.69
CA ALA C 22 32.02 -14.67 -0.26
C ALA C 22 32.31 -16.10 0.16
N GLY C 23 31.56 -17.07 -0.40
CA GLY C 23 31.71 -18.45 0.01
C GLY C 23 32.97 -19.11 -0.51
N TRP C 24 33.41 -18.72 -1.70
CA TRP C 24 34.68 -19.23 -2.20
C TRP C 24 35.85 -18.62 -1.44
N ASN C 25 35.76 -17.31 -1.13
CA ASN C 25 36.85 -16.63 -0.44
C ASN C 25 37.02 -17.15 0.99
N ALA C 26 35.91 -17.29 1.72
CA ALA C 26 35.97 -17.84 3.07
C ALA C 26 36.61 -19.21 3.09
N ALA C 27 36.22 -20.08 2.14
CA ALA C 27 36.71 -21.45 2.18
C ALA C 27 38.16 -21.57 1.69
N THR C 28 38.55 -20.81 0.67
CA THR C 28 39.85 -21.02 0.06
C THR C 28 40.91 -20.06 0.54
N LEU C 29 40.53 -18.89 1.05
CA LEU C 29 41.52 -17.95 1.55
C LEU C 29 41.65 -17.99 3.07
N TYR C 30 40.70 -18.63 3.75
CA TYR C 30 40.71 -18.67 5.22
C TYR C 30 40.36 -20.05 5.76
N GLY C 31 40.34 -21.09 4.94
CA GLY C 31 40.09 -22.45 5.38
C GLY C 31 38.87 -22.66 6.24
N LYS C 32 37.81 -21.88 6.04
CA LYS C 32 36.61 -22.01 6.85
C LYS C 32 35.66 -23.02 6.23
N ARG C 33 34.82 -23.60 7.08
CA ARG C 33 33.76 -24.50 6.62
C ARG C 33 32.54 -23.67 6.23
N VAL C 34 32.04 -23.87 5.01
CA VAL C 34 31.10 -22.94 4.39
C VAL C 34 29.96 -23.72 3.74
N ALA C 35 28.73 -23.28 4.01
CA ALA C 35 27.54 -23.77 3.33
C ALA C 35 26.95 -22.68 2.45
N VAL C 36 26.44 -23.07 1.27
CA VAL C 36 25.81 -22.15 0.32
C VAL C 36 24.50 -22.78 -0.14
N VAL C 37 23.41 -22.03 -0.07
CA VAL C 37 22.06 -22.54 -0.37
C VAL C 37 21.49 -21.82 -1.58
N ASP C 38 20.87 -22.59 -2.48
CA ASP C 38 20.14 -22.01 -3.60
C ASP C 38 19.03 -22.97 -4.03
N VAL C 39 18.05 -22.42 -4.75
CA VAL C 39 16.81 -23.14 -5.01
C VAL C 39 16.86 -24.03 -6.25
N GLN C 40 17.91 -23.95 -7.05
CA GLN C 40 17.94 -24.68 -8.31
C GLN C 40 19.40 -24.83 -8.70
N THR C 41 19.73 -25.95 -9.32
CA THR C 41 21.12 -26.14 -9.71
C THR C 41 21.44 -25.61 -11.10
N SER C 42 20.44 -25.34 -11.94
CA SER C 42 20.69 -24.80 -13.27
C SER C 42 19.54 -23.88 -13.69
N HIS C 43 19.78 -23.11 -14.74
CA HIS C 43 18.94 -22.02 -15.18
C HIS C 43 17.55 -22.48 -15.58
N GLY C 44 16.59 -21.56 -15.52
CA GLY C 44 15.35 -21.73 -16.23
C GLY C 44 14.14 -21.90 -15.32
N PRO C 45 12.95 -22.04 -15.92
CA PRO C 45 11.75 -22.35 -15.14
C PRO C 45 11.96 -23.58 -14.29
N PRO C 46 11.33 -23.66 -13.11
CA PRO C 46 10.37 -22.71 -12.53
C PRO C 46 10.97 -21.53 -11.79
N PHE C 47 12.20 -21.56 -11.28
CA PHE C 47 12.67 -20.50 -10.41
C PHE C 47 13.62 -19.52 -11.10
N TYR C 48 13.98 -19.77 -12.37
CA TYR C 48 14.72 -18.88 -13.28
C TYR C 48 16.16 -18.66 -12.83
N ALA C 49 16.37 -17.86 -11.77
CA ALA C 49 17.66 -17.81 -11.11
C ALA C 49 17.97 -19.16 -10.47
N ALA C 50 19.25 -19.42 -10.25
CA ALA C 50 19.71 -20.72 -9.80
C ALA C 50 21.16 -20.56 -9.34
N LEU C 51 21.81 -21.68 -9.07
CA LEU C 51 23.27 -21.72 -8.85
C LEU C 51 24.00 -20.85 -9.87
N GLY C 52 24.78 -19.88 -9.37
CA GLY C 52 25.42 -18.89 -10.19
C GLY C 52 24.83 -17.50 -10.03
N GLY C 53 23.53 -17.40 -9.75
CA GLY C 53 22.89 -16.14 -9.47
C GLY C 53 22.10 -15.59 -10.65
N THR C 54 21.54 -14.40 -10.43
CA THR C 54 20.67 -13.77 -11.44
C THR C 54 21.44 -13.40 -12.71
N CYS C 55 22.65 -12.87 -12.55
CA CYS C 55 23.46 -12.44 -13.70
C CYS C 55 23.80 -13.59 -14.61
N VAL C 56 24.24 -14.70 -14.02
CA VAL C 56 24.65 -15.87 -14.79
C VAL C 56 23.46 -16.49 -15.52
N ASN C 57 22.31 -16.58 -14.84
CA ASN C 57 21.23 -17.42 -15.36
C ASN C 57 20.21 -16.66 -16.19
N VAL C 58 19.80 -15.48 -15.73
CA VAL C 58 18.74 -14.69 -16.38
C VAL C 58 19.09 -13.21 -16.21
N GLY C 59 20.33 -12.84 -16.51
CA GLY C 59 20.75 -11.46 -16.39
C GLY C 59 21.87 -11.10 -17.35
N CYS C 60 22.94 -10.49 -16.82
CA CYS C 60 23.99 -9.89 -17.65
C CYS C 60 24.51 -10.86 -18.70
N VAL C 61 24.80 -12.10 -18.30
CA VAL C 61 25.48 -13.03 -19.19
C VAL C 61 24.57 -13.43 -20.36
N PRO C 62 23.35 -13.97 -20.16
CA PRO C 62 22.53 -14.29 -21.32
C PRO C 62 22.08 -13.07 -22.11
N LYS C 63 21.81 -11.94 -21.44
CA LYS C 63 21.34 -10.80 -22.22
C LYS C 63 22.44 -10.24 -23.10
N LYS C 64 23.70 -10.30 -22.66
CA LYS C 64 24.76 -9.75 -23.50
C LYS C 64 24.95 -10.60 -24.75
N LEU C 65 24.78 -11.92 -24.62
CA LEU C 65 24.87 -12.78 -25.79
C LEU C 65 23.73 -12.49 -26.76
N MET C 66 22.55 -12.19 -26.24
CA MET C 66 21.40 -11.90 -27.12
C MET C 66 21.53 -10.52 -27.78
N VAL C 67 22.03 -9.50 -27.06
CA VAL C 67 22.31 -8.23 -27.73
C VAL C 67 23.35 -8.44 -28.83
N THR C 68 24.39 -9.23 -28.55
CA THR C 68 25.38 -9.51 -29.58
C THR C 68 24.69 -10.13 -30.81
N GLY C 69 23.76 -11.06 -30.58
CA GLY C 69 22.99 -11.61 -31.68
C GLY C 69 22.17 -10.56 -32.42
N ALA C 70 21.53 -9.66 -31.67
CA ALA C 70 20.75 -8.60 -32.31
C ALA C 70 21.62 -7.68 -33.17
N GLN C 71 22.90 -7.50 -32.79
CA GLN C 71 23.78 -6.57 -33.49
C GLN C 71 24.03 -6.99 -34.94
N TYR C 72 23.89 -8.28 -35.25
CA TYR C 72 24.11 -8.73 -36.62
C TYR C 72 23.09 -8.15 -37.59
N MET C 73 21.89 -7.75 -37.11
CA MET C 73 20.96 -7.02 -37.97
C MET C 73 21.63 -5.79 -38.56
N ASP C 74 22.30 -5.00 -37.71
CA ASP C 74 23.01 -3.82 -38.18
C ASP C 74 24.20 -4.21 -39.06
N HIS C 75 25.00 -5.18 -38.62
CA HIS C 75 26.22 -5.56 -39.34
C HIS C 75 25.92 -6.02 -40.77
N LEU C 76 24.89 -6.85 -40.94
CA LEU C 76 24.58 -7.33 -42.28
C LEU C 76 24.18 -6.17 -43.20
N ARG C 77 23.35 -5.24 -42.70
CA ARG C 77 22.97 -4.09 -43.50
C ARG C 77 24.19 -3.22 -43.81
N GLU C 78 24.97 -2.88 -42.78
CA GLU C 78 26.10 -1.97 -42.91
C GLU C 78 27.23 -2.53 -43.77
N SER C 79 27.32 -3.85 -43.92
CA SER C 79 28.37 -4.46 -44.73
C SER C 79 28.30 -4.04 -46.21
N ALA C 80 27.12 -3.63 -46.68
CA ALA C 80 26.97 -3.33 -48.11
C ALA C 80 27.78 -2.10 -48.51
N GLY C 81 27.84 -1.09 -47.65
CA GLY C 81 28.61 0.11 -47.95
C GLY C 81 30.10 -0.13 -48.09
N PHE C 82 30.60 -1.24 -47.57
CA PHE C 82 31.99 -1.63 -47.67
C PHE C 82 32.21 -2.71 -48.72
N GLY C 83 31.24 -2.90 -49.59
CA GLY C 83 31.41 -3.72 -50.77
C GLY C 83 30.96 -5.16 -50.64
N TRP C 84 30.32 -5.54 -49.53
CA TRP C 84 29.83 -6.91 -49.40
C TRP C 84 28.48 -7.06 -50.09
N GLU C 85 28.34 -8.18 -50.82
CA GLU C 85 27.16 -8.46 -51.62
C GLU C 85 26.66 -9.87 -51.29
N PHE C 86 25.35 -9.99 -51.10
CA PHE C 86 24.73 -11.29 -50.87
C PHE C 86 23.23 -11.11 -51.09
N ASP C 87 22.51 -12.23 -51.17
CA ASP C 87 21.07 -12.22 -51.44
C ASP C 87 20.34 -11.73 -50.19
N GLY C 88 19.99 -10.45 -50.16
CA GLY C 88 19.35 -9.91 -48.96
C GLY C 88 18.00 -10.54 -48.66
N SER C 89 17.29 -10.97 -49.70
CA SER C 89 15.97 -11.58 -49.49
C SER C 89 16.05 -12.93 -48.79
N SER C 90 17.25 -13.50 -48.63
CA SER C 90 17.42 -14.77 -47.95
C SER C 90 17.79 -14.62 -46.48
N VAL C 91 17.87 -13.40 -45.97
CA VAL C 91 18.25 -13.17 -44.57
C VAL C 91 17.07 -13.43 -43.65
N LYS C 92 17.30 -14.24 -42.62
CA LYS C 92 16.30 -14.56 -41.61
C LYS C 92 17.00 -14.67 -40.27
N ALA C 93 16.35 -14.19 -39.21
CA ALA C 93 16.91 -14.27 -37.86
C ALA C 93 16.20 -15.39 -37.09
N ASN C 94 16.95 -16.43 -36.71
CA ASN C 94 16.36 -17.62 -36.12
C ASN C 94 16.47 -17.53 -34.59
N TRP C 95 15.37 -17.06 -33.97
CA TRP C 95 15.31 -16.90 -32.52
C TRP C 95 15.57 -18.21 -31.78
N LYS C 96 14.98 -19.32 -32.25
CA LYS C 96 15.15 -20.59 -31.56
C LYS C 96 16.62 -20.98 -31.46
N LYS C 97 17.38 -20.77 -32.55
CA LYS C 97 18.81 -21.06 -32.51
C LYS C 97 19.53 -20.21 -31.46
N LEU C 98 19.20 -18.92 -31.37
CA LEU C 98 19.86 -18.05 -30.39
C LEU C 98 19.58 -18.54 -28.97
N ILE C 99 18.31 -18.88 -28.69
CA ILE C 99 17.92 -19.29 -27.34
C ILE C 99 18.61 -20.60 -26.97
N ALA C 100 18.68 -21.53 -27.93
CA ALA C 100 19.37 -22.79 -27.70
C ALA C 100 20.85 -22.57 -27.40
N ALA C 101 21.53 -21.74 -28.20
CA ALA C 101 22.93 -21.43 -27.95
C ALA C 101 23.12 -20.78 -26.58
N LYS C 102 22.31 -19.78 -26.26
CA LYS C 102 22.34 -19.17 -24.92
C LYS C 102 22.15 -20.23 -23.83
N ASN C 103 21.13 -21.09 -23.98
CA ASN C 103 20.82 -22.13 -23.01
C ASN C 103 22.01 -23.04 -22.75
N GLU C 104 22.69 -23.47 -23.83
CA GLU C 104 23.86 -24.32 -23.67
C GLU C 104 25.00 -23.59 -22.94
N ALA C 105 25.22 -22.31 -23.26
CA ALA C 105 26.31 -21.56 -22.63
C ALA C 105 26.07 -21.40 -21.13
N VAL C 106 24.85 -21.04 -20.75
CA VAL C 106 24.51 -20.88 -19.34
C VAL C 106 24.61 -22.22 -18.60
N LEU C 107 24.11 -23.29 -19.22
CA LEU C 107 24.17 -24.59 -18.57
C LEU C 107 25.61 -25.03 -18.32
N ASP C 108 26.52 -24.67 -19.23
CA ASP C 108 27.94 -24.92 -18.99
C ASP C 108 28.45 -24.18 -17.77
N ILE C 109 28.01 -22.93 -17.56
CA ILE C 109 28.43 -22.22 -16.36
C ILE C 109 27.83 -22.85 -15.11
N ASN C 110 26.57 -23.30 -15.17
CA ASN C 110 25.95 -24.01 -14.05
C ASN C 110 26.78 -25.24 -13.66
N LYS C 111 27.05 -26.12 -14.62
CA LYS C 111 27.80 -27.33 -14.35
C LYS C 111 29.21 -27.02 -13.86
N SER C 112 29.79 -25.92 -14.34
CA SER C 112 31.11 -25.51 -13.85
C SER C 112 31.07 -25.17 -12.38
N TYR C 113 30.02 -24.45 -11.93
CA TYR C 113 29.88 -24.18 -10.49
C TYR C 113 29.61 -25.45 -9.70
N GLU C 114 28.96 -26.46 -10.31
CA GLU C 114 28.78 -27.74 -9.61
C GLU C 114 30.12 -28.43 -9.39
N GLY C 115 31.02 -28.35 -10.37
CA GLY C 115 32.36 -28.90 -10.18
C GLY C 115 33.14 -28.18 -9.10
N MET C 116 33.04 -26.85 -9.05
CA MET C 116 33.73 -26.08 -8.02
C MET C 116 33.38 -26.58 -6.63
N PHE C 117 32.10 -26.87 -6.38
CA PHE C 117 31.69 -27.36 -5.07
C PHE C 117 32.24 -28.76 -4.82
N ASN C 118 32.13 -29.66 -5.81
CA ASN C 118 32.56 -31.04 -5.61
C ASN C 118 34.06 -31.15 -5.41
N ASP C 119 34.83 -30.20 -5.93
CA ASP C 119 36.28 -30.27 -5.88
C ASP C 119 36.89 -29.52 -4.71
N THR C 120 36.10 -28.74 -3.98
CA THR C 120 36.62 -27.87 -2.93
C THR C 120 36.21 -28.41 -1.57
N GLU C 121 37.22 -28.73 -0.74
CA GLU C 121 36.99 -29.09 0.64
C GLU C 121 36.60 -27.86 1.46
N GLY C 122 35.61 -28.02 2.32
CA GLY C 122 35.12 -26.92 3.12
C GLY C 122 34.05 -26.09 2.45
N LEU C 123 33.68 -26.40 1.20
CA LEU C 123 32.65 -25.66 0.48
C LEU C 123 31.56 -26.63 0.09
N ASP C 124 30.37 -26.43 0.63
CA ASP C 124 29.26 -27.36 0.44
C ASP C 124 28.04 -26.64 -0.11
N PHE C 125 27.34 -27.29 -1.02
CA PHE C 125 26.12 -26.74 -1.62
C PHE C 125 24.90 -27.50 -1.13
N PHE C 126 23.84 -26.76 -0.83
CA PHE C 126 22.58 -27.34 -0.35
C PHE C 126 21.41 -26.82 -1.19
N LEU C 127 20.65 -27.76 -1.75
CA LEU C 127 19.51 -27.46 -2.60
C LEU C 127 18.25 -27.28 -1.76
N GLY C 128 17.63 -26.12 -1.85
CA GLY C 128 16.38 -25.87 -1.16
C GLY C 128 16.24 -24.39 -0.87
N TRP C 129 15.24 -24.08 -0.06
CA TRP C 129 14.91 -22.70 0.29
C TRP C 129 15.39 -22.40 1.70
N GLY C 130 16.27 -21.42 1.82
CA GLY C 130 16.83 -21.05 3.11
C GLY C 130 16.04 -19.95 3.79
N SER C 131 15.89 -20.08 5.11
CA SER C 131 15.26 -19.05 5.92
C SER C 131 15.84 -19.07 7.32
N LEU C 132 15.61 -17.99 8.06
CA LEU C 132 16.17 -17.79 9.40
C LEU C 132 15.24 -18.41 10.43
N GLU C 133 15.63 -19.54 10.99
CA GLU C 133 14.92 -20.10 12.14
C GLU C 133 15.30 -19.38 13.42
N SER C 134 16.60 -19.16 13.63
CA SER C 134 17.11 -18.52 14.84
C SER C 134 18.48 -17.94 14.53
N LYS C 135 19.04 -17.25 15.54
CA LYS C 135 20.21 -16.41 15.32
C LYS C 135 21.39 -17.15 14.69
N ASN C 136 21.55 -18.44 15.01
CA ASN C 136 22.67 -19.21 14.46
C ASN C 136 22.19 -20.48 13.79
N VAL C 137 20.94 -20.52 13.33
CA VAL C 137 20.39 -21.69 12.66
C VAL C 137 19.68 -21.24 11.38
N VAL C 138 19.99 -21.91 10.28
CA VAL C 138 19.35 -21.69 8.98
C VAL C 138 18.62 -22.96 8.58
N VAL C 139 17.31 -22.85 8.30
CA VAL C 139 16.53 -23.98 7.81
C VAL C 139 16.55 -23.99 6.29
N VAL C 140 16.73 -25.18 5.73
CA VAL C 140 16.56 -25.42 4.30
C VAL C 140 15.31 -26.26 4.13
N ARG C 141 14.31 -25.73 3.43
CA ARG C 141 13.05 -26.42 3.22
C ARG C 141 12.84 -26.77 1.76
N GLU C 142 11.81 -27.58 1.53
CA GLU C 142 11.56 -28.12 0.19
C GLU C 142 11.00 -27.06 -0.76
N THR C 143 10.22 -26.11 -0.25
CA THR C 143 9.68 -25.02 -1.07
C THR C 143 9.80 -23.71 -0.31
N ALA C 144 9.36 -22.63 -0.97
CA ALA C 144 9.34 -21.33 -0.31
C ALA C 144 8.28 -21.24 0.78
N ASP C 145 7.35 -22.20 0.80
CA ASP C 145 6.33 -22.33 1.84
C ASP C 145 6.97 -22.69 3.17
N PRO C 146 6.90 -21.84 4.19
CA PRO C 146 7.58 -22.18 5.46
C PRO C 146 6.99 -23.40 6.15
N LYS C 147 5.81 -23.86 5.73
CA LYS C 147 5.22 -25.09 6.22
C LYS C 147 5.72 -26.32 5.48
N SER C 148 6.68 -26.18 4.57
CA SER C 148 7.15 -27.34 3.82
C SER C 148 8.20 -28.09 4.63
N ALA C 149 8.52 -29.28 4.14
CA ALA C 149 9.36 -30.20 4.88
C ALA C 149 10.78 -29.67 5.04
N VAL C 150 11.31 -29.74 6.26
CA VAL C 150 12.70 -29.43 6.47
C VAL C 150 13.56 -30.43 5.71
N LYS C 151 14.65 -29.94 5.13
CA LYS C 151 15.67 -30.78 4.49
C LYS C 151 16.99 -30.76 5.24
N GLU C 152 17.37 -29.59 5.78
CA GLU C 152 18.52 -29.47 6.67
C GLU C 152 18.24 -28.35 7.66
N ARG C 153 18.91 -28.42 8.80
CA ARG C 153 19.18 -27.24 9.62
C ARG C 153 20.69 -27.15 9.76
N LEU C 154 21.23 -25.98 9.43
CA LEU C 154 22.65 -25.75 9.44
C LEU C 154 22.97 -24.78 10.58
N GLN C 155 23.96 -25.14 11.39
CA GLN C 155 24.40 -24.26 12.46
C GLN C 155 25.46 -23.32 11.92
N ALA C 156 25.39 -22.06 12.31
CA ALA C 156 26.17 -21.03 11.65
C ALA C 156 26.72 -20.04 12.65
N ASP C 157 28.05 -19.96 12.76
CA ASP C 157 28.66 -18.81 13.41
C ASP C 157 28.21 -17.52 12.74
N HIS C 158 28.23 -17.50 11.41
CA HIS C 158 27.95 -16.31 10.62
C HIS C 158 27.01 -16.66 9.47
N ILE C 159 26.03 -15.79 9.24
CA ILE C 159 24.99 -16.01 8.25
C ILE C 159 24.96 -14.83 7.29
N LEU C 160 25.08 -15.12 6.00
CA LEU C 160 25.09 -14.12 4.95
C LEU C 160 23.82 -14.21 4.11
N LEU C 161 23.09 -13.10 4.03
CA LEU C 161 21.90 -12.96 3.20
C LEU C 161 22.31 -12.41 1.85
N ALA C 162 22.10 -13.18 0.78
CA ALA C 162 22.50 -12.75 -0.56
C ALA C 162 21.53 -13.29 -1.61
N THR C 163 20.24 -13.02 -1.40
CA THR C 163 19.16 -13.58 -2.20
C THR C 163 18.77 -12.73 -3.41
N GLY C 164 19.36 -11.55 -3.58
CA GLY C 164 19.14 -10.77 -4.78
C GLY C 164 17.80 -10.03 -4.80
N SER C 165 17.33 -9.74 -6.00
CA SER C 165 16.11 -8.99 -6.22
C SER C 165 15.14 -9.79 -7.13
N TRP C 166 14.03 -9.15 -7.51
CA TRP C 166 12.96 -9.83 -8.24
C TRP C 166 12.17 -8.79 -9.01
N PRO C 167 11.61 -9.15 -10.19
CA PRO C 167 10.88 -8.16 -10.98
C PRO C 167 9.67 -7.60 -10.25
N GLN C 168 9.49 -6.30 -10.36
CA GLN C 168 8.34 -5.61 -9.78
C GLN C 168 7.21 -5.60 -10.79
N MET C 169 6.02 -6.03 -10.37
CA MET C 169 4.86 -6.09 -11.25
C MET C 169 3.78 -5.17 -10.69
N PRO C 170 3.37 -4.12 -11.41
CA PRO C 170 2.34 -3.22 -10.88
C PRO C 170 1.01 -3.93 -10.70
N ALA C 171 0.23 -3.46 -9.72
CA ALA C 171 -1.04 -4.09 -9.36
C ALA C 171 -2.20 -3.50 -10.19
N ILE C 172 -2.14 -3.72 -11.50
CA ILE C 172 -3.20 -3.30 -12.40
C ILE C 172 -4.01 -4.54 -12.78
N PRO C 173 -5.29 -4.39 -13.15
CA PRO C 173 -6.05 -5.55 -13.62
C PRO C 173 -5.45 -6.11 -14.90
N GLY C 174 -5.29 -7.43 -14.93
CA GLY C 174 -4.67 -8.12 -16.04
C GLY C 174 -3.17 -8.31 -15.94
N ILE C 175 -2.57 -7.98 -14.80
CA ILE C 175 -1.12 -8.09 -14.70
C ILE C 175 -0.65 -9.52 -14.96
N GLU C 176 -1.51 -10.52 -14.68
CA GLU C 176 -1.14 -11.92 -14.87
C GLU C 176 -1.02 -12.31 -16.34
N HIS C 177 -1.45 -11.46 -17.26
CA HIS C 177 -1.23 -11.71 -18.67
C HIS C 177 0.10 -11.17 -19.16
N CYS C 178 0.90 -10.56 -18.27
CA CYS C 178 2.19 -9.99 -18.64
C CYS C 178 3.31 -10.92 -18.20
N ILE C 179 4.49 -10.69 -18.76
CA ILE C 179 5.69 -11.40 -18.34
C ILE C 179 6.70 -10.40 -17.81
N SER C 180 7.82 -10.90 -17.30
CA SER C 180 8.98 -10.10 -16.95
C SER C 180 10.17 -10.59 -17.79
N SER C 181 11.35 -10.03 -17.50
CA SER C 181 12.54 -10.46 -18.22
C SER C 181 12.82 -11.95 -18.02
N ASN C 182 12.39 -12.54 -16.88
CA ASN C 182 12.60 -13.96 -16.64
C ASN C 182 12.04 -14.82 -17.76
N GLU C 183 10.77 -14.58 -18.11
CA GLU C 183 10.12 -15.38 -19.15
C GLU C 183 10.62 -14.99 -20.54
N ALA C 184 10.99 -13.71 -20.72
CA ALA C 184 11.55 -13.25 -21.99
C ALA C 184 12.70 -14.13 -22.45
N PHE C 185 13.55 -14.59 -21.51
CA PHE C 185 14.67 -15.45 -21.85
C PHE C 185 14.26 -16.83 -22.39
N TYR C 186 12.98 -17.21 -22.30
CA TYR C 186 12.57 -18.55 -22.72
C TYR C 186 11.37 -18.54 -23.66
N LEU C 187 11.02 -17.40 -24.24
CA LEU C 187 9.92 -17.39 -25.18
C LEU C 187 10.19 -18.39 -26.31
N PRO C 188 9.22 -19.25 -26.66
CA PRO C 188 9.49 -20.24 -27.72
C PRO C 188 9.62 -19.63 -29.10
N GLU C 189 8.92 -18.53 -29.37
CA GLU C 189 8.90 -17.80 -30.63
C GLU C 189 9.16 -16.32 -30.35
N PRO C 190 9.82 -15.62 -31.27
CA PRO C 190 10.00 -14.17 -31.10
C PRO C 190 8.68 -13.46 -31.34
N PRO C 191 8.29 -12.52 -30.47
CA PRO C 191 6.98 -11.87 -30.64
C PRO C 191 6.95 -10.98 -31.88
N ARG C 192 5.81 -11.00 -32.56
CA ARG C 192 5.64 -10.11 -33.71
C ARG C 192 5.40 -8.69 -33.23
N ARG C 193 4.51 -8.51 -32.26
CA ARG C 193 4.28 -7.24 -31.60
C ARG C 193 4.61 -7.39 -30.12
N VAL C 194 5.48 -6.52 -29.60
CA VAL C 194 5.83 -6.59 -28.19
C VAL C 194 5.86 -5.18 -27.57
N LEU C 195 5.31 -5.07 -26.36
CA LEU C 195 5.39 -3.85 -25.56
C LEU C 195 6.35 -4.09 -24.41
N THR C 196 7.45 -3.33 -24.35
CA THR C 196 8.28 -3.31 -23.15
C THR C 196 7.85 -2.11 -22.29
N VAL C 197 7.47 -2.37 -21.05
CA VAL C 197 6.99 -1.33 -20.14
C VAL C 197 8.14 -0.94 -19.23
N GLY C 198 8.57 0.31 -19.33
CA GLY C 198 9.65 0.83 -18.51
C GLY C 198 10.67 1.62 -19.32
N GLY C 199 11.32 2.56 -18.65
CA GLY C 199 12.34 3.38 -19.32
C GLY C 199 13.77 3.09 -18.92
N GLY C 200 13.98 2.10 -18.05
CA GLY C 200 15.31 1.74 -17.59
C GLY C 200 16.02 0.77 -18.52
N PHE C 201 17.19 0.29 -18.05
CA PHE C 201 18.10 -0.43 -18.95
C PHE C 201 17.55 -1.77 -19.41
N ILE C 202 16.81 -2.50 -18.57
CA ILE C 202 16.30 -3.81 -18.98
C ILE C 202 15.28 -3.67 -20.11
N SER C 203 14.35 -2.74 -19.98
CA SER C 203 13.37 -2.45 -21.02
C SER C 203 14.06 -2.05 -22.33
N VAL C 204 15.03 -1.13 -22.25
CA VAL C 204 15.69 -0.62 -23.45
C VAL C 204 16.50 -1.72 -24.12
N GLU C 205 17.15 -2.57 -23.32
CA GLU C 205 18.00 -3.59 -23.91
C GLU C 205 17.17 -4.66 -24.60
N PHE C 206 16.05 -5.07 -23.96
CA PHE C 206 15.19 -6.10 -24.56
C PHE C 206 14.46 -5.57 -25.78
N ALA C 207 14.11 -4.27 -25.77
CA ALA C 207 13.51 -3.67 -26.96
C ALA C 207 14.41 -3.84 -28.19
N GLY C 208 15.73 -3.70 -28.01
CA GLY C 208 16.66 -3.89 -29.12
C GLY C 208 16.81 -5.33 -29.54
N ILE C 209 16.75 -6.28 -28.58
CA ILE C 209 16.81 -7.69 -28.92
C ILE C 209 15.58 -8.10 -29.73
N PHE C 210 14.39 -7.78 -29.23
CA PHE C 210 13.16 -8.10 -29.95
C PHE C 210 13.11 -7.43 -31.31
N ASN C 211 13.71 -6.24 -31.42
CA ASN C 211 13.68 -5.51 -32.69
C ASN C 211 14.42 -6.26 -33.79
N ALA C 212 15.49 -6.98 -33.42
CA ALA C 212 16.31 -7.65 -34.43
C ALA C 212 15.78 -9.03 -34.80
N TYR C 213 15.07 -9.71 -33.90
CA TYR C 213 14.59 -11.05 -34.17
C TYR C 213 13.10 -11.12 -34.48
N LYS C 214 12.43 -9.96 -34.64
CA LYS C 214 10.99 -9.94 -34.85
C LYS C 214 10.67 -10.43 -36.27
N PRO C 215 9.55 -11.13 -36.44
CA PRO C 215 9.19 -11.67 -37.76
C PRO C 215 8.79 -10.58 -38.73
N PRO C 216 8.55 -10.91 -40.01
CA PRO C 216 8.19 -9.89 -41.00
C PRO C 216 6.96 -9.08 -40.59
N GLY C 217 7.08 -7.76 -40.69
CA GLY C 217 5.98 -6.87 -40.37
C GLY C 217 5.76 -6.63 -38.90
N GLY C 218 6.63 -7.15 -38.03
CA GLY C 218 6.48 -6.95 -36.61
C GLY C 218 6.90 -5.55 -36.17
N LYS C 219 6.75 -5.29 -34.87
CA LYS C 219 6.92 -3.95 -34.32
C LYS C 219 7.19 -4.03 -32.83
N VAL C 220 8.26 -3.35 -32.38
CA VAL C 220 8.56 -3.20 -30.96
C VAL C 220 8.14 -1.83 -30.49
N THR C 221 7.36 -1.78 -29.41
CA THR C 221 6.93 -0.54 -28.77
C THR C 221 7.43 -0.54 -27.33
N LEU C 222 8.14 0.53 -26.94
CA LEU C 222 8.56 0.74 -25.56
C LEU C 222 7.75 1.89 -24.98
N CYS C 223 7.18 1.70 -23.80
CA CYS C 223 6.48 2.81 -23.16
C CYS C 223 7.13 3.17 -21.85
N TYR C 224 6.96 4.44 -21.47
CA TYR C 224 7.52 4.99 -20.24
C TYR C 224 6.58 6.08 -19.73
N ARG C 225 6.38 6.11 -18.41
CA ARG C 225 5.36 6.97 -17.84
C ARG C 225 5.76 8.45 -17.84
N ASN C 226 7.05 8.76 -17.92
CA ASN C 226 7.45 10.15 -17.90
C ASN C 226 7.94 10.59 -19.28
N ASN C 227 8.59 11.76 -19.32
N ASN C 227 8.56 11.77 -19.34
N ASN C 227 8.59 11.76 -19.32
N ASN C 227 8.56 11.77 -19.34
CA ASN C 227 8.86 12.45 -20.57
CA ASN C 227 8.82 12.38 -20.64
CA ASN C 227 8.86 12.45 -20.57
CA ASN C 227 8.82 12.38 -20.64
C ASN C 227 10.04 11.83 -21.32
C ASN C 227 10.04 11.82 -21.35
C ASN C 227 10.04 11.83 -21.32
C ASN C 227 10.04 11.82 -21.35
N LEU C 228 10.99 11.24 -20.62
CA LEU C 228 12.24 10.82 -21.25
C LEU C 228 12.81 9.57 -20.61
N ILE C 229 13.24 8.61 -21.44
CA ILE C 229 13.68 7.32 -20.91
C ILE C 229 15.05 7.45 -20.25
N LEU C 230 15.40 6.41 -19.50
CA LEU C 230 16.74 6.25 -18.93
C LEU C 230 17.04 7.34 -17.89
N ARG C 231 16.06 7.65 -17.04
CA ARG C 231 16.25 8.53 -15.90
C ARG C 231 17.52 8.12 -15.15
N GLY C 232 18.34 9.12 -14.78
CA GLY C 232 19.58 8.88 -14.09
C GLY C 232 20.82 8.94 -14.96
N PHE C 233 20.66 8.78 -16.27
CA PHE C 233 21.76 8.88 -17.22
C PHE C 233 21.85 10.30 -17.78
N ASP C 234 22.98 10.60 -18.43
CA ASP C 234 23.21 11.90 -19.05
C ASP C 234 22.06 12.27 -19.97
N GLU C 235 21.60 13.53 -19.86
CA GLU C 235 20.40 13.95 -20.58
C GLU C 235 20.63 13.98 -22.08
N THR C 236 21.75 14.55 -22.53
CA THR C 236 22.08 14.51 -23.96
C THR C 236 21.98 13.09 -24.50
N ILE C 237 22.48 12.12 -23.73
CA ILE C 237 22.51 10.74 -24.18
C ILE C 237 21.12 10.12 -24.13
N ARG C 238 20.32 10.46 -23.11
CA ARG C 238 18.94 10.00 -23.06
C ARG C 238 18.18 10.42 -24.31
N GLU C 239 18.35 11.67 -24.72
CA GLU C 239 17.67 12.16 -25.90
C GLU C 239 18.22 11.53 -27.18
N GLU C 240 19.53 11.33 -27.24
CA GLU C 240 20.14 10.82 -28.46
C GLU C 240 19.89 9.32 -28.66
N VAL C 241 19.89 8.54 -27.58
CA VAL C 241 19.58 7.12 -27.76
C VAL C 241 18.11 6.93 -28.11
N THR C 242 17.23 7.82 -27.63
CA THR C 242 15.83 7.83 -28.07
C THR C 242 15.71 8.05 -29.58
N LYS C 243 16.51 8.97 -30.15
CA LYS C 243 16.49 9.16 -31.61
C LYS C 243 17.05 7.95 -32.34
N GLN C 244 18.10 7.33 -31.79
CA GLN C 244 18.74 6.24 -32.53
C GLN C 244 17.95 4.94 -32.43
N LEU C 245 17.19 4.73 -31.35
CA LEU C 245 16.26 3.62 -31.29
C LEU C 245 15.10 3.83 -32.25
N THR C 246 14.58 5.06 -32.30
CA THR C 246 13.51 5.39 -33.24
C THR C 246 13.97 5.19 -34.68
N ALA C 247 15.22 5.57 -35.00
CA ALA C 247 15.70 5.43 -36.36
C ALA C 247 15.80 3.98 -36.77
N ASN C 248 15.98 3.07 -35.81
CA ASN C 248 16.11 1.65 -36.09
C ASN C 248 14.77 0.92 -35.99
N GLY C 249 13.66 1.66 -35.92
CA GLY C 249 12.34 1.08 -36.06
C GLY C 249 11.57 0.85 -34.78
N ILE C 250 12.11 1.20 -33.62
CA ILE C 250 11.41 1.00 -32.35
C ILE C 250 10.54 2.22 -32.07
N GLU C 251 9.30 1.99 -31.67
CA GLU C 251 8.39 3.07 -31.32
C GLU C 251 8.49 3.37 -29.84
N ILE C 252 8.76 4.62 -29.48
CA ILE C 252 8.95 5.02 -28.10
C ILE C 252 7.76 5.87 -27.68
N MET C 253 6.92 5.32 -26.79
CA MET C 253 5.71 5.95 -26.26
C MET C 253 6.02 6.58 -24.90
N THR C 254 6.27 7.88 -24.88
CA THR C 254 6.54 8.52 -23.60
C THR C 254 5.25 9.12 -23.04
N ASN C 255 5.28 9.41 -21.72
CA ASN C 255 4.12 9.93 -21.00
C ASN C 255 2.91 8.99 -21.09
N GLU C 256 3.17 7.68 -21.08
CA GLU C 256 2.10 6.70 -21.18
C GLU C 256 2.38 5.57 -20.21
N ASN C 257 1.31 5.07 -19.56
CA ASN C 257 1.43 4.01 -18.57
C ASN C 257 0.24 3.08 -18.70
N PRO C 258 0.45 1.77 -18.70
CA PRO C 258 -0.67 0.83 -18.77
C PRO C 258 -1.56 0.91 -17.53
N ALA C 259 -2.87 0.92 -17.76
CA ALA C 259 -3.84 0.87 -16.68
C ALA C 259 -4.53 -0.48 -16.54
N LYS C 260 -4.63 -1.25 -17.62
CA LYS C 260 -5.35 -2.51 -17.65
C LYS C 260 -4.85 -3.33 -18.84
N VAL C 261 -4.76 -4.66 -18.66
CA VAL C 261 -4.38 -5.59 -19.73
C VAL C 261 -5.43 -6.69 -19.78
N SER C 262 -6.00 -6.93 -20.96
CA SER C 262 -6.96 -8.01 -21.11
C SER C 262 -6.50 -8.99 -22.18
N LEU C 263 -6.90 -10.25 -22.01
CA LEU C 263 -6.52 -11.34 -22.91
C LEU C 263 -7.55 -11.51 -24.02
N ASN C 264 -7.10 -11.44 -25.27
CA ASN C 264 -7.94 -11.72 -26.41
C ASN C 264 -8.06 -13.23 -26.60
N THR C 265 -9.15 -13.69 -27.22
CA THR C 265 -9.24 -15.13 -27.31
C THR C 265 -8.18 -15.72 -28.24
N ASP C 266 -7.65 -14.96 -29.20
CA ASP C 266 -6.56 -15.53 -29.99
C ASP C 266 -5.24 -15.55 -29.22
N GLY C 267 -5.23 -15.16 -27.95
CA GLY C 267 -4.04 -15.20 -27.13
C GLY C 267 -3.22 -13.92 -27.09
N SER C 268 -3.53 -12.96 -27.97
CA SER C 268 -2.84 -11.68 -27.87
C SER C 268 -3.40 -10.86 -26.69
N LYS C 269 -2.73 -9.75 -26.39
CA LYS C 269 -3.04 -8.90 -25.25
C LYS C 269 -3.50 -7.52 -25.71
N HIS C 270 -4.53 -7.01 -25.05
CA HIS C 270 -5.13 -5.71 -25.34
C HIS C 270 -4.82 -4.77 -24.17
N VAL C 271 -3.89 -3.83 -24.40
CA VAL C 271 -3.45 -2.91 -23.36
C VAL C 271 -4.23 -1.62 -23.45
N THR C 272 -4.80 -1.19 -22.32
CA THR C 272 -5.40 0.15 -22.20
C THR C 272 -4.49 0.99 -21.33
N PHE C 273 -4.17 2.19 -21.82
CA PHE C 273 -3.30 3.13 -21.13
C PHE C 273 -4.14 4.10 -20.27
N GLU C 274 -3.47 4.72 -19.28
CA GLU C 274 -4.14 5.71 -18.44
C GLU C 274 -4.73 6.84 -19.28
N SER C 275 -4.07 7.18 -20.39
CA SER C 275 -4.62 8.17 -21.31
C SER C 275 -5.88 7.70 -22.03
N GLY C 276 -6.21 6.41 -21.97
CA GLY C 276 -7.27 5.87 -22.79
C GLY C 276 -6.85 5.36 -24.16
N LYS C 277 -5.57 5.51 -24.53
CA LYS C 277 -5.06 4.84 -25.71
C LYS C 277 -5.07 3.32 -25.51
N THR C 278 -5.16 2.59 -26.61
CA THR C 278 -5.09 1.14 -26.57
C THR C 278 -4.05 0.65 -27.56
N LEU C 279 -3.49 -0.53 -27.29
CA LEU C 279 -2.54 -1.16 -28.18
C LEU C 279 -2.66 -2.67 -28.06
N ASP C 280 -2.67 -3.37 -29.20
CA ASP C 280 -2.68 -4.83 -29.23
C ASP C 280 -1.27 -5.34 -29.47
N VAL C 281 -0.79 -6.26 -28.61
CA VAL C 281 0.51 -6.89 -28.80
C VAL C 281 0.43 -8.38 -28.50
N ASP C 282 1.47 -9.10 -28.93
CA ASP C 282 1.58 -10.52 -28.63
C ASP C 282 2.16 -10.77 -27.24
N VAL C 283 3.02 -9.87 -26.74
CA VAL C 283 3.70 -10.01 -25.47
C VAL C 283 3.76 -8.64 -24.81
N VAL C 284 3.48 -8.60 -23.50
CA VAL C 284 3.72 -7.41 -22.67
C VAL C 284 4.80 -7.76 -21.65
N MET C 285 5.97 -7.12 -21.77
CA MET C 285 7.09 -7.37 -20.85
C MET C 285 7.20 -6.22 -19.86
N MET C 286 6.85 -6.48 -18.59
CA MET C 286 6.97 -5.49 -17.52
C MET C 286 8.41 -5.40 -17.04
N ALA C 287 9.02 -4.22 -17.16
CA ALA C 287 10.39 -3.96 -16.69
C ALA C 287 10.45 -2.60 -16.00
N ILE C 288 9.58 -2.40 -15.01
CA ILE C 288 9.44 -1.11 -14.34
C ILE C 288 10.28 -1.02 -13.06
N GLY C 289 10.99 -2.08 -12.70
CA GLY C 289 11.80 -2.07 -11.50
C GLY C 289 12.09 -3.46 -11.01
N ARG C 290 12.94 -3.54 -9.99
CA ARG C 290 13.30 -4.79 -9.33
C ARG C 290 13.40 -4.52 -7.83
N ILE C 291 12.90 -5.44 -7.02
CA ILE C 291 12.76 -5.20 -5.58
C ILE C 291 13.50 -6.25 -4.77
N PRO C 292 14.01 -5.89 -3.57
CA PRO C 292 14.75 -6.86 -2.75
C PRO C 292 13.89 -8.08 -2.44
N ARG C 293 14.53 -9.25 -2.48
CA ARG C 293 13.86 -10.53 -2.34
C ARG C 293 13.96 -10.99 -0.89
N THR C 294 13.10 -10.43 -0.04
CA THR C 294 13.19 -10.65 1.40
C THR C 294 12.09 -11.54 1.97
N ASN C 295 11.03 -11.82 1.22
CA ASN C 295 9.84 -12.43 1.80
C ASN C 295 10.10 -13.82 2.36
N ASP C 296 10.78 -14.67 1.60
CA ASP C 296 10.90 -16.07 1.99
C ASP C 296 11.89 -16.31 3.13
N LEU C 297 12.64 -15.29 3.54
CA LEU C 297 13.70 -15.48 4.53
C LEU C 297 13.19 -15.58 5.95
N GLN C 298 11.94 -15.19 6.22
CA GLN C 298 11.39 -15.28 7.57
C GLN C 298 12.16 -14.38 8.52
N LEU C 299 12.51 -13.17 8.04
CA LEU C 299 13.32 -12.27 8.83
C LEU C 299 12.66 -11.91 10.17
N GLY C 300 11.34 -12.06 10.28
CA GLY C 300 10.68 -11.80 11.56
C GLY C 300 11.12 -12.72 12.67
N ASN C 301 11.56 -13.93 12.31
CA ASN C 301 12.00 -14.88 13.32
C ASN C 301 13.24 -14.42 14.10
N VAL C 302 13.96 -13.40 13.64
CA VAL C 302 15.12 -12.91 14.39
C VAL C 302 15.15 -11.38 14.41
N GLY C 303 14.18 -10.73 13.76
CA GLY C 303 14.06 -9.28 13.82
C GLY C 303 15.01 -8.46 12.95
N VAL C 304 15.49 -8.99 11.83
CA VAL C 304 16.38 -8.23 10.94
C VAL C 304 15.60 -7.06 10.33
N LYS C 305 16.12 -5.85 10.48
CA LYS C 305 15.38 -4.65 10.08
C LYS C 305 15.44 -4.41 8.58
N LEU C 306 14.34 -3.89 8.04
CA LEU C 306 14.21 -3.49 6.64
C LEU C 306 14.02 -1.98 6.54
N THR C 307 14.60 -1.37 5.52
CA THR C 307 14.38 0.04 5.24
C THR C 307 12.94 0.26 4.82
N PRO C 308 12.46 1.51 4.83
CA PRO C 308 11.12 1.78 4.27
C PRO C 308 10.97 1.29 2.85
N LYS C 309 12.05 1.27 2.07
CA LYS C 309 12.01 0.78 0.69
C LYS C 309 11.83 -0.73 0.61
N GLY C 310 12.20 -1.47 1.65
CA GLY C 310 12.08 -2.91 1.65
C GLY C 310 13.39 -3.67 1.58
N GLY C 311 14.52 -2.98 1.43
CA GLY C 311 15.80 -3.64 1.51
C GLY C 311 16.25 -3.88 2.93
N VAL C 312 17.09 -4.91 3.10
CA VAL C 312 17.71 -5.14 4.40
C VAL C 312 18.62 -3.98 4.75
N GLN C 313 18.38 -3.36 5.91
CA GLN C 313 19.20 -2.25 6.35
C GLN C 313 20.59 -2.73 6.80
N VAL C 314 21.64 -2.06 6.32
CA VAL C 314 23.01 -2.41 6.65
C VAL C 314 23.84 -1.15 6.85
N ASP C 315 24.90 -1.25 7.64
CA ASP C 315 25.89 -0.20 7.72
C ASP C 315 26.90 -0.40 6.58
N GLU C 316 27.97 0.41 6.59
CA GLU C 316 28.95 0.39 5.50
C GLU C 316 29.72 -0.92 5.39
N PHE C 317 29.72 -1.74 6.44
CA PHE C 317 30.40 -3.03 6.41
C PHE C 317 29.41 -4.19 6.25
N SER C 318 28.20 -3.87 5.76
CA SER C 318 27.18 -4.86 5.42
C SER C 318 26.64 -5.61 6.62
N ARG C 319 26.59 -4.93 7.78
CA ARG C 319 26.13 -5.57 9.01
C ARG C 319 24.69 -5.16 9.27
N THR C 320 23.83 -6.14 9.54
CA THR C 320 22.46 -5.85 9.95
C THR C 320 22.45 -5.47 11.43
N ASN C 321 21.27 -5.28 11.98
CA ASN C 321 21.16 -5.00 13.41
C ASN C 321 21.33 -6.27 14.25
N VAL C 322 21.17 -7.45 13.68
CA VAL C 322 21.42 -8.71 14.37
C VAL C 322 22.90 -9.05 14.19
N PRO C 323 23.67 -9.17 15.27
CA PRO C 323 25.08 -9.55 15.11
C PRO C 323 25.25 -10.87 14.38
N ASN C 324 26.40 -11.02 13.75
N ASN C 324 26.43 -11.05 13.78
N ASN C 324 26.40 -11.02 13.75
N ASN C 324 26.43 -11.05 13.78
CA ASN C 324 26.76 -12.21 12.97
CA ASN C 324 26.81 -12.19 12.94
CA ASN C 324 26.76 -12.21 12.97
CA ASN C 324 26.81 -12.20 12.94
C ASN C 324 25.79 -12.49 11.84
C ASN C 324 25.80 -12.47 11.82
C ASN C 324 25.79 -12.49 11.84
C ASN C 324 25.80 -12.47 11.82
N ILE C 325 24.96 -11.50 11.48
CA ILE C 325 24.06 -11.60 10.32
C ILE C 325 24.33 -10.41 9.40
N TYR C 326 24.67 -10.71 8.14
CA TYR C 326 25.06 -9.69 7.16
C TYR C 326 24.25 -9.84 5.88
N ALA C 327 24.16 -8.74 5.13
CA ALA C 327 23.47 -8.69 3.85
C ALA C 327 24.30 -7.92 2.84
N ILE C 328 24.50 -8.51 1.67
CA ILE C 328 25.17 -7.84 0.55
C ILE C 328 24.30 -8.02 -0.70
N GLY C 329 24.57 -7.17 -1.70
CA GLY C 329 23.98 -7.38 -3.01
C GLY C 329 22.67 -6.64 -3.20
N ASP C 330 21.90 -7.09 -4.20
CA ASP C 330 20.63 -6.45 -4.54
C ASP C 330 19.65 -6.43 -3.38
N ILE C 331 19.79 -7.35 -2.42
CA ILE C 331 18.89 -7.34 -1.27
C ILE C 331 19.05 -6.07 -0.45
N THR C 332 20.17 -5.36 -0.59
CA THR C 332 20.34 -4.10 0.12
C THR C 332 19.76 -2.91 -0.62
N ASP C 333 19.38 -3.07 -1.89
CA ASP C 333 18.73 -2.01 -2.66
C ASP C 333 19.62 -0.76 -2.78
N ARG C 334 20.92 -0.98 -2.94
CA ARG C 334 21.86 0.13 -3.15
C ARG C 334 22.18 0.28 -4.65
N LEU C 335 23.30 -0.26 -5.11
CA LEU C 335 23.60 -0.33 -6.53
C LEU C 335 23.41 -1.78 -7.00
N MET C 336 22.39 -2.02 -7.82
CA MET C 336 22.12 -3.38 -8.30
C MET C 336 22.97 -3.67 -9.52
N LEU C 337 24.24 -4.05 -9.27
CA LEU C 337 25.19 -4.44 -10.30
C LEU C 337 26.00 -5.64 -9.81
N THR C 338 26.24 -6.60 -10.71
CA THR C 338 26.99 -7.80 -10.30
C THR C 338 28.38 -7.49 -9.73
N PRO C 339 29.20 -6.61 -10.32
CA PRO C 339 30.53 -6.36 -9.71
C PRO C 339 30.48 -5.66 -8.37
N VAL C 340 29.45 -4.85 -8.11
CA VAL C 340 29.29 -4.28 -6.77
C VAL C 340 28.98 -5.38 -5.77
N ALA C 341 28.08 -6.30 -6.11
CA ALA C 341 27.77 -7.41 -5.22
C ALA C 341 29.00 -8.28 -4.95
N ILE C 342 29.84 -8.48 -5.97
CA ILE C 342 31.09 -9.24 -5.77
C ILE C 342 32.02 -8.49 -4.82
N ASN C 343 32.17 -7.18 -5.02
CA ASN C 343 33.02 -6.38 -4.16
C ASN C 343 32.54 -6.41 -2.71
N GLU C 344 31.23 -6.23 -2.52
CA GLU C 344 30.66 -6.26 -1.17
C GLU C 344 30.92 -7.59 -0.48
N GLY C 345 30.82 -8.70 -1.22
CA GLY C 345 31.00 -10.00 -0.60
C GLY C 345 32.45 -10.26 -0.24
N ALA C 346 33.37 -9.88 -1.12
CA ALA C 346 34.78 -10.05 -0.80
C ALA C 346 35.16 -9.19 0.39
N ALA C 347 34.69 -7.94 0.42
CA ALA C 347 35.02 -7.03 1.51
C ALA C 347 34.47 -7.50 2.85
N LEU C 348 33.34 -8.21 2.84
CA LEU C 348 32.76 -8.67 4.10
C LEU C 348 33.54 -9.84 4.68
N VAL C 349 33.95 -10.79 3.84
CA VAL C 349 34.77 -11.90 4.32
C VAL C 349 36.10 -11.38 4.87
N ASP C 350 36.74 -10.46 4.15
CA ASP C 350 37.95 -9.82 4.67
C ASP C 350 37.71 -9.19 6.04
N THR C 351 36.50 -8.69 6.29
CA THR C 351 36.22 -8.03 7.56
C THR C 351 35.93 -9.05 8.65
N VAL C 352 35.09 -10.04 8.36
CA VAL C 352 34.71 -11.00 9.40
C VAL C 352 35.89 -11.92 9.71
N PHE C 353 36.51 -12.49 8.69
CA PHE C 353 37.52 -13.52 8.84
C PHE C 353 38.94 -13.05 8.51
N GLY C 354 39.18 -11.75 8.45
CA GLY C 354 40.50 -11.25 8.14
C GLY C 354 41.03 -10.24 9.12
N ASN C 355 42.18 -9.63 8.80
CA ASN C 355 42.79 -8.66 9.71
C ASN C 355 42.12 -7.30 9.60
N LYS C 356 42.19 -6.68 8.44
CA LYS C 356 41.70 -5.30 8.32
C LYS C 356 40.28 -5.30 7.78
N PRO C 357 39.35 -4.60 8.44
CA PRO C 357 38.01 -4.44 7.86
C PRO C 357 38.06 -3.58 6.61
N ARG C 358 37.15 -3.89 5.67
CA ARG C 358 37.08 -3.21 4.38
C ARG C 358 35.62 -2.92 4.03
N LYS C 359 35.39 -1.75 3.44
CA LYS C 359 34.05 -1.31 3.04
C LYS C 359 34.03 -0.96 1.55
N THR C 360 32.93 -1.32 0.89
CA THR C 360 32.78 -1.06 -0.54
C THR C 360 32.54 0.42 -0.80
N ASP C 361 33.22 0.94 -1.82
CA ASP C 361 33.03 2.32 -2.27
C ASP C 361 31.97 2.34 -3.36
N HIS C 362 30.86 3.03 -3.10
CA HIS C 362 29.71 3.01 -4.01
C HIS C 362 29.68 4.17 -4.97
N THR C 363 30.64 5.09 -4.88
CA THR C 363 30.74 6.24 -5.76
C THR C 363 31.68 5.95 -6.93
N ARG C 364 31.49 6.67 -8.03
CA ARG C 364 32.38 6.60 -9.18
C ARG C 364 32.47 5.18 -9.75
N VAL C 365 31.36 4.44 -9.63
CA VAL C 365 31.27 3.08 -10.16
C VAL C 365 30.88 3.15 -11.63
N ALA C 366 31.74 2.60 -12.49
CA ALA C 366 31.45 2.62 -13.92
C ALA C 366 30.40 1.56 -14.27
N SER C 367 29.58 1.84 -15.28
CA SER C 367 28.53 0.91 -15.67
C SER C 367 28.18 1.13 -17.14
N ALA C 368 27.29 0.29 -17.67
CA ALA C 368 26.94 0.33 -19.08
C ALA C 368 25.49 -0.07 -19.29
N VAL C 369 24.94 0.39 -20.42
CA VAL C 369 23.69 -0.11 -20.96
C VAL C 369 24.00 -0.73 -22.31
N PHE C 370 23.68 -2.00 -22.47
CA PHE C 370 23.90 -2.64 -23.76
C PHE C 370 22.73 -2.47 -24.70
N SER C 371 22.30 -1.21 -24.82
CA SER C 371 21.41 -0.80 -25.88
C SER C 371 22.14 -0.85 -27.22
N ILE C 372 21.38 -0.68 -28.29
CA ILE C 372 21.94 -0.56 -29.63
C ILE C 372 21.56 0.81 -30.15
N PRO C 373 22.47 1.80 -30.07
CA PRO C 373 23.88 1.74 -29.66
C PRO C 373 24.07 1.77 -28.14
N PRO C 374 25.20 1.31 -27.61
CA PRO C 374 25.35 1.16 -26.16
C PRO C 374 25.87 2.42 -25.46
N ILE C 375 25.67 2.45 -24.14
CA ILE C 375 26.08 3.55 -23.26
C ILE C 375 27.16 3.08 -22.30
N GLY C 376 28.15 3.95 -22.03
CA GLY C 376 29.13 3.74 -20.97
C GLY C 376 29.23 4.99 -20.09
N THR C 377 29.22 4.84 -18.77
CA THR C 377 29.21 6.03 -17.91
C THR C 377 29.97 5.75 -16.62
N CYS C 378 30.53 6.82 -16.04
CA CYS C 378 31.15 6.75 -14.71
C CYS C 378 31.06 8.12 -14.05
N GLY C 379 30.45 8.18 -12.87
CA GLY C 379 30.41 9.40 -12.10
C GLY C 379 29.15 10.21 -12.32
N LEU C 380 29.23 11.49 -11.92
CA LEU C 380 28.05 12.34 -11.79
C LEU C 380 27.60 12.91 -13.14
N ILE C 381 26.28 13.00 -13.31
CA ILE C 381 25.73 13.76 -14.42
C ILE C 381 25.71 15.24 -14.04
N GLU C 382 25.54 16.09 -15.06
CA GLU C 382 25.82 17.51 -14.86
C GLU C 382 24.81 18.16 -13.91
N GLU C 383 23.53 17.77 -13.98
CA GLU C 383 22.57 18.45 -13.11
C GLU C 383 22.77 18.06 -11.64
N VAL C 384 23.26 16.85 -11.37
CA VAL C 384 23.63 16.51 -10.01
C VAL C 384 24.89 17.27 -9.60
N ALA C 385 25.85 17.40 -10.51
CA ALA C 385 27.07 18.14 -10.18
C ALA C 385 26.77 19.61 -9.87
N ALA C 386 25.90 20.24 -10.67
CA ALA C 386 25.62 21.66 -10.53
C ALA C 386 25.01 22.02 -9.18
N LYS C 387 24.41 21.05 -8.49
CA LYS C 387 23.86 21.33 -7.16
C LYS C 387 24.90 21.18 -6.06
N GLU C 388 25.97 20.42 -6.29
CA GLU C 388 26.99 20.23 -5.28
C GLU C 388 28.22 21.11 -5.47
N PHE C 389 28.39 21.74 -6.64
CA PHE C 389 29.55 22.56 -6.93
C PHE C 389 29.11 23.87 -7.56
N GLU C 390 29.77 24.95 -7.14
CA GLU C 390 29.37 26.27 -7.58
C GLU C 390 29.65 26.49 -9.07
N LYS C 391 30.77 25.96 -9.59
CA LYS C 391 31.10 26.10 -11.00
C LYS C 391 31.38 24.74 -11.62
N VAL C 392 30.58 24.37 -12.62
CA VAL C 392 30.69 23.09 -13.32
C VAL C 392 30.89 23.37 -14.80
N ALA C 393 31.85 22.70 -15.42
CA ALA C 393 32.07 22.80 -16.85
C ALA C 393 31.66 21.50 -17.54
N VAL C 394 31.15 21.61 -18.75
CA VAL C 394 30.73 20.45 -19.55
C VAL C 394 31.47 20.50 -20.88
N TYR C 395 32.25 19.47 -21.15
CA TYR C 395 32.92 19.29 -22.43
C TYR C 395 32.16 18.24 -23.24
N MET C 396 31.91 18.52 -24.52
CA MET C 396 30.97 17.71 -25.30
C MET C 396 31.46 17.57 -26.73
N SER C 397 31.47 16.32 -27.23
CA SER C 397 31.69 16.03 -28.64
C SER C 397 30.59 15.10 -29.13
N SER C 398 29.99 15.43 -30.28
CA SER C 398 28.89 14.64 -30.83
C SER C 398 28.94 14.72 -32.35
N PHE C 399 29.29 13.61 -33.00
CA PHE C 399 29.50 13.54 -34.44
C PHE C 399 29.15 12.15 -34.89
N THR C 400 28.74 12.00 -36.15
CA THR C 400 28.65 10.69 -36.78
C THR C 400 30.02 10.25 -37.27
N PRO C 401 30.60 9.17 -36.74
CA PRO C 401 31.89 8.72 -37.24
C PRO C 401 31.85 8.44 -38.73
N LEU C 402 33.03 8.58 -39.36
CA LEU C 402 33.20 8.40 -40.81
C LEU C 402 32.72 7.04 -41.29
N MET C 403 33.04 5.97 -40.56
CA MET C 403 32.63 4.64 -41.01
C MET C 403 31.12 4.55 -41.18
N HIS C 404 30.34 5.29 -40.39
CA HIS C 404 28.89 5.19 -40.53
C HIS C 404 28.33 6.11 -41.59
N ASN C 405 29.13 7.00 -42.15
CA ASN C 405 28.69 7.67 -43.37
C ASN C 405 28.77 6.72 -44.56
N ILE C 406 29.76 5.81 -44.57
CA ILE C 406 29.83 4.77 -45.60
C ILE C 406 28.82 3.67 -45.32
N SER C 407 28.64 3.29 -44.05
CA SER C 407 27.74 2.20 -43.72
C SER C 407 26.30 2.52 -44.08
N GLY C 408 25.94 3.81 -44.11
CA GLY C 408 24.57 4.21 -44.30
C GLY C 408 23.80 4.47 -43.03
N SER C 409 24.36 4.14 -41.87
CA SER C 409 23.71 4.41 -40.58
C SER C 409 24.04 5.82 -40.09
N LYS C 410 23.59 6.80 -40.86
CA LYS C 410 23.99 8.18 -40.57
C LYS C 410 23.45 8.70 -39.26
N TYR C 411 22.45 8.04 -38.67
CA TYR C 411 21.89 8.49 -37.40
C TYR C 411 22.79 8.18 -36.20
N LYS C 412 23.84 7.37 -36.38
CA LYS C 412 24.66 6.88 -35.26
C LYS C 412 25.74 7.89 -34.87
N LYS C 413 25.30 8.95 -34.21
CA LYS C 413 26.24 9.87 -33.56
C LYS C 413 26.94 9.19 -32.38
N PHE C 414 28.25 9.43 -32.27
CA PHE C 414 29.00 9.11 -31.06
C PHE C 414 29.05 10.34 -30.14
N VAL C 415 28.66 10.17 -28.89
CA VAL C 415 28.59 11.28 -27.93
C VAL C 415 29.58 11.01 -26.81
N ALA C 416 30.47 11.99 -26.56
CA ALA C 416 31.40 11.94 -25.44
C ALA C 416 31.26 13.22 -24.64
N LYS C 417 31.03 13.10 -23.33
CA LYS C 417 30.88 14.27 -22.46
C LYS C 417 31.69 14.09 -21.19
N ILE C 418 32.39 15.15 -20.79
CA ILE C 418 33.14 15.18 -19.53
C ILE C 418 32.61 16.32 -18.67
N VAL C 419 32.38 16.05 -17.39
CA VAL C 419 31.82 17.02 -16.44
C VAL C 419 32.90 17.31 -15.39
N THR C 420 33.23 18.60 -15.22
CA THR C 420 34.25 19.01 -14.26
C THR C 420 33.70 19.93 -13.19
N ASN C 421 34.35 19.90 -12.03
CA ASN C 421 34.40 21.05 -11.13
C ASN C 421 35.33 22.08 -11.76
N HIS C 422 34.76 23.16 -12.31
CA HIS C 422 35.58 24.12 -13.06
C HIS C 422 36.56 24.89 -12.19
N SER C 423 36.39 24.86 -10.87
CA SER C 423 37.28 25.61 -9.99
C SER C 423 38.67 25.01 -9.93
N ASP C 424 38.78 23.67 -9.95
CA ASP C 424 40.10 23.02 -9.92
C ASP C 424 40.34 22.06 -11.06
N GLY C 425 39.35 21.80 -11.93
CA GLY C 425 39.52 20.94 -13.09
C GLY C 425 39.23 19.47 -12.86
N THR C 426 38.85 19.06 -11.64
CA THR C 426 38.59 17.65 -11.37
C THR C 426 37.46 17.13 -12.24
N VAL C 427 37.67 15.95 -12.82
CA VAL C 427 36.63 15.27 -13.59
C VAL C 427 35.65 14.61 -12.64
N LEU C 428 34.38 14.99 -12.73
CA LEU C 428 33.33 14.44 -11.88
C LEU C 428 32.53 13.34 -12.55
N GLY C 429 32.40 13.38 -13.88
CA GLY C 429 31.68 12.33 -14.59
C GLY C 429 32.13 12.29 -16.04
N VAL C 430 32.00 11.10 -16.64
CA VAL C 430 32.24 10.87 -18.05
C VAL C 430 31.10 10.02 -18.59
N HIS C 431 30.53 10.41 -19.73
CA HIS C 431 29.35 9.74 -20.26
C HIS C 431 29.49 9.57 -21.76
N LEU C 432 29.23 8.36 -22.26
CA LEU C 432 29.54 7.95 -23.63
C LEU C 432 28.39 7.21 -24.28
N LEU C 433 28.11 7.53 -25.55
CA LEU C 433 27.14 6.80 -26.37
C LEU C 433 27.75 6.45 -27.73
N GLY C 434 27.67 5.18 -28.10
CA GLY C 434 28.23 4.74 -29.36
C GLY C 434 28.95 3.42 -29.20
N ASP C 435 29.27 2.77 -30.33
CA ASP C 435 29.96 1.47 -30.33
C ASP C 435 31.23 1.53 -29.49
N GLY C 436 31.41 0.55 -28.62
CA GLY C 436 32.57 0.50 -27.75
C GLY C 436 32.46 1.29 -26.46
N ALA C 437 31.38 2.05 -26.26
CA ALA C 437 31.25 2.80 -25.02
C ALA C 437 31.42 1.96 -23.76
N PRO C 438 30.91 0.73 -23.66
CA PRO C 438 31.15 -0.03 -22.42
C PRO C 438 32.61 -0.41 -22.23
N GLU C 439 33.37 -0.64 -23.32
CA GLU C 439 34.79 -0.94 -23.16
C GLU C 439 35.59 0.32 -22.84
N ILE C 440 35.22 1.46 -23.44
CA ILE C 440 36.01 2.69 -23.26
C ILE C 440 35.98 3.14 -21.80
N ILE C 441 34.83 2.97 -21.14
CA ILE C 441 34.61 3.62 -19.85
C ILE C 441 35.40 2.95 -18.73
N GLN C 442 35.84 1.70 -18.89
CA GLN C 442 36.39 0.95 -17.76
C GLN C 442 37.62 1.62 -17.17
N ALA C 443 38.60 1.97 -18.01
CA ALA C 443 39.80 2.61 -17.49
C ALA C 443 39.51 4.02 -16.99
N VAL C 444 38.42 4.62 -17.44
CA VAL C 444 38.03 5.93 -16.91
C VAL C 444 37.69 5.81 -15.43
N GLY C 445 37.07 4.71 -15.03
CA GLY C 445 36.78 4.52 -13.61
C GLY C 445 38.03 4.47 -12.76
N VAL C 446 39.13 3.99 -13.34
CA VAL C 446 40.42 4.02 -12.64
C VAL C 446 40.92 5.46 -12.53
N CYS C 447 40.80 6.24 -13.61
CA CYS C 447 41.21 7.65 -13.59
C CYS C 447 40.51 8.42 -12.49
N LEU C 448 39.22 8.17 -12.29
CA LEU C 448 38.48 8.91 -11.27
C LEU C 448 38.95 8.54 -9.87
N ARG C 449 39.55 7.36 -9.70
CA ARG C 449 40.14 6.97 -8.43
C ARG C 449 41.48 7.64 -8.19
N LEU C 450 42.09 8.20 -9.24
CA LEU C 450 43.34 8.93 -9.16
C LEU C 450 43.12 10.44 -9.17
N ASN C 451 41.88 10.87 -9.07
CA ASN C 451 41.51 12.29 -9.03
C ASN C 451 42.03 13.03 -10.26
N ALA C 452 41.80 12.42 -11.43
CA ALA C 452 42.18 13.03 -12.69
C ALA C 452 41.49 14.38 -12.88
N LYS C 453 42.19 15.29 -13.55
CA LYS C 453 41.64 16.56 -14.00
C LYS C 453 41.45 16.52 -15.50
N ILE C 454 40.72 17.50 -16.02
CA ILE C 454 40.52 17.59 -17.47
C ILE C 454 41.87 17.71 -18.17
N SER C 455 42.81 18.47 -17.59
CA SER C 455 44.11 18.63 -18.26
C SER C 455 44.86 17.30 -18.33
N ASP C 456 44.60 16.39 -17.38
CA ASP C 456 45.18 15.06 -17.44
C ASP C 456 44.68 14.31 -18.68
N PHE C 457 43.39 14.43 -18.99
CA PHE C 457 42.88 13.84 -20.21
C PHE C 457 43.44 14.54 -21.45
N TYR C 458 43.42 15.88 -21.45
CA TYR C 458 43.76 16.60 -22.69
C TYR C 458 45.24 16.46 -23.05
N ASN C 459 46.11 16.26 -22.06
CA ASN C 459 47.54 16.16 -22.33
C ASN C 459 47.98 14.72 -22.61
N THR C 460 47.09 13.74 -22.47
CA THR C 460 47.38 12.39 -22.91
C THR C 460 47.30 12.33 -24.42
N ILE C 461 48.26 11.66 -25.04
CA ILE C 461 48.29 11.53 -26.50
C ILE C 461 47.26 10.47 -26.93
N GLY C 462 46.48 10.81 -27.96
CA GLY C 462 45.41 9.92 -28.36
C GLY C 462 45.90 8.72 -29.14
N VAL C 463 45.01 7.72 -29.22
CA VAL C 463 45.14 6.57 -30.11
C VAL C 463 44.27 6.83 -31.35
N HIS C 464 44.87 6.74 -32.54
CA HIS C 464 44.19 7.18 -33.76
C HIS C 464 44.21 6.07 -34.80
N PRO C 465 43.07 5.77 -35.46
CA PRO C 465 41.73 6.35 -35.23
C PRO C 465 40.85 5.51 -34.31
N THR C 466 40.30 6.14 -33.27
CA THR C 466 39.36 5.52 -32.35
C THR C 466 38.27 6.53 -32.02
N SER C 467 37.18 6.03 -31.47
CA SER C 467 36.22 6.91 -30.82
C SER C 467 36.77 7.44 -29.52
N ALA C 468 37.52 6.61 -28.80
CA ALA C 468 37.92 6.97 -27.45
C ALA C 468 38.82 8.21 -27.42
N GLU C 469 39.61 8.44 -28.48
CA GLU C 469 40.53 9.58 -28.50
C GLU C 469 39.80 10.91 -28.41
N GLU C 470 38.47 10.93 -28.59
CA GLU C 470 37.69 12.14 -28.35
C GLU C 470 37.81 12.62 -26.92
N LEU C 471 37.93 11.68 -25.97
CA LEU C 471 38.06 12.05 -24.56
C LEU C 471 39.34 12.81 -24.30
N CYS C 472 40.35 12.68 -25.16
CA CYS C 472 41.62 13.34 -25.00
C CYS C 472 41.80 14.54 -25.93
N SER C 473 40.72 15.00 -26.57
CA SER C 473 40.81 16.11 -27.52
C SER C 473 39.94 17.28 -27.12
N MET C 474 39.60 17.40 -25.84
CA MET C 474 38.62 18.37 -25.38
C MET C 474 39.25 19.27 -24.32
N ARG C 475 39.49 20.53 -24.68
CA ARG C 475 40.11 21.47 -23.76
C ARG C 475 39.28 22.71 -23.49
N THR C 476 38.26 22.99 -24.30
CA THR C 476 37.43 24.17 -24.12
C THR C 476 36.01 23.77 -23.76
N PRO C 477 35.51 24.14 -22.58
CA PRO C 477 34.12 23.79 -22.22
C PRO C 477 33.14 24.19 -23.30
N SER C 478 32.12 23.33 -23.48
CA SER C 478 30.98 23.68 -24.33
C SER C 478 30.01 24.62 -23.62
N TYR C 479 29.84 24.46 -22.31
CA TYR C 479 28.97 25.34 -21.51
C TYR C 479 29.28 25.05 -20.05
N TYR C 480 28.62 25.81 -19.17
CA TYR C 480 28.90 25.77 -17.73
C TYR C 480 27.59 25.79 -16.95
N TYR C 481 27.68 25.39 -15.68
CA TYR C 481 26.68 25.71 -14.68
C TYR C 481 27.31 26.56 -13.61
N VAL C 482 26.69 27.70 -13.30
CA VAL C 482 27.18 28.65 -12.29
C VAL C 482 26.07 28.83 -11.27
N LYS C 483 26.30 28.38 -10.03
CA LYS C 483 25.30 28.41 -8.96
C LYS C 483 24.00 27.72 -9.38
N GLY C 484 24.11 26.66 -10.17
CA GLY C 484 22.96 25.92 -10.61
C GLY C 484 22.37 26.38 -11.93
N GLU C 485 22.91 27.43 -12.54
CA GLU C 485 22.34 28.02 -13.74
C GLU C 485 23.20 27.70 -14.96
N LYS C 486 22.58 27.04 -15.94
CA LYS C 486 23.21 26.75 -17.22
C LYS C 486 23.55 28.05 -17.94
N MET C 487 24.70 28.09 -18.60
CA MET C 487 25.02 29.23 -19.45
C MET C 487 26.18 28.89 -20.38
N GLU C 488 26.11 29.41 -21.60
CA GLU C 488 27.12 29.09 -22.60
C GLU C 488 28.49 29.63 -22.22
N LYS C 489 28.55 30.80 -21.57
CA LYS C 489 29.82 31.47 -21.29
C LYS C 489 29.93 31.79 -19.80
N LEU C 490 31.16 32.16 -19.40
CA LEU C 490 31.54 32.43 -18.00
C LEU C 490 31.55 31.15 -17.17
N GLY D 1 61.99 46.27 -62.76
CA GLY D 1 62.77 46.09 -61.56
C GLY D 1 62.29 44.92 -60.73
N SER D 2 62.77 44.82 -59.51
CA SER D 2 62.39 43.72 -58.65
C SER D 2 61.20 44.11 -57.79
N HIS D 3 60.56 43.10 -57.21
CA HIS D 3 59.42 43.31 -56.32
C HIS D 3 59.49 42.30 -55.18
N MET D 4 58.93 42.69 -54.04
CA MET D 4 59.14 41.95 -52.79
C MET D 4 58.44 40.59 -52.79
N SER D 5 59.04 39.64 -52.06
CA SER D 5 58.49 38.30 -51.86
C SER D 5 57.34 38.30 -50.86
N LYS D 6 56.42 37.35 -51.03
CA LYS D 6 55.48 37.02 -49.96
C LYS D 6 56.27 36.58 -48.73
N ALA D 7 55.95 37.14 -47.57
CA ALA D 7 56.74 36.96 -46.35
C ALA D 7 55.87 36.46 -45.20
N PHE D 8 56.44 35.61 -44.35
CA PHE D 8 55.66 34.89 -43.34
C PHE D 8 56.43 34.82 -42.04
N ASP D 9 55.70 34.84 -40.93
CA ASP D 9 56.27 34.45 -39.64
C ASP D 9 56.79 33.02 -39.69
N LEU D 10 56.07 32.13 -40.39
CA LEU D 10 56.37 30.71 -40.34
C LEU D 10 56.05 30.07 -41.68
N VAL D 11 57.00 29.33 -42.23
CA VAL D 11 56.73 28.53 -43.42
C VAL D 11 56.87 27.06 -43.01
N VAL D 12 55.81 26.30 -43.24
CA VAL D 12 55.75 24.87 -42.93
C VAL D 12 55.87 24.11 -44.24
N ILE D 13 56.85 23.21 -44.32
CA ILE D 13 57.02 22.37 -45.50
C ILE D 13 56.44 21.01 -45.18
N GLY D 14 55.28 20.73 -45.77
CA GLY D 14 54.53 19.50 -45.57
C GLY D 14 53.24 19.77 -44.80
N ALA D 15 52.10 19.63 -45.47
CA ALA D 15 50.79 19.92 -44.88
C ALA D 15 50.15 18.65 -44.32
N GLY D 16 50.87 18.02 -43.38
CA GLY D 16 50.49 16.74 -42.84
C GLY D 16 49.99 16.83 -41.42
N SER D 17 50.05 15.69 -40.72
CA SER D 17 49.50 15.63 -39.36
C SER D 17 50.11 16.71 -38.47
N GLY D 18 51.43 16.75 -38.40
CA GLY D 18 52.11 17.70 -37.55
C GLY D 18 52.10 19.11 -38.12
N GLY D 19 52.30 19.21 -39.44
CA GLY D 19 52.42 20.51 -40.08
C GLY D 19 51.14 21.32 -40.08
N LEU D 20 49.99 20.67 -40.29
CA LEU D 20 48.72 21.38 -40.24
C LEU D 20 48.37 21.80 -38.82
N GLU D 21 48.65 20.96 -37.83
CA GLU D 21 48.44 21.35 -36.45
C GLU D 21 49.26 22.60 -36.11
N ALA D 22 50.54 22.59 -36.50
CA ALA D 22 51.41 23.72 -36.23
C ALA D 22 50.92 24.97 -36.96
N GLY D 23 50.60 24.83 -38.24
CA GLY D 23 50.20 25.99 -39.03
C GLY D 23 48.90 26.62 -38.53
N TRP D 24 47.87 25.78 -38.38
CA TRP D 24 46.57 26.24 -37.86
C TRP D 24 46.71 26.90 -36.51
N ASN D 25 47.48 26.30 -35.59
CA ASN D 25 47.61 26.88 -34.26
C ASN D 25 48.34 28.22 -34.29
N ALA D 26 49.42 28.31 -35.07
CA ALA D 26 50.17 29.56 -35.15
C ALA D 26 49.31 30.68 -35.71
N ALA D 27 48.46 30.37 -36.71
CA ALA D 27 47.65 31.41 -37.33
C ALA D 27 46.45 31.80 -36.47
N THR D 28 45.71 30.83 -35.93
CA THR D 28 44.44 31.17 -35.29
C THR D 28 44.55 31.44 -33.80
N LEU D 29 45.50 30.82 -33.10
CA LEU D 29 45.69 31.12 -31.68
C LEU D 29 46.67 32.25 -31.42
N TYR D 30 47.70 32.42 -32.26
CA TYR D 30 48.72 33.43 -31.99
C TYR D 30 48.80 34.50 -33.08
N GLY D 31 47.85 34.52 -34.02
CA GLY D 31 47.76 35.60 -34.98
C GLY D 31 48.91 35.72 -35.96
N LYS D 32 49.63 34.65 -36.23
CA LYS D 32 50.79 34.71 -37.10
C LYS D 32 50.40 34.51 -38.57
N ARG D 33 51.23 35.06 -39.45
CA ARG D 33 51.10 34.83 -40.88
C ARG D 33 51.90 33.59 -41.25
N VAL D 34 51.20 32.58 -41.78
CA VAL D 34 51.73 31.22 -41.93
C VAL D 34 51.55 30.77 -43.38
N ALA D 35 52.59 30.15 -43.95
CA ALA D 35 52.49 29.49 -45.24
C ALA D 35 52.72 28.01 -45.04
N VAL D 36 51.95 27.19 -45.78
CA VAL D 36 52.04 25.73 -45.73
C VAL D 36 52.17 25.20 -47.14
N VAL D 37 53.13 24.29 -47.35
CA VAL D 37 53.50 23.80 -48.68
C VAL D 37 53.21 22.30 -48.77
N ASP D 38 52.57 21.86 -49.85
CA ASP D 38 52.45 20.42 -50.10
C ASP D 38 52.38 20.18 -51.61
N VAL D 39 52.71 18.95 -52.03
CA VAL D 39 52.90 18.64 -53.44
C VAL D 39 51.63 18.25 -54.19
N GLN D 40 50.51 18.05 -53.49
CA GLN D 40 49.25 17.69 -54.13
C GLN D 40 48.11 18.21 -53.28
N THR D 41 47.02 18.59 -53.94
CA THR D 41 45.86 19.10 -53.20
C THR D 41 44.83 18.01 -52.87
N SER D 42 44.97 16.80 -53.43
CA SER D 42 44.09 15.70 -53.06
C SER D 42 44.84 14.39 -53.26
N HIS D 43 44.27 13.32 -52.71
CA HIS D 43 44.97 12.04 -52.58
C HIS D 43 45.28 11.38 -53.92
N GLY D 44 46.30 10.53 -53.93
CA GLY D 44 46.46 9.54 -54.97
C GLY D 44 47.68 9.75 -55.83
N PRO D 45 47.89 8.87 -56.80
CA PRO D 45 49.04 9.02 -57.69
C PRO D 45 49.02 10.33 -58.42
N PRO D 46 50.19 10.88 -58.77
CA PRO D 46 51.53 10.28 -58.67
C PRO D 46 52.19 10.32 -57.30
N PHE D 47 51.85 11.25 -56.40
CA PHE D 47 52.67 11.45 -55.21
C PHE D 47 52.04 10.89 -53.95
N TYR D 48 50.78 10.41 -54.03
CA TYR D 48 50.09 9.63 -53.01
C TYR D 48 49.72 10.43 -51.76
N ALA D 49 50.69 10.85 -50.95
CA ALA D 49 50.35 11.81 -49.91
C ALA D 49 50.02 13.16 -50.54
N ALA D 50 49.40 14.04 -49.76
CA ALA D 50 48.88 15.30 -50.28
C ALA D 50 48.47 16.16 -49.09
N LEU D 51 47.96 17.36 -49.38
CA LEU D 51 47.20 18.15 -48.41
C LEU D 51 46.43 17.26 -47.45
N GLY D 52 46.73 17.38 -46.15
CA GLY D 52 46.20 16.50 -45.13
C GLY D 52 47.22 15.55 -44.53
N GLY D 53 48.19 15.12 -45.31
CA GLY D 53 49.29 14.30 -44.83
C GLY D 53 49.12 12.85 -45.17
N THR D 54 50.08 12.05 -44.67
CA THR D 54 50.10 10.63 -44.99
C THR D 54 48.94 9.88 -44.34
N CYS D 55 48.64 10.19 -43.07
CA CYS D 55 47.53 9.53 -42.40
C CYS D 55 46.22 9.72 -43.17
N VAL D 56 45.93 10.94 -43.58
CA VAL D 56 44.65 11.25 -44.19
C VAL D 56 44.51 10.60 -45.56
N ASN D 57 45.57 10.66 -46.37
CA ASN D 57 45.45 10.22 -47.75
C ASN D 57 45.83 8.76 -47.97
N VAL D 58 46.90 8.26 -47.33
CA VAL D 58 47.38 6.91 -47.57
C VAL D 58 47.89 6.28 -46.27
N GLY D 59 47.15 6.45 -45.18
CA GLY D 59 47.57 5.89 -43.90
C GLY D 59 46.41 5.54 -42.99
N CYS D 60 46.39 6.10 -41.77
CA CYS D 60 45.46 5.66 -40.74
C CYS D 60 44.01 5.71 -41.22
N VAL D 61 43.59 6.80 -41.86
CA VAL D 61 42.18 6.99 -42.13
C VAL D 61 41.66 6.03 -43.20
N PRO D 62 42.27 5.90 -44.40
CA PRO D 62 41.77 4.89 -45.34
C PRO D 62 41.99 3.47 -44.88
N LYS D 63 43.13 3.17 -44.24
CA LYS D 63 43.37 1.80 -43.82
C LYS D 63 42.38 1.35 -42.77
N LYS D 64 41.94 2.26 -41.89
CA LYS D 64 40.95 1.86 -40.90
C LYS D 64 39.64 1.51 -41.58
N LEU D 65 39.25 2.28 -42.60
CA LEU D 65 38.02 1.96 -43.34
C LEU D 65 38.12 0.60 -44.01
N MET D 66 39.28 0.29 -44.58
CA MET D 66 39.47 -0.98 -45.27
C MET D 66 39.52 -2.14 -44.29
N VAL D 67 40.12 -1.95 -43.11
CA VAL D 67 40.06 -2.99 -42.08
C VAL D 67 38.63 -3.19 -41.60
N THR D 68 37.86 -2.11 -41.43
CA THR D 68 36.47 -2.30 -41.06
C THR D 68 35.74 -3.12 -42.11
N GLY D 69 36.03 -2.87 -43.40
CA GLY D 69 35.46 -3.69 -44.45
C GLY D 69 35.88 -5.15 -44.36
N ALA D 70 37.16 -5.39 -44.08
CA ALA D 70 37.63 -6.77 -43.95
C ALA D 70 36.95 -7.50 -42.80
N GLN D 71 36.60 -6.79 -41.73
CA GLN D 71 35.98 -7.44 -40.57
C GLN D 71 34.62 -8.06 -40.88
N TYR D 72 33.92 -7.59 -41.93
CA TYR D 72 32.63 -8.19 -42.26
C TYR D 72 32.75 -9.64 -42.69
N MET D 73 33.90 -10.05 -43.24
CA MET D 73 34.11 -11.47 -43.47
C MET D 73 33.90 -12.25 -42.18
N ASP D 74 34.52 -11.80 -41.10
CA ASP D 74 34.34 -12.48 -39.82
C ASP D 74 32.90 -12.36 -39.33
N HIS D 75 32.30 -11.17 -39.44
CA HIS D 75 30.95 -10.97 -38.94
C HIS D 75 29.96 -11.88 -39.65
N LEU D 76 30.02 -11.93 -40.98
CA LEU D 76 29.06 -12.75 -41.71
C LEU D 76 29.14 -14.19 -41.28
N ARG D 77 30.36 -14.71 -41.07
CA ARG D 77 30.52 -16.10 -40.65
C ARG D 77 30.05 -16.30 -39.20
N GLU D 78 30.45 -15.41 -38.29
CA GLU D 78 30.11 -15.55 -36.87
C GLU D 78 28.62 -15.34 -36.58
N SER D 79 27.88 -14.63 -37.45
CA SER D 79 26.46 -14.41 -37.21
C SER D 79 25.66 -15.73 -37.14
N ALA D 80 26.16 -16.81 -37.77
CA ALA D 80 25.38 -18.04 -37.82
C ALA D 80 25.20 -18.64 -36.44
N GLY D 81 26.23 -18.58 -35.58
CA GLY D 81 26.10 -19.08 -34.22
C GLY D 81 25.01 -18.41 -33.42
N PHE D 82 24.67 -17.17 -33.78
CA PHE D 82 23.61 -16.44 -33.09
C PHE D 82 22.28 -16.56 -33.80
N GLY D 83 22.20 -17.41 -34.81
CA GLY D 83 20.94 -17.73 -35.44
C GLY D 83 20.68 -17.04 -36.76
N TRP D 84 21.64 -16.32 -37.32
CA TRP D 84 21.38 -15.64 -38.57
C TRP D 84 21.56 -16.61 -39.73
N GLU D 85 20.63 -16.53 -40.68
CA GLU D 85 20.58 -17.45 -41.80
C GLU D 85 20.52 -16.63 -43.07
N PHE D 86 21.29 -17.05 -44.07
CA PHE D 86 21.25 -16.44 -45.40
C PHE D 86 21.96 -17.37 -46.36
N ASP D 87 21.81 -17.09 -47.65
CA ASP D 87 22.46 -17.90 -48.69
C ASP D 87 23.95 -17.64 -48.72
N GLY D 88 24.74 -18.48 -48.05
CA GLY D 88 26.17 -18.28 -47.99
C GLY D 88 26.86 -18.34 -49.34
N SER D 89 26.26 -19.01 -50.32
CA SER D 89 26.86 -19.14 -51.62
C SER D 89 26.72 -17.86 -52.44
N SER D 90 25.90 -16.91 -52.02
CA SER D 90 25.79 -15.63 -52.72
C SER D 90 26.78 -14.58 -52.23
N VAL D 91 27.59 -14.88 -51.21
CA VAL D 91 28.43 -13.85 -50.60
C VAL D 91 29.63 -13.57 -51.48
N LYS D 92 29.87 -12.29 -51.79
CA LYS D 92 31.09 -11.90 -52.50
C LYS D 92 31.53 -10.53 -52.04
N ALA D 93 32.85 -10.36 -51.94
CA ALA D 93 33.48 -9.15 -51.45
C ALA D 93 33.89 -8.30 -52.66
N ASN D 94 33.30 -7.11 -52.79
CA ASN D 94 33.55 -6.23 -53.94
C ASN D 94 34.59 -5.18 -53.57
N TRP D 95 35.86 -5.46 -53.92
CA TRP D 95 36.97 -4.56 -53.67
C TRP D 95 36.77 -3.20 -54.31
N LYS D 96 36.24 -3.18 -55.54
CA LYS D 96 36.09 -1.92 -56.26
C LYS D 96 35.16 -0.96 -55.52
N LYS D 97 34.11 -1.49 -54.92
CA LYS D 97 33.20 -0.61 -54.20
C LYS D 97 33.85 -0.09 -52.93
N LEU D 98 34.62 -0.94 -52.24
CA LEU D 98 35.36 -0.49 -51.07
C LEU D 98 36.31 0.66 -51.43
N ILE D 99 37.08 0.51 -52.52
CA ILE D 99 38.06 1.53 -52.88
C ILE D 99 37.35 2.81 -53.28
N ALA D 100 36.22 2.69 -53.99
CA ALA D 100 35.50 3.88 -54.41
C ALA D 100 34.91 4.61 -53.21
N ALA D 101 34.43 3.87 -52.21
CA ALA D 101 33.92 4.49 -50.98
C ALA D 101 35.03 5.17 -50.22
N LYS D 102 36.19 4.49 -50.10
CA LYS D 102 37.35 5.06 -49.45
C LYS D 102 37.84 6.31 -50.17
N ASN D 103 37.87 6.28 -51.51
CA ASN D 103 38.36 7.44 -52.26
C ASN D 103 37.49 8.67 -52.00
N GLU D 104 36.16 8.50 -52.00
CA GLU D 104 35.28 9.63 -51.77
C GLU D 104 35.42 10.16 -50.35
N ALA D 105 35.52 9.25 -49.37
CA ALA D 105 35.78 9.67 -48.00
C ALA D 105 37.03 10.56 -47.90
N VAL D 106 38.14 10.13 -48.51
CA VAL D 106 39.37 10.91 -48.42
C VAL D 106 39.22 12.25 -49.16
N LEU D 107 38.58 12.23 -50.33
CA LEU D 107 38.49 13.46 -51.11
C LEU D 107 37.68 14.52 -50.37
N ASP D 108 36.63 14.11 -49.65
CA ASP D 108 35.89 15.05 -48.81
C ASP D 108 36.79 15.69 -47.77
N ILE D 109 37.74 14.94 -47.21
CA ILE D 109 38.66 15.53 -46.23
C ILE D 109 39.62 16.47 -46.92
N ASN D 110 40.12 16.09 -48.12
CA ASN D 110 40.94 17.01 -48.92
C ASN D 110 40.23 18.34 -49.14
N LYS D 111 39.00 18.26 -49.68
CA LYS D 111 38.21 19.45 -49.95
C LYS D 111 37.95 20.25 -48.68
N SER D 112 37.67 19.57 -47.57
CA SER D 112 37.47 20.27 -46.31
C SER D 112 38.68 21.13 -45.94
N TYR D 113 39.89 20.58 -46.04
CA TYR D 113 41.11 21.35 -45.75
C TYR D 113 41.30 22.50 -46.72
N GLU D 114 40.94 22.32 -47.98
CA GLU D 114 41.00 23.44 -48.92
C GLU D 114 40.15 24.61 -48.44
N GLY D 115 38.92 24.34 -47.98
CA GLY D 115 38.09 25.41 -47.48
C GLY D 115 38.64 26.06 -46.23
N MET D 116 39.33 25.28 -45.40
CA MET D 116 40.01 25.83 -44.23
C MET D 116 41.02 26.90 -44.65
N PHE D 117 41.82 26.62 -45.68
CA PHE D 117 42.76 27.63 -46.14
C PHE D 117 42.02 28.83 -46.72
N ASN D 118 41.02 28.59 -47.57
CA ASN D 118 40.33 29.69 -48.22
C ASN D 118 39.69 30.63 -47.20
N ASP D 119 39.22 30.10 -46.08
CA ASP D 119 38.43 30.90 -45.15
C ASP D 119 39.22 31.48 -43.98
N THR D 120 40.45 31.04 -43.72
CA THR D 120 41.20 31.48 -42.55
C THR D 120 42.21 32.56 -42.95
N GLU D 121 42.02 33.78 -42.46
CA GLU D 121 42.93 34.86 -42.79
C GLU D 121 44.29 34.62 -42.11
N GLY D 122 45.38 34.80 -42.86
CA GLY D 122 46.68 34.53 -42.31
C GLY D 122 47.21 33.11 -42.52
N LEU D 123 46.41 32.21 -43.07
CA LEU D 123 46.85 30.83 -43.31
C LEU D 123 46.80 30.54 -44.81
N ASP D 124 47.97 30.42 -45.44
CA ASP D 124 48.09 30.36 -46.89
C ASP D 124 48.65 29.02 -47.33
N PHE D 125 48.08 28.44 -48.37
CA PHE D 125 48.56 27.18 -48.96
C PHE D 125 49.32 27.43 -50.25
N PHE D 126 50.42 26.68 -50.43
CA PHE D 126 51.19 26.70 -51.67
C PHE D 126 51.41 25.29 -52.19
N LEU D 127 51.04 25.07 -53.47
CA LEU D 127 51.23 23.81 -54.16
C LEU D 127 52.64 23.74 -54.72
N GLY D 128 53.36 22.65 -54.41
CA GLY D 128 54.62 22.35 -55.07
C GLY D 128 55.59 21.71 -54.10
N TRP D 129 56.88 21.69 -54.51
CA TRP D 129 57.96 21.06 -53.79
C TRP D 129 58.79 22.14 -53.08
N GLY D 130 58.80 22.08 -51.75
CA GLY D 130 59.51 23.07 -50.95
C GLY D 130 60.90 22.57 -50.59
N SER D 131 61.85 23.50 -50.56
CA SER D 131 63.20 23.21 -50.12
C SER D 131 63.81 24.47 -49.55
N LEU D 132 64.95 24.31 -48.87
CA LEU D 132 65.61 25.43 -48.20
C LEU D 132 66.63 26.01 -49.17
N GLU D 133 66.37 27.23 -49.65
CA GLU D 133 67.40 27.88 -50.46
C GLU D 133 68.48 28.50 -49.58
N SER D 134 68.08 29.21 -48.52
CA SER D 134 68.98 29.70 -47.49
C SER D 134 68.24 29.67 -46.14
N LYS D 135 68.88 30.22 -45.10
CA LYS D 135 68.41 30.05 -43.73
C LYS D 135 67.03 30.68 -43.47
N ASN D 136 66.60 31.64 -44.29
CA ASN D 136 65.30 32.27 -44.14
C ASN D 136 64.57 32.39 -45.47
N VAL D 137 64.81 31.46 -46.40
CA VAL D 137 64.21 31.48 -47.73
C VAL D 137 63.79 30.07 -48.11
N VAL D 138 62.48 29.84 -48.26
CA VAL D 138 61.93 28.61 -48.80
C VAL D 138 61.51 28.85 -50.23
N VAL D 139 61.96 28.00 -51.16
CA VAL D 139 61.52 28.05 -52.55
C VAL D 139 60.55 26.91 -52.79
N VAL D 140 59.55 27.17 -53.62
CA VAL D 140 58.56 26.18 -54.03
C VAL D 140 58.76 25.93 -55.52
N ARG D 141 59.11 24.70 -55.90
CA ARG D 141 59.39 24.39 -57.30
C ARG D 141 58.31 23.50 -57.89
N GLU D 142 58.37 23.38 -59.22
CA GLU D 142 57.41 22.58 -59.98
C GLU D 142 57.48 21.10 -59.60
N THR D 143 58.69 20.53 -59.51
CA THR D 143 58.86 19.10 -59.25
C THR D 143 59.89 18.90 -58.14
N ALA D 144 60.12 17.64 -57.80
CA ALA D 144 61.16 17.33 -56.82
C ALA D 144 62.56 17.61 -57.36
N ASP D 145 62.70 17.74 -58.67
CA ASP D 145 64.00 18.03 -59.28
C ASP D 145 64.42 19.44 -58.91
N PRO D 146 65.57 19.63 -58.27
CA PRO D 146 66.00 20.99 -57.87
C PRO D 146 66.35 21.91 -59.03
N LYS D 147 66.29 21.45 -60.28
CA LYS D 147 66.45 22.30 -61.44
C LYS D 147 65.13 22.67 -62.09
N SER D 148 64.01 22.17 -61.56
CA SER D 148 62.71 22.57 -62.09
C SER D 148 62.40 24.03 -61.72
N ALA D 149 61.41 24.60 -62.40
CA ALA D 149 61.12 26.02 -62.27
C ALA D 149 60.69 26.39 -60.86
N VAL D 150 61.14 27.56 -60.41
CA VAL D 150 60.73 28.12 -59.13
C VAL D 150 59.34 28.74 -59.26
N LYS D 151 58.34 28.16 -58.60
CA LYS D 151 57.01 28.77 -58.61
C LYS D 151 56.97 30.01 -57.72
N GLU D 152 57.50 29.90 -56.51
CA GLU D 152 57.41 30.94 -55.48
C GLU D 152 58.68 30.90 -54.65
N ARG D 153 59.16 32.06 -54.24
CA ARG D 153 60.27 32.20 -53.30
C ARG D 153 59.76 32.99 -52.11
N LEU D 154 59.72 32.35 -50.94
CA LEU D 154 59.04 32.90 -49.76
C LEU D 154 60.04 33.30 -48.71
N GLN D 155 59.82 34.46 -48.11
CA GLN D 155 60.62 34.92 -47.00
C GLN D 155 60.03 34.38 -45.69
N ALA D 156 60.86 33.72 -44.89
CA ALA D 156 60.40 33.03 -43.69
C ALA D 156 61.24 33.41 -42.49
N ASP D 157 60.61 33.96 -41.46
CA ASP D 157 61.30 34.14 -40.18
C ASP D 157 61.64 32.80 -39.56
N HIS D 158 60.69 31.87 -39.57
CA HIS D 158 60.83 30.55 -38.99
C HIS D 158 60.42 29.50 -40.01
N ILE D 159 61.13 28.37 -40.02
CA ILE D 159 60.85 27.29 -40.97
C ILE D 159 60.60 26.01 -40.19
N LEU D 160 59.50 25.32 -40.51
CA LEU D 160 59.17 24.02 -39.92
C LEU D 160 59.25 22.93 -40.98
N LEU D 161 60.13 21.95 -40.77
CA LEU D 161 60.26 20.79 -41.63
C LEU D 161 59.29 19.71 -41.15
N ALA D 162 58.32 19.35 -42.00
CA ALA D 162 57.32 18.35 -41.60
C ALA D 162 56.90 17.53 -42.82
N THR D 163 57.87 17.00 -43.54
CA THR D 163 57.61 16.25 -44.76
C THR D 163 57.34 14.77 -44.56
N GLY D 164 57.37 14.26 -43.32
CA GLY D 164 57.01 12.87 -43.06
C GLY D 164 58.10 11.86 -43.41
N SER D 165 57.65 10.65 -43.75
CA SER D 165 58.49 9.51 -44.08
C SER D 165 58.00 8.90 -45.40
N TRP D 166 58.63 7.82 -45.83
CA TRP D 166 58.39 7.22 -47.15
C TRP D 166 58.75 5.74 -47.09
N PRO D 167 58.09 4.89 -47.88
CA PRO D 167 58.38 3.44 -47.82
C PRO D 167 59.82 3.13 -48.19
N GLN D 168 60.45 2.26 -47.38
CA GLN D 168 61.80 1.78 -47.63
C GLN D 168 61.74 0.62 -48.61
N MET D 169 62.55 0.67 -49.66
CA MET D 169 62.56 -0.36 -50.69
C MET D 169 63.92 -1.03 -50.76
N PRO D 170 64.03 -2.32 -50.41
CA PRO D 170 65.35 -2.97 -50.39
C PRO D 170 66.01 -2.99 -51.76
N ALA D 171 67.33 -2.94 -51.77
CA ALA D 171 68.11 -2.92 -53.00
C ALA D 171 68.34 -4.35 -53.45
N ILE D 172 67.37 -4.90 -54.18
CA ILE D 172 67.47 -6.26 -54.72
C ILE D 172 67.10 -6.21 -56.20
N PRO D 173 67.56 -7.20 -56.96
CA PRO D 173 67.13 -7.31 -58.37
C PRO D 173 65.63 -7.56 -58.47
N GLY D 174 64.99 -6.78 -59.35
CA GLY D 174 63.56 -6.88 -59.56
C GLY D 174 62.72 -6.05 -58.63
N ILE D 175 63.33 -5.17 -57.82
CA ILE D 175 62.58 -4.35 -56.88
C ILE D 175 61.53 -3.53 -57.60
N GLU D 176 61.77 -3.20 -58.87
CA GLU D 176 60.82 -2.43 -59.66
C GLU D 176 59.54 -3.20 -59.98
N HIS D 177 59.51 -4.50 -59.67
CA HIS D 177 58.30 -5.28 -59.83
C HIS D 177 57.46 -5.33 -58.55
N CYS D 178 57.92 -4.70 -57.48
CA CYS D 178 57.20 -4.65 -56.22
C CYS D 178 56.49 -3.31 -56.04
N ILE D 179 55.62 -3.25 -55.03
CA ILE D 179 54.89 -2.04 -54.67
C ILE D 179 55.05 -1.81 -53.18
N SER D 180 54.51 -0.68 -52.71
CA SER D 180 54.44 -0.32 -51.30
C SER D 180 52.97 -0.18 -50.91
N SER D 181 52.73 0.22 -49.64
CA SER D 181 51.36 0.50 -49.22
C SER D 181 50.72 1.59 -50.08
N ASN D 182 51.52 2.55 -50.59
CA ASN D 182 50.98 3.62 -51.44
C ASN D 182 50.12 3.07 -52.57
N GLU D 183 50.69 2.17 -53.37
CA GLU D 183 49.98 1.63 -54.53
C GLU D 183 48.88 0.65 -54.11
N ALA D 184 49.05 -0.03 -52.97
CA ALA D 184 48.02 -0.94 -52.49
C ALA D 184 46.65 -0.26 -52.33
N PHE D 185 46.63 1.02 -51.93
CA PHE D 185 45.36 1.72 -51.78
C PHE D 185 44.65 1.97 -53.10
N TYR D 186 45.25 1.62 -54.25
CA TYR D 186 44.71 1.99 -55.55
C TYR D 186 44.68 0.84 -56.55
N LEU D 187 45.01 -0.38 -56.12
CA LEU D 187 44.93 -1.55 -56.98
C LEU D 187 43.55 -1.60 -57.65
N PRO D 188 43.48 -1.68 -58.98
CA PRO D 188 42.16 -1.76 -59.64
C PRO D 188 41.39 -3.03 -59.29
N GLU D 189 42.09 -4.15 -59.06
CA GLU D 189 41.53 -5.45 -58.71
C GLU D 189 42.22 -5.96 -57.46
N PRO D 190 41.49 -6.69 -56.60
CA PRO D 190 42.13 -7.33 -55.44
C PRO D 190 42.98 -8.52 -55.89
N PRO D 191 44.20 -8.66 -55.36
CA PRO D 191 45.10 -9.72 -55.86
C PRO D 191 44.65 -11.11 -55.44
N ARG D 192 44.77 -12.06 -56.37
CA ARG D 192 44.51 -13.46 -56.04
C ARG D 192 45.56 -13.99 -55.07
N ARG D 193 46.84 -13.83 -55.39
CA ARG D 193 47.95 -14.18 -54.52
C ARG D 193 48.77 -12.94 -54.21
N VAL D 194 49.09 -12.72 -52.94
CA VAL D 194 49.85 -11.54 -52.54
C VAL D 194 50.84 -11.96 -51.46
N LEU D 195 52.04 -11.38 -51.53
CA LEU D 195 53.05 -11.47 -50.48
C LEU D 195 53.28 -10.07 -49.92
N THR D 196 53.06 -9.91 -48.61
CA THR D 196 53.41 -8.69 -47.90
C THR D 196 54.72 -8.96 -47.17
N VAL D 197 55.73 -8.12 -47.43
CA VAL D 197 57.08 -8.31 -46.93
C VAL D 197 57.26 -7.42 -45.71
N GLY D 198 57.44 -8.00 -44.54
CA GLY D 198 57.70 -7.26 -43.32
C GLY D 198 56.92 -7.80 -42.15
N GLY D 199 57.45 -7.56 -40.95
CA GLY D 199 56.82 -7.96 -39.71
C GLY D 199 56.12 -6.87 -38.94
N GLY D 200 56.09 -5.62 -39.44
CA GLY D 200 55.49 -4.50 -38.73
C GLY D 200 53.98 -4.39 -38.94
N PHE D 201 53.41 -3.35 -38.31
CA PHE D 201 51.94 -3.22 -38.30
C PHE D 201 51.37 -3.06 -39.71
N ILE D 202 52.09 -2.38 -40.61
CA ILE D 202 51.56 -2.16 -41.95
C ILE D 202 51.40 -3.49 -42.70
N SER D 203 52.43 -4.34 -42.66
CA SER D 203 52.34 -5.64 -43.31
C SER D 203 51.20 -6.48 -42.74
N VAL D 204 51.08 -6.53 -41.40
CA VAL D 204 50.08 -7.34 -40.73
C VAL D 204 48.69 -6.83 -41.04
N GLU D 205 48.51 -5.51 -41.08
CA GLU D 205 47.18 -4.95 -41.32
C GLU D 205 46.73 -5.21 -42.76
N PHE D 206 47.63 -5.01 -43.73
CA PHE D 206 47.24 -5.23 -45.11
C PHE D 206 47.02 -6.71 -45.40
N ALA D 207 47.75 -7.59 -44.71
CA ALA D 207 47.50 -9.02 -44.89
C ALA D 207 46.06 -9.38 -44.51
N GLY D 208 45.55 -8.81 -43.41
CA GLY D 208 44.14 -8.99 -43.08
C GLY D 208 43.20 -8.43 -44.13
N ILE D 209 43.54 -7.25 -44.67
CA ILE D 209 42.69 -6.61 -45.67
C ILE D 209 42.61 -7.46 -46.94
N PHE D 210 43.78 -7.82 -47.48
CA PHE D 210 43.84 -8.65 -48.69
C PHE D 210 43.18 -10.01 -48.48
N ASN D 211 43.31 -10.58 -47.27
CA ASN D 211 42.71 -11.88 -46.97
C ASN D 211 41.19 -11.86 -47.13
N ALA D 212 40.54 -10.77 -46.74
CA ALA D 212 39.08 -10.74 -46.78
C ALA D 212 38.54 -10.50 -48.19
N TYR D 213 39.25 -9.75 -49.01
CA TYR D 213 38.73 -9.36 -50.32
C TYR D 213 39.31 -10.20 -51.46
N LYS D 214 40.17 -11.18 -51.17
CA LYS D 214 40.78 -11.95 -52.25
C LYS D 214 39.71 -12.73 -53.03
N PRO D 215 39.93 -12.93 -54.33
CA PRO D 215 39.01 -13.74 -55.14
C PRO D 215 39.12 -15.22 -54.78
N PRO D 216 38.24 -16.07 -55.34
CA PRO D 216 38.25 -17.50 -54.97
C PRO D 216 39.58 -18.18 -55.29
N GLY D 217 40.00 -19.07 -54.40
CA GLY D 217 41.28 -19.72 -54.54
C GLY D 217 42.47 -18.81 -54.31
N GLY D 218 42.27 -17.67 -53.66
CA GLY D 218 43.36 -16.78 -53.38
C GLY D 218 44.13 -17.17 -52.12
N LYS D 219 45.27 -16.53 -51.94
CA LYS D 219 46.15 -16.84 -50.80
C LYS D 219 47.00 -15.63 -50.44
N VAL D 220 47.03 -15.29 -49.15
CA VAL D 220 47.87 -14.21 -48.63
C VAL D 220 49.03 -14.83 -47.86
N THR D 221 50.25 -14.42 -48.21
CA THR D 221 51.47 -14.83 -47.51
C THR D 221 52.17 -13.59 -46.97
N LEU D 222 52.45 -13.58 -45.67
CA LEU D 222 53.31 -12.59 -45.05
C LEU D 222 54.64 -13.25 -44.76
N CYS D 223 55.74 -12.57 -45.07
CA CYS D 223 57.06 -13.06 -44.70
C CYS D 223 57.79 -12.02 -43.86
N TYR D 224 58.60 -12.51 -42.92
CA TYR D 224 59.42 -11.67 -42.05
C TYR D 224 60.79 -12.29 -41.87
N ARG D 225 61.84 -11.46 -41.94
CA ARG D 225 63.20 -11.95 -41.97
C ARG D 225 63.63 -12.59 -40.65
N ASN D 226 62.98 -12.25 -39.53
CA ASN D 226 63.42 -12.84 -38.26
C ASN D 226 62.42 -13.90 -37.76
N ASN D 227 62.48 -14.19 -36.46
N ASN D 227 62.51 -14.24 -36.47
N ASN D 227 62.48 -14.19 -36.46
N ASN D 227 62.51 -14.23 -36.47
CA ASN D 227 61.84 -15.37 -35.92
CA ASN D 227 61.80 -15.41 -35.98
CA ASN D 227 61.84 -15.37 -35.92
CA ASN D 227 61.80 -15.41 -35.98
C ASN D 227 60.38 -15.14 -35.55
C ASN D 227 60.33 -15.12 -35.66
C ASN D 227 60.38 -15.14 -35.55
C ASN D 227 60.33 -15.12 -35.67
N LEU D 228 60.00 -13.90 -35.23
CA LEU D 228 58.66 -13.60 -34.75
C LEU D 228 58.20 -12.20 -35.15
N ILE D 229 57.03 -12.10 -35.79
CA ILE D 229 56.55 -10.81 -36.28
C ILE D 229 56.31 -9.84 -35.11
N LEU D 230 56.16 -8.57 -35.44
CA LEU D 230 55.70 -7.53 -34.51
C LEU D 230 56.70 -7.26 -33.38
N ARG D 231 57.98 -7.20 -33.75
CA ARG D 231 59.03 -6.73 -32.84
C ARG D 231 58.60 -5.44 -32.13
N GLY D 232 58.90 -5.35 -30.83
CA GLY D 232 58.53 -4.21 -30.02
C GLY D 232 57.23 -4.36 -29.25
N PHE D 233 56.36 -5.25 -29.67
CA PHE D 233 55.11 -5.52 -28.97
C PHE D 233 55.31 -6.67 -27.97
N ASP D 234 54.34 -6.81 -27.07
CA ASP D 234 54.38 -7.85 -26.05
C ASP D 234 54.60 -9.21 -26.68
N GLU D 235 55.39 -10.05 -26.00
CA GLU D 235 55.80 -11.32 -26.60
C GLU D 235 54.64 -12.31 -26.68
N THR D 236 53.87 -12.45 -25.59
CA THR D 236 52.67 -13.27 -25.65
C THR D 236 51.78 -12.85 -26.81
N ILE D 237 51.67 -11.54 -27.04
CA ILE D 237 50.77 -11.06 -28.06
C ILE D 237 51.30 -11.35 -29.46
N ARG D 238 52.61 -11.20 -29.67
CA ARG D 238 53.21 -11.52 -30.97
C ARG D 238 52.93 -12.97 -31.35
N GLU D 239 53.09 -13.89 -30.41
CA GLU D 239 52.81 -15.30 -30.69
C GLU D 239 51.31 -15.54 -30.90
N GLU D 240 50.47 -14.87 -30.12
CA GLU D 240 49.03 -15.08 -30.25
C GLU D 240 48.50 -14.51 -31.56
N VAL D 241 49.01 -13.33 -31.98
CA VAL D 241 48.58 -12.76 -33.26
C VAL D 241 49.00 -13.68 -34.41
N THR D 242 50.22 -14.23 -34.34
CA THR D 242 50.68 -15.17 -35.36
C THR D 242 49.68 -16.31 -35.54
N LYS D 243 49.28 -16.94 -34.42
CA LYS D 243 48.34 -18.05 -34.46
C LYS D 243 46.99 -17.64 -35.02
N GLN D 244 46.48 -16.47 -34.62
CA GLN D 244 45.14 -16.09 -35.05
C GLN D 244 45.12 -15.64 -36.51
N LEU D 245 46.23 -15.13 -37.03
CA LEU D 245 46.34 -14.90 -38.47
C LEU D 245 46.36 -16.21 -39.24
N THR D 246 47.11 -17.19 -38.74
CA THR D 246 47.14 -18.51 -39.37
C THR D 246 45.75 -19.12 -39.39
N ALA D 247 45.05 -19.04 -38.25
CA ALA D 247 43.71 -19.61 -38.15
C ALA D 247 42.75 -19.00 -39.16
N ASN D 248 43.00 -17.77 -39.61
CA ASN D 248 42.10 -17.14 -40.57
C ASN D 248 42.60 -17.28 -41.99
N GLY D 249 43.63 -18.10 -42.20
CA GLY D 249 44.01 -18.52 -43.53
C GLY D 249 45.25 -17.87 -44.12
N ILE D 250 45.96 -17.03 -43.37
CA ILE D 250 47.17 -16.35 -43.87
C ILE D 250 48.37 -17.22 -43.54
N GLU D 251 49.31 -17.31 -44.48
N GLU D 251 49.31 -17.31 -44.48
N GLU D 251 49.31 -17.31 -44.48
N GLU D 251 49.31 -17.31 -44.48
CA GLU D 251 50.53 -18.07 -44.31
CA GLU D 251 50.53 -18.09 -44.29
CA GLU D 251 50.53 -18.07 -44.31
CA GLU D 251 50.53 -18.09 -44.29
C GLU D 251 51.64 -17.14 -43.82
C GLU D 251 51.66 -17.17 -43.85
C GLU D 251 51.64 -17.14 -43.82
C GLU D 251 51.66 -17.17 -43.85
N ILE D 252 52.26 -17.48 -42.69
CA ILE D 252 53.34 -16.69 -42.10
C ILE D 252 54.67 -17.39 -42.37
N MET D 253 55.53 -16.79 -43.22
CA MET D 253 56.89 -17.27 -43.46
C MET D 253 57.87 -16.48 -42.59
N THR D 254 58.22 -17.01 -41.44
CA THR D 254 59.25 -16.39 -40.64
C THR D 254 60.64 -16.93 -41.02
N ASN D 255 61.67 -16.13 -40.71
CA ASN D 255 63.06 -16.42 -41.06
C ASN D 255 63.27 -16.51 -42.57
N GLU D 256 62.52 -15.69 -43.31
CA GLU D 256 62.61 -15.65 -44.76
C GLU D 256 62.67 -14.20 -45.22
N ASN D 257 63.40 -13.97 -46.30
CA ASN D 257 63.62 -12.62 -46.77
C ASN D 257 63.84 -12.70 -48.28
N PRO D 258 63.12 -11.92 -49.08
CA PRO D 258 63.34 -11.95 -50.53
C PRO D 258 64.74 -11.54 -50.93
N ALA D 259 65.28 -12.25 -51.92
CA ALA D 259 66.55 -11.92 -52.54
C ALA D 259 66.43 -11.35 -53.95
N LYS D 260 65.39 -11.73 -54.69
CA LYS D 260 65.15 -11.11 -55.99
C LYS D 260 63.73 -11.45 -56.44
N VAL D 261 63.29 -10.73 -57.46
CA VAL D 261 61.95 -10.87 -58.03
C VAL D 261 62.11 -10.78 -59.54
N SER D 262 61.45 -11.68 -60.27
CA SER D 262 61.39 -11.60 -61.72
C SER D 262 59.95 -11.71 -62.19
N LEU D 263 59.73 -11.26 -63.42
CA LEU D 263 58.42 -11.30 -64.06
C LEU D 263 58.25 -12.62 -64.79
N ASN D 264 57.21 -13.35 -64.45
CA ASN D 264 56.83 -14.53 -65.22
C ASN D 264 56.17 -14.10 -66.54
N THR D 265 56.12 -15.03 -67.48
CA THR D 265 55.60 -14.68 -68.79
C THR D 265 54.13 -14.28 -68.73
N ASP D 266 53.39 -14.70 -67.70
CA ASP D 266 51.99 -14.33 -67.61
C ASP D 266 51.78 -13.04 -66.83
N GLY D 267 52.84 -12.39 -66.35
CA GLY D 267 52.76 -11.14 -65.65
C GLY D 267 52.84 -11.24 -64.14
N SER D 268 52.74 -12.44 -63.59
CA SER D 268 52.88 -12.63 -62.15
C SER D 268 54.36 -12.51 -61.77
N LYS D 269 54.63 -12.66 -60.47
CA LYS D 269 55.95 -12.37 -59.91
C LYS D 269 56.57 -13.62 -59.32
N HIS D 270 57.82 -13.87 -59.68
CA HIS D 270 58.57 -14.99 -59.13
C HIS D 270 59.54 -14.44 -58.10
N VAL D 271 59.29 -14.78 -56.83
CA VAL D 271 60.09 -14.34 -55.70
C VAL D 271 61.04 -15.47 -55.31
N THR D 272 62.32 -15.15 -55.19
CA THR D 272 63.32 -16.06 -54.67
C THR D 272 63.78 -15.56 -53.32
N PHE D 273 63.75 -16.42 -52.31
CA PHE D 273 64.18 -16.04 -50.98
C PHE D 273 65.66 -16.33 -50.79
N GLU D 274 66.27 -15.66 -49.80
CA GLU D 274 67.67 -15.90 -49.48
C GLU D 274 67.94 -17.36 -49.17
N SER D 275 66.96 -18.05 -48.58
CA SER D 275 67.07 -19.47 -48.30
C SER D 275 67.02 -20.34 -49.55
N GLY D 276 66.62 -19.78 -50.70
CA GLY D 276 66.47 -20.52 -51.93
C GLY D 276 65.04 -20.93 -52.26
N LYS D 277 64.15 -20.92 -51.26
CA LYS D 277 62.72 -21.13 -51.45
C LYS D 277 62.17 -20.14 -52.49
N THR D 278 61.07 -20.49 -53.13
CA THR D 278 60.47 -19.59 -54.11
C THR D 278 58.97 -19.51 -53.85
N LEU D 279 58.34 -18.48 -54.45
CA LEU D 279 56.90 -18.25 -54.33
C LEU D 279 56.47 -17.39 -55.51
N ASP D 280 55.37 -17.77 -56.14
CA ASP D 280 54.76 -16.95 -57.18
C ASP D 280 53.55 -16.23 -56.60
N VAL D 281 53.45 -14.92 -56.85
CA VAL D 281 52.32 -14.12 -56.42
C VAL D 281 52.00 -13.11 -57.50
N ASP D 282 50.81 -12.51 -57.39
CA ASP D 282 50.39 -11.46 -58.30
C ASP D 282 50.82 -10.07 -57.83
N VAL D 283 51.01 -9.88 -56.52
CA VAL D 283 51.47 -8.61 -55.96
C VAL D 283 52.51 -8.90 -54.88
N VAL D 284 53.64 -8.19 -54.93
CA VAL D 284 54.62 -8.17 -53.85
C VAL D 284 54.55 -6.78 -53.23
N MET D 285 54.10 -6.70 -51.96
CA MET D 285 54.01 -5.41 -51.26
C MET D 285 55.10 -5.31 -50.21
N MET D 286 56.10 -4.45 -50.47
CA MET D 286 57.19 -4.22 -49.51
C MET D 286 56.68 -3.34 -48.37
N ALA D 287 56.86 -3.81 -47.14
CA ALA D 287 56.48 -3.07 -45.95
C ALA D 287 57.53 -3.28 -44.86
N ILE D 288 58.81 -3.10 -45.23
CA ILE D 288 59.89 -3.43 -44.31
C ILE D 288 60.32 -2.24 -43.46
N GLY D 289 59.84 -1.04 -43.76
CA GLY D 289 60.16 0.11 -42.94
C GLY D 289 59.70 1.37 -43.64
N ARG D 290 59.87 2.47 -42.93
CA ARG D 290 59.61 3.80 -43.49
C ARG D 290 60.75 4.71 -43.03
N ILE D 291 61.32 5.47 -43.96
CA ILE D 291 62.47 6.32 -43.67
C ILE D 291 62.13 7.81 -43.76
N PRO D 292 62.81 8.67 -43.00
CA PRO D 292 62.51 10.11 -43.06
C PRO D 292 62.68 10.64 -44.46
N ARG D 293 61.81 11.59 -44.81
CA ARG D 293 61.77 12.15 -46.16
C ARG D 293 62.58 13.45 -46.19
N THR D 294 63.89 13.30 -46.40
CA THR D 294 64.83 14.41 -46.31
C THR D 294 65.52 14.77 -47.62
N ASN D 295 65.51 13.86 -48.61
CA ASN D 295 66.28 14.06 -49.83
C ASN D 295 65.92 15.35 -50.57
N ASP D 296 64.64 15.69 -50.64
CA ASP D 296 64.24 16.77 -51.51
C ASP D 296 64.39 18.15 -50.87
N LEU D 297 64.67 18.23 -49.57
CA LEU D 297 64.69 19.52 -48.87
C LEU D 297 65.95 20.34 -49.10
N GLN D 298 66.98 19.78 -49.73
CA GLN D 298 68.27 20.45 -49.96
C GLN D 298 68.86 20.99 -48.66
N LEU D 299 68.86 20.16 -47.62
CA LEU D 299 69.29 20.60 -46.30
C LEU D 299 70.75 21.03 -46.25
N GLY D 300 71.58 20.55 -47.18
CA GLY D 300 72.96 20.99 -47.21
C GLY D 300 73.12 22.47 -47.48
N ASN D 301 72.13 23.11 -48.12
CA ASN D 301 72.19 24.54 -48.36
C ASN D 301 72.35 25.33 -47.08
N VAL D 302 71.88 24.79 -45.94
CA VAL D 302 71.91 25.51 -44.69
C VAL D 302 72.59 24.72 -43.57
N GLY D 303 72.98 23.49 -43.82
CA GLY D 303 73.69 22.72 -42.81
C GLY D 303 72.85 22.12 -41.71
N VAL D 304 71.59 21.77 -41.98
CA VAL D 304 70.78 21.06 -40.99
C VAL D 304 71.34 19.66 -40.81
N LYS D 305 71.59 19.28 -39.56
CA LYS D 305 72.28 18.03 -39.22
C LYS D 305 71.30 16.86 -39.14
N LEU D 306 71.67 15.76 -39.78
CA LEU D 306 70.94 14.50 -39.71
C LEU D 306 71.57 13.56 -38.68
N THR D 307 70.74 12.68 -38.12
CA THR D 307 71.22 11.59 -37.27
C THR D 307 71.96 10.56 -38.13
N PRO D 308 72.69 9.63 -37.48
CA PRO D 308 73.28 8.54 -38.27
C PRO D 308 72.25 7.74 -39.04
N LYS D 309 71.04 7.59 -38.48
CA LYS D 309 69.97 6.86 -39.13
C LYS D 309 69.29 7.64 -40.26
N GLY D 310 69.48 8.95 -40.32
CA GLY D 310 68.98 9.74 -41.43
C GLY D 310 67.83 10.68 -41.13
N GLY D 311 67.34 10.72 -39.89
CA GLY D 311 66.35 11.73 -39.52
C GLY D 311 66.99 13.06 -39.23
N VAL D 312 66.17 14.12 -39.26
CA VAL D 312 66.65 15.43 -38.81
C VAL D 312 66.84 15.38 -37.30
N GLN D 313 68.05 15.70 -36.85
CA GLN D 313 68.34 15.69 -35.43
C GLN D 313 67.71 16.91 -34.76
N VAL D 314 67.06 16.70 -33.60
CA VAL D 314 66.41 17.77 -32.87
C VAL D 314 66.68 17.59 -31.38
N ASP D 315 66.55 18.69 -30.63
CA ASP D 315 66.52 18.60 -29.17
C ASP D 315 65.10 18.30 -28.73
N GLU D 316 64.86 18.32 -27.41
CA GLU D 316 63.53 17.98 -26.90
C GLU D 316 62.47 18.97 -27.34
N PHE D 317 62.86 20.17 -27.75
CA PHE D 317 61.91 21.18 -28.17
C PHE D 317 61.79 21.27 -29.69
N SER D 318 62.26 20.24 -30.38
CA SER D 318 62.16 20.08 -31.84
C SER D 318 63.01 21.10 -32.60
N ARG D 319 64.02 21.68 -31.97
CA ARG D 319 64.96 22.57 -32.64
C ARG D 319 66.08 21.80 -33.31
N THR D 320 66.40 22.19 -34.56
CA THR D 320 67.59 21.68 -35.25
C THR D 320 68.81 22.48 -34.77
N ASN D 321 69.94 22.22 -35.40
CA ASN D 321 71.14 22.98 -35.07
C ASN D 321 71.12 24.38 -35.66
N VAL D 322 70.26 24.64 -36.64
CA VAL D 322 70.15 25.95 -37.27
C VAL D 322 69.04 26.72 -36.58
N PRO D 323 69.30 27.93 -36.09
CA PRO D 323 68.24 28.68 -35.41
C PRO D 323 67.13 29.04 -36.38
N ASN D 324 65.91 29.08 -35.84
CA ASN D 324 64.68 29.35 -36.57
C ASN D 324 64.31 28.21 -37.51
N ILE D 325 64.94 27.05 -37.40
CA ILE D 325 64.57 25.88 -38.19
C ILE D 325 64.27 24.71 -37.25
N TYR D 326 63.11 24.09 -37.45
CA TYR D 326 62.59 23.07 -36.55
C TYR D 326 62.09 21.88 -37.38
N ALA D 327 61.88 20.76 -36.69
CA ALA D 327 61.44 19.53 -37.34
C ALA D 327 60.60 18.72 -36.36
N ILE D 328 59.47 18.20 -36.86
CA ILE D 328 58.52 17.43 -36.07
C ILE D 328 58.01 16.28 -36.93
N GLY D 329 57.42 15.27 -36.28
CA GLY D 329 56.82 14.15 -37.01
C GLY D 329 57.81 13.09 -37.47
N ASP D 330 57.40 12.32 -38.48
CA ASP D 330 58.21 11.20 -38.96
C ASP D 330 59.59 11.60 -39.43
N ILE D 331 59.79 12.86 -39.86
CA ILE D 331 61.11 13.27 -40.34
C ILE D 331 62.16 13.19 -39.24
N THR D 332 61.74 13.21 -37.97
CA THR D 332 62.67 13.10 -36.84
C THR D 332 62.96 11.66 -36.44
N ASP D 333 62.22 10.69 -36.96
CA ASP D 333 62.50 9.26 -36.78
C ASP D 333 62.40 8.81 -35.33
N ARG D 334 61.49 9.44 -34.57
N ARG D 334 61.48 9.39 -34.57
N ARG D 334 61.49 9.44 -34.57
N ARG D 334 61.48 9.39 -34.57
CA ARG D 334 61.17 9.04 -33.20
CA ARG D 334 61.22 8.90 -33.22
CA ARG D 334 61.17 9.04 -33.20
CA ARG D 334 61.22 8.90 -33.22
C ARG D 334 60.04 8.01 -33.23
C ARG D 334 60.02 7.97 -33.23
C ARG D 334 60.04 8.01 -33.23
C ARG D 334 60.02 7.97 -33.23
N LEU D 335 58.86 8.44 -32.79
CA LEU D 335 57.63 7.64 -32.85
C LEU D 335 56.86 8.06 -34.09
N MET D 336 56.66 7.13 -35.02
CA MET D 336 55.96 7.46 -36.27
C MET D 336 54.48 7.19 -36.07
N LEU D 337 53.81 8.14 -35.39
CA LEU D 337 52.38 8.08 -35.09
C LEU D 337 51.79 9.46 -35.32
N THR D 338 50.56 9.48 -35.85
CA THR D 338 49.90 10.74 -36.13
C THR D 338 49.64 11.57 -34.87
N PRO D 339 49.10 11.03 -33.77
CA PRO D 339 48.92 11.88 -32.59
C PRO D 339 50.22 12.41 -32.03
N VAL D 340 51.36 11.76 -32.26
CA VAL D 340 52.64 12.29 -31.77
C VAL D 340 53.09 13.47 -32.64
N ALA D 341 52.97 13.35 -33.97
CA ALA D 341 53.31 14.48 -34.84
C ALA D 341 52.44 15.69 -34.51
N ILE D 342 51.15 15.46 -34.21
CA ILE D 342 50.26 16.54 -33.82
C ILE D 342 50.72 17.19 -32.53
N ASN D 343 51.02 16.37 -31.50
CA ASN D 343 51.46 16.88 -30.20
C ASN D 343 52.78 17.66 -30.32
N GLU D 344 53.70 17.18 -31.15
CA GLU D 344 54.97 17.89 -31.32
C GLU D 344 54.75 19.24 -32.00
N GLY D 345 53.85 19.30 -32.99
CA GLY D 345 53.60 20.55 -33.68
C GLY D 345 52.91 21.60 -32.82
N ALA D 346 51.95 21.17 -32.01
CA ALA D 346 51.32 22.09 -31.04
C ALA D 346 52.32 22.56 -30.00
N ALA D 347 53.16 21.65 -29.50
CA ALA D 347 54.20 21.99 -28.52
C ALA D 347 55.17 23.01 -29.09
N LEU D 348 55.63 22.79 -30.33
CA LEU D 348 56.62 23.69 -30.93
C LEU D 348 56.05 25.09 -31.09
N VAL D 349 54.81 25.20 -31.57
CA VAL D 349 54.18 26.51 -31.78
C VAL D 349 53.91 27.19 -30.44
N ASP D 350 53.59 26.41 -29.40
CA ASP D 350 53.45 26.99 -28.06
C ASP D 350 54.77 27.56 -27.57
N THR D 351 55.89 26.91 -27.92
CA THR D 351 57.20 27.37 -27.44
C THR D 351 57.68 28.58 -28.22
N VAL D 352 57.54 28.56 -29.54
CA VAL D 352 58.10 29.62 -30.37
C VAL D 352 57.17 30.84 -30.44
N PHE D 353 55.86 30.63 -30.61
CA PHE D 353 54.92 31.73 -30.80
C PHE D 353 53.97 31.92 -29.63
N GLY D 354 53.92 30.98 -28.70
CA GLY D 354 53.24 31.18 -27.45
C GLY D 354 54.20 31.64 -26.40
N ASN D 355 53.68 31.82 -25.21
CA ASN D 355 54.48 32.20 -24.06
C ASN D 355 54.49 31.05 -23.07
N LYS D 356 54.52 29.83 -23.64
CA LYS D 356 54.35 28.58 -22.88
C LYS D 356 55.28 27.53 -23.47
N PRO D 357 56.55 27.52 -23.07
CA PRO D 357 57.45 26.46 -23.56
C PRO D 357 56.93 25.10 -23.11
N ARG D 358 57.16 24.10 -23.96
CA ARG D 358 56.61 22.77 -23.70
C ARG D 358 57.29 21.78 -24.64
N LYS D 359 57.51 20.57 -24.15
CA LYS D 359 58.11 19.51 -24.96
C LYS D 359 57.24 18.27 -24.91
N THR D 360 57.25 17.51 -26.00
CA THR D 360 56.45 16.29 -26.09
C THR D 360 57.06 15.17 -25.24
N ASP D 361 56.21 14.46 -24.51
CA ASP D 361 56.60 13.27 -23.75
C ASP D 361 56.44 12.06 -24.66
N HIS D 362 57.54 11.41 -25.02
CA HIS D 362 57.50 10.27 -25.93
C HIS D 362 57.39 8.94 -25.20
N THR D 363 57.23 8.95 -23.89
CA THR D 363 57.03 7.75 -23.10
C THR D 363 55.55 7.57 -22.82
N ARG D 364 55.14 6.32 -22.67
CA ARG D 364 53.79 5.95 -22.25
C ARG D 364 52.73 6.44 -23.25
N VAL D 365 53.10 6.52 -24.52
CA VAL D 365 52.16 6.81 -25.60
C VAL D 365 51.37 5.54 -25.92
N ALA D 366 50.04 5.61 -25.82
CA ALA D 366 49.20 4.49 -26.24
C ALA D 366 49.15 4.40 -27.76
N SER D 367 49.12 3.16 -28.28
CA SER D 367 49.05 2.92 -29.71
C SER D 367 48.30 1.62 -29.98
N ALA D 368 48.09 1.31 -31.26
CA ALA D 368 47.23 0.19 -31.65
C ALA D 368 47.73 -0.44 -32.94
N VAL D 369 47.35 -1.70 -33.15
CA VAL D 369 47.52 -2.38 -34.44
C VAL D 369 46.16 -2.92 -34.85
N PHE D 370 45.68 -2.50 -36.02
CA PHE D 370 44.36 -2.91 -36.46
C PHE D 370 44.42 -4.22 -37.26
N SER D 371 45.01 -5.21 -36.60
CA SER D 371 44.88 -6.59 -36.98
C SER D 371 43.50 -7.11 -36.62
N ILE D 372 43.19 -8.30 -37.08
CA ILE D 372 41.92 -8.95 -36.82
C ILE D 372 42.18 -10.23 -36.04
N PRO D 373 41.96 -10.22 -34.72
CA PRO D 373 41.56 -9.12 -33.83
C PRO D 373 42.69 -8.12 -33.55
N PRO D 374 42.39 -6.94 -33.00
CA PRO D 374 43.39 -5.88 -32.90
C PRO D 374 44.19 -5.91 -31.61
N ILE D 375 45.24 -5.08 -31.58
CA ILE D 375 46.12 -4.90 -30.42
C ILE D 375 45.94 -3.48 -29.90
N GLY D 376 45.95 -3.33 -28.57
CA GLY D 376 46.06 -2.02 -27.94
C GLY D 376 47.15 -2.05 -26.88
N THR D 377 48.06 -1.08 -26.86
CA THR D 377 49.19 -1.14 -25.94
C THR D 377 49.60 0.25 -25.49
N CYS D 378 50.14 0.31 -24.27
CA CYS D 378 50.69 1.54 -23.71
C CYS D 378 51.77 1.17 -22.70
N GLY D 379 52.97 1.72 -22.89
CA GLY D 379 54.05 1.54 -21.93
C GLY D 379 55.00 0.42 -22.27
N LEU D 380 55.72 -0.03 -21.24
CA LEU D 380 56.89 -0.90 -21.42
C LEU D 380 56.50 -2.36 -21.51
N ILE D 381 57.19 -3.10 -22.40
CA ILE D 381 57.09 -4.56 -22.38
C ILE D 381 58.01 -5.11 -21.31
N GLU D 382 57.70 -6.32 -20.85
CA GLU D 382 58.34 -6.81 -19.63
C GLU D 382 59.84 -7.00 -19.79
N GLU D 383 60.33 -7.39 -20.97
CA GLU D 383 61.77 -7.58 -21.14
C GLU D 383 62.52 -6.25 -21.01
N VAL D 384 61.96 -5.16 -21.53
CA VAL D 384 62.55 -3.84 -21.32
C VAL D 384 62.46 -3.46 -19.84
N ALA D 385 61.31 -3.72 -19.21
CA ALA D 385 61.14 -3.30 -17.83
C ALA D 385 62.09 -4.06 -16.91
N ALA D 386 62.35 -5.33 -17.22
CA ALA D 386 63.25 -6.12 -16.38
C ALA D 386 64.65 -5.51 -16.31
N LYS D 387 65.12 -4.92 -17.42
CA LYS D 387 66.45 -4.31 -17.49
C LYS D 387 66.55 -2.97 -16.78
N GLU D 388 65.44 -2.32 -16.46
CA GLU D 388 65.48 -1.01 -15.82
C GLU D 388 65.01 -1.04 -14.38
N PHE D 389 64.43 -2.15 -13.91
CA PHE D 389 63.95 -2.26 -12.55
C PHE D 389 64.39 -3.58 -11.94
N GLU D 390 64.72 -3.54 -10.66
CA GLU D 390 65.19 -4.73 -9.98
C GLU D 390 64.10 -5.79 -9.89
N LYS D 391 62.86 -5.38 -9.62
CA LYS D 391 61.76 -6.32 -9.40
C LYS D 391 60.56 -5.89 -10.24
N VAL D 392 60.16 -6.75 -11.18
CA VAL D 392 59.05 -6.50 -12.08
C VAL D 392 58.00 -7.61 -11.89
N ALA D 393 56.73 -7.22 -11.83
CA ALA D 393 55.64 -8.19 -11.78
C ALA D 393 54.82 -8.17 -13.08
N VAL D 394 54.28 -9.33 -13.43
CA VAL D 394 53.51 -9.50 -14.67
C VAL D 394 52.18 -10.18 -14.32
N TYR D 395 51.09 -9.47 -14.51
CA TYR D 395 49.74 -9.99 -14.31
C TYR D 395 49.13 -10.31 -15.67
N MET D 396 48.78 -11.57 -15.89
CA MET D 396 48.33 -12.04 -17.19
C MET D 396 46.93 -12.66 -17.07
N SER D 397 46.09 -12.43 -18.10
CA SER D 397 44.83 -13.12 -18.26
C SER D 397 44.66 -13.42 -19.74
N SER D 398 44.20 -14.63 -20.05
CA SER D 398 44.07 -15.05 -21.44
C SER D 398 43.11 -16.23 -21.51
N PHE D 399 42.11 -16.12 -22.37
CA PHE D 399 40.98 -17.03 -22.44
C PHE D 399 40.21 -16.67 -23.69
N THR D 400 39.53 -17.65 -24.26
CA THR D 400 38.59 -17.35 -25.33
C THR D 400 37.30 -16.78 -24.75
N PRO D 401 36.88 -15.58 -25.14
CA PRO D 401 35.62 -15.05 -24.61
C PRO D 401 34.45 -15.97 -24.93
N LEU D 402 33.36 -15.78 -24.17
CA LEU D 402 32.21 -16.67 -24.31
C LEU D 402 31.55 -16.51 -25.68
N MET D 403 31.34 -15.26 -26.13
CA MET D 403 30.66 -15.05 -27.40
C MET D 403 31.37 -15.75 -28.56
N HIS D 404 32.69 -15.94 -28.47
CA HIS D 404 33.37 -16.62 -29.56
C HIS D 404 33.33 -18.14 -29.44
N ASN D 405 32.97 -18.69 -28.28
CA ASN D 405 32.57 -20.10 -28.26
C ASN D 405 31.31 -20.29 -29.09
N ILE D 406 30.29 -19.45 -28.85
CA ILE D 406 29.07 -19.48 -29.67
C ILE D 406 29.36 -19.08 -31.12
N SER D 407 30.26 -18.13 -31.33
CA SER D 407 30.47 -17.65 -32.69
C SER D 407 31.18 -18.69 -33.55
N GLY D 408 31.95 -19.59 -32.95
CA GLY D 408 32.73 -20.55 -33.67
C GLY D 408 34.18 -20.16 -33.89
N SER D 409 34.52 -18.89 -33.68
CA SER D 409 35.90 -18.42 -33.82
C SER D 409 36.62 -18.65 -32.49
N LYS D 410 36.78 -19.93 -32.15
CA LYS D 410 37.31 -20.30 -30.83
C LYS D 410 38.79 -20.00 -30.70
N TYR D 411 39.47 -19.74 -31.81
CA TYR D 411 40.88 -19.39 -31.80
C TYR D 411 41.14 -17.97 -31.32
N LYS D 412 40.11 -17.16 -31.11
CA LYS D 412 40.26 -15.74 -30.79
C LYS D 412 40.46 -15.58 -29.29
N LYS D 413 41.69 -15.84 -28.84
CA LYS D 413 42.05 -15.65 -27.45
C LYS D 413 42.18 -14.17 -27.15
N PHE D 414 41.49 -13.70 -26.12
CA PHE D 414 41.73 -12.37 -25.59
C PHE D 414 42.90 -12.43 -24.61
N VAL D 415 43.86 -11.52 -24.75
CA VAL D 415 45.04 -11.46 -23.89
C VAL D 415 45.06 -10.10 -23.20
N ALA D 416 45.20 -10.11 -21.87
CA ALA D 416 45.40 -8.89 -21.09
C ALA D 416 46.61 -9.04 -20.18
N LYS D 417 47.52 -8.07 -20.21
CA LYS D 417 48.74 -8.12 -19.39
C LYS D 417 49.06 -6.76 -18.78
N ILE D 418 49.37 -6.75 -17.50
CA ILE D 418 49.83 -5.56 -16.79
C ILE D 418 51.25 -5.84 -16.31
N VAL D 419 52.16 -4.90 -16.58
CA VAL D 419 53.57 -5.00 -16.18
C VAL D 419 53.82 -3.92 -15.13
N THR D 420 54.26 -4.32 -13.94
CA THR D 420 54.48 -3.38 -12.86
C THR D 420 55.93 -3.36 -12.39
N ASN D 421 56.30 -2.23 -11.81
CA ASN D 421 57.45 -2.15 -10.92
C ASN D 421 57.00 -2.70 -9.56
N HIS D 422 57.45 -3.90 -9.21
CA HIS D 422 56.90 -4.57 -8.04
C HIS D 422 57.31 -3.93 -6.72
N SER D 423 58.30 -3.02 -6.73
CA SER D 423 58.74 -2.41 -5.48
C SER D 423 57.78 -1.36 -4.96
N ASP D 424 57.09 -0.62 -5.84
CA ASP D 424 56.01 0.27 -5.40
C ASP D 424 54.66 0.01 -6.06
N GLY D 425 54.56 -0.93 -7.00
CA GLY D 425 53.30 -1.22 -7.66
C GLY D 425 52.97 -0.38 -8.88
N THR D 426 53.86 0.53 -9.28
CA THR D 426 53.56 1.40 -10.41
C THR D 426 53.37 0.57 -11.68
N VAL D 427 52.29 0.86 -12.40
CA VAL D 427 52.05 0.21 -13.68
C VAL D 427 52.99 0.81 -14.70
N LEU D 428 53.81 -0.03 -15.32
CA LEU D 428 54.77 0.39 -16.34
C LEU D 428 54.26 0.18 -17.74
N GLY D 429 53.32 -0.74 -17.94
CA GLY D 429 52.85 -1.10 -19.26
C GLY D 429 51.60 -1.96 -19.21
N VAL D 430 50.68 -1.75 -20.14
CA VAL D 430 49.49 -2.58 -20.33
C VAL D 430 49.45 -3.02 -21.77
N HIS D 431 49.03 -4.27 -22.02
CA HIS D 431 49.12 -4.87 -23.34
C HIS D 431 47.89 -5.74 -23.58
N LEU D 432 47.18 -5.49 -24.69
CA LEU D 432 45.88 -6.09 -24.95
C LEU D 432 45.78 -6.60 -26.39
N LEU D 433 45.15 -7.76 -26.54
CA LEU D 433 44.82 -8.33 -27.85
C LEU D 433 43.40 -8.84 -27.78
N GLY D 434 42.57 -8.43 -28.75
CA GLY D 434 41.18 -8.85 -28.80
C GLY D 434 40.27 -7.72 -29.25
N ASP D 435 39.01 -8.04 -29.56
CA ASP D 435 38.05 -7.04 -30.02
C ASP D 435 37.98 -5.88 -29.06
N GLY D 436 38.08 -4.66 -29.60
CA GLY D 436 37.97 -3.45 -28.79
C GLY D 436 39.22 -3.05 -28.05
N ALA D 437 40.34 -3.77 -28.22
CA ALA D 437 41.57 -3.40 -27.53
C ALA D 437 42.03 -1.97 -27.80
N PRO D 438 42.00 -1.43 -29.03
CA PRO D 438 42.38 -0.01 -29.23
C PRO D 438 41.47 0.97 -28.51
N GLU D 439 40.17 0.68 -28.42
CA GLU D 439 39.27 1.55 -27.65
C GLU D 439 39.55 1.46 -26.16
N ILE D 440 39.85 0.26 -25.66
CA ILE D 440 40.07 0.07 -24.22
C ILE D 440 41.30 0.84 -23.76
N ILE D 441 42.35 0.88 -24.59
CA ILE D 441 43.66 1.32 -24.10
C ILE D 441 43.76 2.84 -23.91
N GLN D 442 42.87 3.63 -24.50
CA GLN D 442 43.02 5.09 -24.48
C GLN D 442 42.97 5.65 -23.06
N ALA D 443 41.97 5.26 -22.26
CA ALA D 443 41.95 5.77 -20.90
C ALA D 443 43.04 5.13 -20.05
N VAL D 444 43.62 4.02 -20.49
CA VAL D 444 44.79 3.47 -19.81
C VAL D 444 45.97 4.42 -19.99
N GLY D 445 46.06 5.09 -21.15
CA GLY D 445 47.08 6.11 -21.33
C GLY D 445 46.98 7.22 -20.30
N VAL D 446 45.76 7.66 -20.00
CA VAL D 446 45.55 8.64 -18.93
C VAL D 446 45.99 8.05 -17.59
N CYS D 447 45.68 6.78 -17.35
CA CYS D 447 46.06 6.15 -16.09
C CYS D 447 47.55 6.17 -15.85
N LEU D 448 48.35 5.91 -16.89
CA LEU D 448 49.79 5.83 -16.71
C LEU D 448 50.40 7.20 -16.54
N ARG D 449 49.85 8.22 -17.18
CA ARG D 449 50.38 9.55 -16.92
C ARG D 449 50.00 10.05 -15.53
N LEU D 450 49.02 9.43 -14.89
CA LEU D 450 48.71 9.67 -13.49
C LEU D 450 49.47 8.72 -12.55
N ASN D 451 50.42 7.95 -13.07
CA ASN D 451 51.23 7.02 -12.29
C ASN D 451 50.36 6.07 -11.47
N ALA D 452 49.33 5.51 -12.12
CA ALA D 452 48.49 4.52 -11.46
C ALA D 452 49.31 3.31 -11.03
N LYS D 453 48.87 2.68 -9.93
CA LYS D 453 49.44 1.42 -9.46
C LYS D 453 48.48 0.26 -9.71
N ILE D 454 49.01 -0.96 -9.63
CA ILE D 454 48.16 -2.13 -9.85
C ILE D 454 46.98 -2.09 -8.90
N SER D 455 47.17 -1.57 -7.68
CA SER D 455 46.08 -1.52 -6.72
C SER D 455 44.99 -0.52 -7.13
N ASP D 456 45.36 0.51 -7.88
CA ASP D 456 44.33 1.40 -8.40
C ASP D 456 43.43 0.67 -9.39
N PHE D 457 44.03 -0.16 -10.26
CA PHE D 457 43.24 -0.97 -11.17
C PHE D 457 42.36 -1.96 -10.42
N TYR D 458 42.96 -2.74 -9.52
CA TYR D 458 42.20 -3.78 -8.82
C TYR D 458 41.11 -3.20 -7.92
N ASN D 459 41.35 -2.03 -7.32
CA ASN D 459 40.33 -1.42 -6.47
C ASN D 459 39.17 -0.84 -7.25
N THR D 460 39.33 -0.57 -8.55
CA THR D 460 38.23 -0.07 -9.35
C THR D 460 37.22 -1.18 -9.62
N ILE D 461 35.94 -0.85 -9.57
CA ILE D 461 34.91 -1.85 -9.82
C ILE D 461 34.73 -2.06 -11.32
N GLY D 462 34.68 -3.32 -11.75
CA GLY D 462 34.61 -3.63 -13.16
C GLY D 462 33.24 -3.33 -13.76
N VAL D 463 33.24 -3.06 -15.06
CA VAL D 463 32.03 -3.00 -15.88
C VAL D 463 31.77 -4.40 -16.41
N HIS D 464 30.57 -4.94 -16.13
CA HIS D 464 30.31 -6.33 -16.49
C HIS D 464 29.09 -6.43 -17.40
N PRO D 465 29.15 -7.23 -18.47
CA PRO D 465 30.32 -7.99 -18.94
C PRO D 465 31.06 -7.23 -20.03
N THR D 466 32.36 -7.04 -19.85
CA THR D 466 33.23 -6.48 -20.87
C THR D 466 34.49 -7.34 -20.95
N SER D 467 35.31 -7.09 -21.98
CA SER D 467 36.68 -7.56 -21.95
C SER D 467 37.50 -6.70 -20.98
N ALA D 468 37.20 -5.40 -20.96
CA ALA D 468 38.06 -4.46 -20.24
C ALA D 468 38.11 -4.75 -18.74
N GLU D 469 37.04 -5.34 -18.18
CA GLU D 469 37.04 -5.58 -16.74
C GLU D 469 38.12 -6.56 -16.30
N GLU D 470 38.74 -7.30 -17.22
CA GLU D 470 39.87 -8.14 -16.85
C GLU D 470 41.00 -7.34 -16.22
N LEU D 471 41.18 -6.07 -16.64
CA LEU D 471 42.25 -5.22 -16.11
C LEU D 471 42.01 -4.83 -14.66
N CYS D 472 40.79 -4.97 -14.17
CA CYS D 472 40.45 -4.58 -12.80
C CYS D 472 40.20 -5.79 -11.90
N SER D 473 40.55 -6.99 -12.36
CA SER D 473 40.29 -8.22 -11.64
C SER D 473 41.56 -9.02 -11.36
N MET D 474 42.72 -8.41 -11.50
CA MET D 474 43.99 -9.09 -11.34
C MET D 474 44.73 -8.53 -10.14
N ARG D 475 44.95 -9.38 -9.12
CA ARG D 475 45.58 -9.01 -7.86
C ARG D 475 46.89 -9.76 -7.59
N THR D 476 47.10 -10.92 -8.19
CA THR D 476 48.26 -11.75 -7.92
C THR D 476 49.11 -11.87 -9.18
N PRO D 477 50.41 -11.59 -9.12
CA PRO D 477 51.26 -11.76 -10.30
C PRO D 477 51.27 -13.20 -10.80
N SER D 478 51.34 -13.35 -12.13
CA SER D 478 51.56 -14.67 -12.73
C SER D 478 53.02 -15.07 -12.65
N TYR D 479 53.94 -14.12 -12.75
CA TYR D 479 55.37 -14.37 -12.58
C TYR D 479 56.08 -13.05 -12.38
N TYR D 480 57.41 -13.11 -12.26
CA TYR D 480 58.25 -11.98 -11.91
C TYR D 480 59.54 -12.01 -12.71
N TYR D 481 60.20 -10.86 -12.78
CA TYR D 481 61.61 -10.75 -13.15
C TYR D 481 62.34 -10.15 -11.96
N VAL D 482 63.34 -10.86 -11.45
CA VAL D 482 64.17 -10.37 -10.35
C VAL D 482 65.58 -10.23 -10.89
N LYS D 483 66.08 -9.00 -10.90
CA LYS D 483 67.38 -8.67 -11.49
C LYS D 483 67.55 -9.34 -12.85
N GLY D 484 66.48 -9.32 -13.65
CA GLY D 484 66.53 -9.73 -15.04
C GLY D 484 66.07 -11.16 -15.32
N GLU D 485 65.78 -11.96 -14.30
CA GLU D 485 65.54 -13.38 -14.44
C GLU D 485 64.07 -13.71 -14.11
N LYS D 486 63.44 -14.49 -14.99
CA LYS D 486 62.04 -14.84 -14.86
C LYS D 486 61.84 -15.99 -13.87
N MET D 487 60.74 -15.94 -13.11
CA MET D 487 60.42 -16.95 -12.11
C MET D 487 59.00 -16.74 -11.60
N GLU D 488 58.39 -17.81 -11.10
CA GLU D 488 56.97 -17.77 -10.75
C GLU D 488 56.70 -17.21 -9.35
N LYS D 489 57.58 -17.45 -8.39
CA LYS D 489 57.47 -16.88 -7.05
C LYS D 489 58.71 -16.03 -6.78
N LEU D 490 58.62 -15.17 -5.77
CA LEU D 490 59.72 -14.25 -5.45
C LEU D 490 60.83 -14.92 -4.63
PA FAD E . -19.99 16.52 13.17
O1A FAD E . -19.31 15.57 12.26
O2A FAD E . -21.36 16.31 13.72
O5B FAD E . -19.95 17.97 12.44
C5B FAD E . -18.77 18.46 11.80
C4B FAD E . -19.19 19.39 10.67
O4B FAD E . -18.07 20.16 10.20
C3B FAD E . -19.81 18.71 9.44
O3B FAD E . -21.13 19.21 9.32
C2B FAD E . -18.85 19.12 8.30
O2B FAD E . -19.51 19.32 7.09
C1B FAD E . -18.22 20.42 8.83
N9A FAD E . -16.91 20.78 8.37
C8A FAD E . -15.83 19.97 8.20
N7A FAD E . -14.77 20.59 7.80
C5A FAD E . -15.13 21.90 7.71
C6A FAD E . -14.43 23.08 7.36
N6A FAD E . -13.13 23.14 7.00
N1A FAD E . -15.15 24.21 7.35
C2A FAD E . -16.42 24.20 7.71
N3A FAD E . -17.17 23.16 8.07
C4A FAD E . -16.47 22.04 8.05
N1 FAD E . -23.24 8.81 17.21
C2 FAD E . -24.10 8.51 18.20
O2 FAD E . -24.07 9.01 19.32
N3 FAD E . -25.11 7.59 17.92
C4 FAD E . -25.35 6.93 16.74
O4 FAD E . -26.27 6.14 16.61
C4X FAD E . -24.38 7.28 15.68
N5 FAD E . -24.48 6.73 14.52
C5X FAD E . -23.59 7.06 13.56
C6 FAD E . -23.71 6.48 12.29
C7 FAD E . -22.84 6.77 11.26
C7M FAD E . -22.98 6.12 9.90
C8 FAD E . -21.81 7.72 11.52
C8M FAD E . -20.83 8.10 10.46
C9 FAD E . -21.70 8.31 12.75
C9A FAD E . -22.57 8.01 13.80
N10 FAD E . -22.47 8.59 15.05
C10 FAD E . -23.35 8.25 16.03
C1' FAD E . -21.40 9.56 15.38
C2' FAD E . -21.83 11.02 15.34
O2' FAD E . -22.32 11.23 14.03
C3' FAD E . -20.62 11.92 15.65
O3' FAD E . -20.00 11.43 16.84
C4' FAD E . -20.98 13.41 15.78
O4' FAD E . -21.76 13.87 14.69
C5' FAD E . -19.70 14.22 15.87
O5' FAD E . -20.04 15.52 16.28
P FAD E . -18.95 16.70 16.02
O1P FAD E . -19.52 17.97 16.54
O2P FAD E . -17.58 16.18 16.22
O3P FAD E . -18.96 16.79 14.38
N1 IMD F . -48.82 -16.27 6.30
C2 IMD F . -47.81 -15.54 5.87
N3 IMD F . -47.44 -14.74 6.86
C4 IMD F . -48.24 -14.97 7.95
C5 IMD F . -49.11 -15.95 7.59
C1 PEG G . -15.31 6.26 -2.91
O1 PEG G . -13.91 6.07 -3.03
C2 PEG G . -15.66 6.68 -1.50
O2 PEG G . -15.42 8.06 -1.33
C3 PEG G . -14.57 8.31 -0.24
C4 PEG G . -15.36 8.22 1.04
O4 PEG G . -14.48 8.17 2.14
C1 PEG H . 0.44 21.84 13.09
O1 PEG H . 1.83 22.10 13.07
C2 PEG H . 0.17 20.35 12.98
O2 PEG H . 0.33 19.84 11.66
C3 PEG H . -0.54 20.43 10.73
C4 PEG H . -1.32 19.37 9.97
O4 PEG H . -2.66 19.35 10.40
BR BR I . -36.72 -0.62 -4.27
BR BR J . -27.46 -7.86 47.11
PA FAD K . -51.76 -14.98 43.28
O1A FAD K . -53.16 -14.55 42.92
O2A FAD K . -50.62 -14.91 42.30
O5B FAD K . -51.98 -16.53 43.74
C5B FAD K . -53.11 -16.89 44.51
C4B FAD K . -53.36 -18.38 44.30
O4B FAD K . -54.18 -18.87 45.38
C3B FAD K . -54.11 -18.77 43.03
O3B FAD K . -53.25 -19.62 42.28
C2B FAD K . -55.37 -19.48 43.55
O2B FAD K . -55.73 -20.56 42.77
C1B FAD K . -54.98 -19.93 44.95
N9A FAD K . -56.02 -20.06 45.93
C8A FAD K . -57.02 -19.16 46.19
N7A FAD K . -57.79 -19.51 47.18
C5A FAD K . -57.29 -20.71 47.63
C6A FAD K . -57.66 -21.60 48.66
N6A FAD K . -58.69 -21.40 49.47
N1A FAD K . -56.92 -22.71 48.83
C2A FAD K . -55.89 -22.94 48.03
N3A FAD K . -55.44 -22.18 47.04
C4A FAD K . -56.17 -21.06 46.87
N1 FAD K . -49.23 -7.63 38.10
C2 FAD K . -48.05 -7.12 37.67
O2 FAD K . -47.13 -6.86 38.42
N3 FAD K . -47.90 -6.87 36.32
C4 FAD K . -48.83 -7.09 35.35
O4 FAD K . -48.60 -6.85 34.20
C4X FAD K . -50.12 -7.64 35.84
N5 FAD K . -51.07 -7.90 35.01
C5X FAD K . -52.24 -8.42 35.50
C6 FAD K . -53.30 -8.70 34.62
C7 FAD K . -54.51 -9.24 35.06
C7M FAD K . -55.63 -9.55 34.11
C8 FAD K . -54.66 -9.51 36.43
C8M FAD K . -55.94 -10.09 36.94
C9 FAD K . -53.63 -9.23 37.30
C9A FAD K . -52.40 -8.69 36.88
N10 FAD K . -51.36 -8.40 37.73
C10 FAD K . -50.19 -7.88 37.26
C1' FAD K . -51.47 -8.65 39.18
C2' FAD K . -50.85 -9.95 39.65
O2' FAD K . -51.41 -10.99 38.89
C3' FAD K . -51.12 -10.17 41.15
O3' FAD K . -50.70 -8.99 41.83
C4' FAD K . -50.35 -11.37 41.73
O4' FAD K . -50.58 -12.54 40.95
C5' FAD K . -50.76 -11.57 43.19
O5' FAD K . -49.86 -12.49 43.79
P FAD K . -50.28 -13.16 45.20
O1P FAD K . -49.07 -13.84 45.72
O2P FAD K . -51.09 -12.24 46.03
O3P FAD K . -51.40 -14.25 44.68
N1 IMD L . -50.76 -2.29 3.02
C2 IMD L . -50.25 -1.92 1.85
N3 IMD L . -48.95 -1.76 2.02
C4 IMD L . -48.61 -2.03 3.32
C5 IMD L . -49.76 -2.36 3.95
N1 LPZ M . -61.01 -3.87 12.65
C4 LPZ M . -54.50 -4.18 9.90
C5 LPZ M . -55.30 -4.52 8.82
C6 LPZ M . -54.88 -4.21 7.54
C7 LPZ M . -56.30 -4.84 11.33
C8 LPZ M . -57.12 -3.56 11.38
C10 LPZ M . -60.14 -5.03 12.45
C13 LPZ M . -62.38 -4.19 12.23
N LPZ M . -58.22 -3.57 12.17
C LPZ M . -53.22 -3.24 5.91
O LPZ M . -54.93 -4.48 11.16
C1 LPZ M . -53.67 -3.57 7.31
C11 LPZ M . -60.49 -2.73 11.91
C12 LPZ M . -59.08 -2.40 12.34
C2 LPZ M . -52.88 -3.23 8.41
C3 LPZ M . -53.29 -3.53 9.69
C9 LPZ M . -58.73 -4.73 12.90
O1 LPZ M . -56.80 -2.59 10.72
BR BR N . -61.76 11.16 37.41
BR BR O . -66.59 2.24 36.13
PA FAD P . 21.90 -12.89 -7.23
O1A FAD P . 20.51 -12.48 -7.64
O2A FAD P . 23.07 -12.90 -8.18
O5B FAD P . 21.77 -14.28 -6.42
C5B FAD P . 20.64 -14.53 -5.58
C4B FAD P . 20.41 -16.04 -5.57
O4B FAD P . 19.66 -16.40 -4.41
C3B FAD P . 19.62 -16.59 -6.77
O3B FAD P . 20.43 -17.56 -7.38
C2B FAD P . 18.34 -17.19 -6.16
O2B FAD P . 18.00 -18.37 -6.82
C1B FAD P . 18.76 -17.44 -4.72
N9A FAD P . 17.73 -17.42 -3.69
C8A FAD P . 16.68 -16.55 -3.54
N7A FAD P . 15.94 -16.78 -2.50
C5A FAD P . 16.53 -17.87 -1.90
C6A FAD P . 16.23 -18.61 -0.72
N6A FAD P . 15.19 -18.33 0.06
N1A FAD P . 17.03 -19.64 -0.41
C2A FAD P . 18.06 -19.93 -1.21
N3A FAD P . 18.44 -19.31 -2.31
C4A FAD P . 17.65 -18.29 -2.62
N1 FAD P . 24.34 -6.31 -13.61
C2 FAD P . 25.52 -5.88 -14.16
O2 FAD P . 26.47 -5.51 -13.49
N3 FAD P . 25.61 -5.86 -15.56
C4 FAD P . 24.62 -6.23 -16.43
O4 FAD P . 24.77 -6.21 -17.62
C4X FAD P . 23.36 -6.69 -15.79
N5 FAD P . 22.37 -7.08 -16.54
C5X FAD P . 21.24 -7.50 -15.92
C6 FAD P . 20.16 -7.92 -16.72
C7 FAD P . 18.97 -8.36 -16.18
C7M FAD P . 17.82 -8.80 -17.08
C8 FAD P . 18.85 -8.40 -14.77
C8M FAD P . 17.57 -8.87 -14.11
C9 FAD P . 19.90 -7.98 -13.97
C9A FAD P . 21.12 -7.54 -14.52
N10 FAD P . 22.18 -7.12 -13.74
C10 FAD P . 23.33 -6.68 -14.35
C1' FAD P . 22.10 -7.12 -12.28
C2' FAD P . 22.78 -8.33 -11.63
O2' FAD P . 22.23 -9.48 -12.20
C3' FAD P . 22.57 -8.31 -10.10
O3' FAD P . 22.97 -7.04 -9.59
C4' FAD P . 23.35 -9.45 -9.40
O4' FAD P . 23.07 -10.68 -10.02
C5' FAD P . 23.02 -9.48 -7.91
O5' FAD P . 23.89 -10.39 -7.26
P FAD P . 23.48 -10.87 -5.75
O1P FAD P . 24.60 -11.69 -5.22
O2P FAD P . 22.80 -9.74 -5.07
O3P FAD P . 22.24 -11.88 -6.01
N1 IMD Q . 22.32 -7.27 -50.03
C2 IMD Q . 23.17 -7.02 -51.03
N3 IMD Q . 24.24 -6.48 -50.50
C4 IMD Q . 24.10 -6.38 -49.14
C5 IMD Q . 22.88 -6.87 -48.84
C1 PEG R . 3.32 -13.78 -13.20
O1 PEG R . 2.28 -14.66 -13.59
C2 PEG R . 4.68 -14.28 -13.64
O2 PEG R . 5.53 -13.18 -13.90
C3 PEG R . 5.67 -12.33 -12.79
C4 PEG R . 6.82 -12.76 -11.92
O4 PEG R . 7.93 -11.95 -12.19
C1 PEG S . 23.37 25.79 -5.92
O1 PEG S . 22.40 25.47 -6.91
C2 PEG S . 24.74 25.33 -6.36
O2 PEG S . 25.73 26.23 -5.93
C3 PEG S . 26.12 26.05 -4.60
C4 PEG S . 26.89 24.77 -4.45
O4 PEG S . 27.96 24.97 -3.56
N1 IMD T . 42.32 21.82 -20.18
C2 IMD T . 43.14 22.74 -19.69
N3 IMD T . 44.37 22.38 -20.01
C4 IMD T . 44.34 21.20 -20.72
C5 IMD T . 43.04 20.85 -20.82
PA FAD U . 52.84 13.45 -42.94
O1A FAD U . 53.47 12.32 -43.69
O2A FAD U . 51.50 13.31 -42.29
O5B FAD U . 52.82 14.74 -43.94
C5B FAD U . 53.94 15.08 -44.76
C4B FAD U . 53.43 15.77 -46.02
O4B FAD U . 54.53 16.41 -46.67
C3B FAD U . 52.81 14.86 -47.10
O3B FAD U . 51.50 15.34 -47.31
C2B FAD U . 53.71 15.02 -48.33
O2B FAD U . 53.00 14.98 -49.53
C1B FAD U . 54.34 16.38 -48.07
N9A FAD U . 55.65 16.63 -48.58
C8A FAD U . 56.72 15.77 -48.59
N7A FAD U . 57.80 16.33 -49.09
C5A FAD U . 57.43 17.63 -49.42
C6A FAD U . 58.11 18.74 -49.99
N6A FAD U . 59.39 18.70 -50.35
N1A FAD U . 57.43 19.87 -50.19
C2A FAD U . 56.15 19.91 -49.85
N3A FAD U . 55.41 18.96 -49.30
C4A FAD U . 56.09 17.83 -49.11
N1 FAD U . 49.72 6.43 -37.45
C2 FAD U . 48.84 6.30 -36.42
O2 FAD U . 48.90 6.96 -35.40
N3 FAD U . 47.80 5.38 -36.53
C4 FAD U . 47.56 4.55 -37.58
O4 FAD U . 46.61 3.79 -37.56
C4X FAD U . 48.53 4.72 -38.70
N5 FAD U . 48.40 4.01 -39.76
C5X FAD U . 49.30 4.16 -40.78
C6 FAD U . 49.16 3.38 -41.95
C7 FAD U . 50.02 3.49 -43.02
C7M FAD U . 49.89 2.65 -44.26
C8 FAD U . 51.09 4.43 -42.93
C8M FAD U . 52.04 4.56 -44.09
C9 FAD U . 51.23 5.21 -41.80
C9A FAD U . 50.36 5.11 -40.70
N10 FAD U . 50.48 5.87 -39.55
C10 FAD U . 49.59 5.70 -38.51
C1' FAD U . 51.59 6.84 -39.43
C2' FAD U . 51.18 8.30 -39.69
O2' FAD U . 50.58 8.34 -40.96
C3' FAD U . 52.40 9.23 -39.66
O3' FAD U . 53.08 9.02 -38.41
C4' FAD U . 52.00 10.71 -39.79
O4' FAD U . 51.22 10.91 -40.96
C5' FAD U . 53.27 11.57 -39.77
O5' FAD U . 52.88 12.93 -39.66
P FAD U . 53.89 14.11 -40.19
O1P FAD U . 53.24 15.41 -39.87
O2P FAD U . 55.26 13.68 -39.83
O3P FAD U . 53.91 13.91 -41.81
N1 IMD V . 38.38 -20.56 -40.96
C2 IMD V . 38.51 -19.33 -40.49
N3 IMD V . 38.09 -19.33 -39.24
C4 IMD V . 37.67 -20.59 -38.89
C5 IMD V . 37.85 -21.37 -40.00
C1 PEG W . 58.28 3.63 -54.02
O1 PEG W . 57.44 3.33 -52.93
C2 PEG W . 58.55 2.37 -54.77
O2 PEG W . 57.34 1.80 -55.23
C3 PEG W . 57.03 2.11 -56.57
C4 PEG W . 57.92 1.40 -57.55
O4 PEG W . 58.62 0.32 -56.97
BR BR X . 43.37 21.35 -38.17
BR BR Y . 61.46 -8.34 -43.36
#